data_1CI6
# 
_entry.id   1CI6 
# 
_audit_conform.dict_name       mmcif_pdbx.dic 
_audit_conform.dict_version    5.375 
_audit_conform.dict_location   http://mmcif.pdb.org/dictionaries/ascii/mmcif_pdbx.dic 
# 
loop_
_database_2.database_id 
_database_2.database_code 
_database_2.pdbx_database_accession 
_database_2.pdbx_DOI 
PDB   1CI6         pdb_00001ci6 10.2210/pdb1ci6/pdb 
RCSB  RCSB000808   ?            ?                   
WWPDB D_1000000808 ?            ?                   
# 
_pdbx_database_status.status_code                     REL 
_pdbx_database_status.entry_id                        1CI6 
_pdbx_database_status.recvd_initial_deposition_date   1999-04-07 
_pdbx_database_status.deposit_site                    BNL 
_pdbx_database_status.process_site                    RCSB 
_pdbx_database_status.SG_entry                        . 
_pdbx_database_status.pdb_format_compatible           Y 
_pdbx_database_status.status_code_mr                  ? 
_pdbx_database_status.status_code_sf                  ? 
_pdbx_database_status.status_code_cs                  ? 
_pdbx_database_status.status_code_nmr_data            ? 
_pdbx_database_status.methods_development_category    ? 
# 
loop_
_audit_author.name 
_audit_author.pdbx_ordinal 
'Podust, L.M.' 1 
'Kim, Y.'      2 
# 
_citation.id                        primary 
_citation.title                     
;Crystal structure of the CCAAT box/enhancer-binding protein beta activating transcription factor-4 basic leucine zipper heterodimer in the absence of DNA
;
_citation.journal_abbrev            J.Biol.Chem. 
_citation.journal_volume            276 
_citation.page_first                505 
_citation.page_last                 513 
_citation.year                      2001 
_citation.journal_id_ASTM           JBCHA3 
_citation.country                   US 
_citation.journal_id_ISSN           0021-9258 
_citation.journal_id_CSD            0071 
_citation.book_publisher            ? 
_citation.pdbx_database_id_PubMed   11018027 
_citation.pdbx_database_id_DOI      10.1074/jbc.M005594200 
# 
loop_
_citation_author.citation_id 
_citation_author.name 
_citation_author.ordinal 
_citation_author.identifier_ORCID 
primary 'Podust, L.M.' 1 ? 
primary 'Krezel, A.M.' 2 ? 
primary 'Kim, Y.'      3 ? 
# 
_cell.entry_id           1CI6 
_cell.length_a           72.628 
_cell.length_b           81.152 
_cell.length_c           35.317 
_cell.angle_alpha        90.00 
_cell.angle_beta         90.00 
_cell.angle_gamma        90.00 
_cell.Z_PDB              4 
_cell.pdbx_unique_axis   ? 
# 
_symmetry.entry_id                         1CI6 
_symmetry.space_group_name_H-M             'P 2 2 21' 
_symmetry.pdbx_full_space_group_name_H-M   ? 
_symmetry.cell_setting                     orthorhombic 
_symmetry.Int_Tables_number                17 
_symmetry.space_group_name_Hall            ? 
# 
loop_
_entity.id 
_entity.type 
_entity.src_method 
_entity.pdbx_description 
_entity.formula_weight 
_entity.pdbx_number_of_molecules 
_entity.pdbx_ec 
_entity.pdbx_mutation 
_entity.pdbx_fragment 
_entity.details 
1 polymer     man 'TRANSCRIPTION FACTOR ATF-4'      7471.692 1  ? ? ? ? 
2 polymer     man 'TRANSCRIPTION FACTOR C/EBP BETA' 7746.054 1  ? ? ? ? 
3 non-polymer syn 'FE (III) ION'                    55.845   3  ? ? ? ? 
4 non-polymer syn BETA-MERCAPTOETHANOL              78.133   1  ? ? ? ? 
5 water       nat water                             18.015   86 ? ? ? ? 
# 
loop_
_entity_poly.entity_id 
_entity_poly.type 
_entity_poly.nstd_linkage 
_entity_poly.nstd_monomer 
_entity_poly.pdbx_seq_one_letter_code 
_entity_poly.pdbx_seq_one_letter_code_can 
_entity_poly.pdbx_strand_id 
_entity_poly.pdbx_target_identifier 
1 'polypeptide(L)' no no MKKLKKMEQNKTAATRYRQKKRAEQEALTGECKELEKKNEALKERADSLAKEIQYLKDLIEEV 
MKKLKKMEQNKTAATRYRQKKRAEQEALTGECKELEKKNEALKERADSLAKEIQYLKDLIEEV A ? 
2 'polypeptide(L)' no no MEYKMRRERNNIAVRKSRDKAKMRNLETQHKVLELTAENERLQKKVEQLSRELSTLRNLFKQL 
MEYKMRRERNNIAVRKSRDKAKMRNLETQHKVLELTAENERLQKKVEQLSRELSTLRNLFKQL B ? 
# 
loop_
_entity_poly_seq.entity_id 
_entity_poly_seq.num 
_entity_poly_seq.mon_id 
_entity_poly_seq.hetero 
1 1  MET n 
1 2  LYS n 
1 3  LYS n 
1 4  LEU n 
1 5  LYS n 
1 6  LYS n 
1 7  MET n 
1 8  GLU n 
1 9  GLN n 
1 10 ASN n 
1 11 LYS n 
1 12 THR n 
1 13 ALA n 
1 14 ALA n 
1 15 THR n 
1 16 ARG n 
1 17 TYR n 
1 18 ARG n 
1 19 GLN n 
1 20 LYS n 
1 21 LYS n 
1 22 ARG n 
1 23 ALA n 
1 24 GLU n 
1 25 GLN n 
1 26 GLU n 
1 27 ALA n 
1 28 LEU n 
1 29 THR n 
1 30 GLY n 
1 31 GLU n 
1 32 CYS n 
1 33 LYS n 
1 34 GLU n 
1 35 LEU n 
1 36 GLU n 
1 37 LYS n 
1 38 LYS n 
1 39 ASN n 
1 40 GLU n 
1 41 ALA n 
1 42 LEU n 
1 43 LYS n 
1 44 GLU n 
1 45 ARG n 
1 46 ALA n 
1 47 ASP n 
1 48 SER n 
1 49 LEU n 
1 50 ALA n 
1 51 LYS n 
1 52 GLU n 
1 53 ILE n 
1 54 GLN n 
1 55 TYR n 
1 56 LEU n 
1 57 LYS n 
1 58 ASP n 
1 59 LEU n 
1 60 ILE n 
1 61 GLU n 
1 62 GLU n 
1 63 VAL n 
2 1  MET n 
2 2  GLU n 
2 3  TYR n 
2 4  LYS n 
2 5  MET n 
2 6  ARG n 
2 7  ARG n 
2 8  GLU n 
2 9  ARG n 
2 10 ASN n 
2 11 ASN n 
2 12 ILE n 
2 13 ALA n 
2 14 VAL n 
2 15 ARG n 
2 16 LYS n 
2 17 SER n 
2 18 ARG n 
2 19 ASP n 
2 20 LYS n 
2 21 ALA n 
2 22 LYS n 
2 23 MET n 
2 24 ARG n 
2 25 ASN n 
2 26 LEU n 
2 27 GLU n 
2 28 THR n 
2 29 GLN n 
2 30 HIS n 
2 31 LYS n 
2 32 VAL n 
2 33 LEU n 
2 34 GLU n 
2 35 LEU n 
2 36 THR n 
2 37 ALA n 
2 38 GLU n 
2 39 ASN n 
2 40 GLU n 
2 41 ARG n 
2 42 LEU n 
2 43 GLN n 
2 44 LYS n 
2 45 LYS n 
2 46 VAL n 
2 47 GLU n 
2 48 GLN n 
2 49 LEU n 
2 50 SER n 
2 51 ARG n 
2 52 GLU n 
2 53 LEU n 
2 54 SER n 
2 55 THR n 
2 56 LEU n 
2 57 ARG n 
2 58 ASN n 
2 59 LEU n 
2 60 PHE n 
2 61 LYS n 
2 62 GLN n 
2 63 LEU n 
# 
loop_
_entity_src_gen.entity_id 
_entity_src_gen.pdbx_src_id 
_entity_src_gen.pdbx_alt_source_flag 
_entity_src_gen.pdbx_seq_type 
_entity_src_gen.pdbx_beg_seq_num 
_entity_src_gen.pdbx_end_seq_num 
_entity_src_gen.gene_src_common_name 
_entity_src_gen.gene_src_genus 
_entity_src_gen.pdbx_gene_src_gene 
_entity_src_gen.gene_src_species 
_entity_src_gen.gene_src_strain 
_entity_src_gen.gene_src_tissue 
_entity_src_gen.gene_src_tissue_fraction 
_entity_src_gen.gene_src_details 
_entity_src_gen.pdbx_gene_src_fragment 
_entity_src_gen.pdbx_gene_src_scientific_name 
_entity_src_gen.pdbx_gene_src_ncbi_taxonomy_id 
_entity_src_gen.pdbx_gene_src_variant 
_entity_src_gen.pdbx_gene_src_cell_line 
_entity_src_gen.pdbx_gene_src_atcc 
_entity_src_gen.pdbx_gene_src_organ 
_entity_src_gen.pdbx_gene_src_organelle 
_entity_src_gen.pdbx_gene_src_cell 
_entity_src_gen.pdbx_gene_src_cellular_location 
_entity_src_gen.host_org_common_name 
_entity_src_gen.pdbx_host_org_scientific_name 
_entity_src_gen.pdbx_host_org_ncbi_taxonomy_id 
_entity_src_gen.host_org_genus 
_entity_src_gen.pdbx_host_org_gene 
_entity_src_gen.pdbx_host_org_organ 
_entity_src_gen.host_org_species 
_entity_src_gen.pdbx_host_org_tissue 
_entity_src_gen.pdbx_host_org_tissue_fraction 
_entity_src_gen.pdbx_host_org_strain 
_entity_src_gen.pdbx_host_org_variant 
_entity_src_gen.pdbx_host_org_cell_line 
_entity_src_gen.pdbx_host_org_atcc 
_entity_src_gen.pdbx_host_org_culture_collection 
_entity_src_gen.pdbx_host_org_cell 
_entity_src_gen.pdbx_host_org_organelle 
_entity_src_gen.pdbx_host_org_cellular_location 
_entity_src_gen.pdbx_host_org_vector_type 
_entity_src_gen.pdbx_host_org_vector 
_entity_src_gen.host_org_details 
_entity_src_gen.expression_system_id 
_entity_src_gen.plasmid_name 
_entity_src_gen.plasmid_details 
_entity_src_gen.pdbx_description 
1 1 sample ? ? ? human         Homo ? ? ? ? ? ? ? 'Homo sapiens' 9606  ? ? ? ? ? ? ? ? 'Escherichia coli BL21(DE3)' 469008 
Escherichia ? ? 'Escherichia coli' ? ? BL21 DE3 ? ? ? ? ? ? PLASMID ? ? ? PET11A ? ? 
2 1 sample ? ? ? 'house mouse' Mus  ? ? ? ? ? ? ? 'Mus musculus' 10090 ? ? ? ? ? ? ? ? 'Escherichia coli BL21(DE3)' 469008 
Escherichia ? ? 'Escherichia coli' ? ? BL21 DE3 ? ? ? ? ? ? PLASMID ? ? ? PET11A ? ? 
# 
loop_
_struct_ref.id 
_struct_ref.db_name 
_struct_ref.db_code 
_struct_ref.entity_id 
_struct_ref.pdbx_db_accession 
_struct_ref.pdbx_align_begin 
_struct_ref.pdbx_seq_one_letter_code 
_struct_ref.pdbx_db_isoform 
1 UNP ATF4_HUMAN  1 P18848 ? ? ? 
2 UNP CEBPB_MOUSE 2 P28033 ? ? ? 
# 
loop_
_struct_ref_seq.align_id 
_struct_ref_seq.ref_id 
_struct_ref_seq.pdbx_PDB_id_code 
_struct_ref_seq.pdbx_strand_id 
_struct_ref_seq.seq_align_beg 
_struct_ref_seq.pdbx_seq_align_beg_ins_code 
_struct_ref_seq.seq_align_end 
_struct_ref_seq.pdbx_seq_align_end_ins_code 
_struct_ref_seq.pdbx_db_accession 
_struct_ref_seq.db_align_beg 
_struct_ref_seq.pdbx_db_align_beg_ins_code 
_struct_ref_seq.db_align_end 
_struct_ref_seq.pdbx_db_align_end_ins_code 
_struct_ref_seq.pdbx_auth_seq_align_beg 
_struct_ref_seq.pdbx_auth_seq_align_end 
1 1 1CI6 A 2 ? 63 ? P18848 280 ? 341 ? 280 341 
2 2 1CI6 B 1 ? 63 ? P28033 223 ? 285 ? 223 285 
# 
_struct_ref_seq_dif.align_id                     1 
_struct_ref_seq_dif.pdbx_pdb_id_code             1CI6 
_struct_ref_seq_dif.mon_id                       MET 
_struct_ref_seq_dif.pdbx_pdb_strand_id           A 
_struct_ref_seq_dif.seq_num                      1 
_struct_ref_seq_dif.pdbx_pdb_ins_code            ? 
_struct_ref_seq_dif.pdbx_seq_db_name             UNP 
_struct_ref_seq_dif.pdbx_seq_db_accession_code   P18848 
_struct_ref_seq_dif.db_mon_id                    ? 
_struct_ref_seq_dif.pdbx_seq_db_seq_num          ? 
_struct_ref_seq_dif.details                      'initiating methionine' 
_struct_ref_seq_dif.pdbx_auth_seq_num            279 
_struct_ref_seq_dif.pdbx_ordinal                 1 
# 
loop_
_chem_comp.id 
_chem_comp.type 
_chem_comp.mon_nstd_flag 
_chem_comp.name 
_chem_comp.pdbx_synonyms 
_chem_comp.formula 
_chem_comp.formula_weight 
ALA 'L-peptide linking' y ALANINE              ? 'C3 H7 N O2'     89.093  
ARG 'L-peptide linking' y ARGININE             ? 'C6 H15 N4 O2 1' 175.209 
ASN 'L-peptide linking' y ASPARAGINE           ? 'C4 H8 N2 O3'    132.118 
ASP 'L-peptide linking' y 'ASPARTIC ACID'      ? 'C4 H7 N O4'     133.103 
BME non-polymer         . BETA-MERCAPTOETHANOL ? 'C2 H6 O S'      78.133  
CYS 'L-peptide linking' y CYSTEINE             ? 'C3 H7 N O2 S'   121.158 
FE  non-polymer         . 'FE (III) ION'       ? 'Fe 3'           55.845  
GLN 'L-peptide linking' y GLUTAMINE            ? 'C5 H10 N2 O3'   146.144 
GLU 'L-peptide linking' y 'GLUTAMIC ACID'      ? 'C5 H9 N O4'     147.129 
GLY 'peptide linking'   y GLYCINE              ? 'C2 H5 N O2'     75.067  
HIS 'L-peptide linking' y HISTIDINE            ? 'C6 H10 N3 O2 1' 156.162 
HOH non-polymer         . WATER                ? 'H2 O'           18.015  
ILE 'L-peptide linking' y ISOLEUCINE           ? 'C6 H13 N O2'    131.173 
LEU 'L-peptide linking' y LEUCINE              ? 'C6 H13 N O2'    131.173 
LYS 'L-peptide linking' y LYSINE               ? 'C6 H15 N2 O2 1' 147.195 
MET 'L-peptide linking' y METHIONINE           ? 'C5 H11 N O2 S'  149.211 
PHE 'L-peptide linking' y PHENYLALANINE        ? 'C9 H11 N O2'    165.189 
SER 'L-peptide linking' y SERINE               ? 'C3 H7 N O3'     105.093 
THR 'L-peptide linking' y THREONINE            ? 'C4 H9 N O3'     119.119 
TYR 'L-peptide linking' y TYROSINE             ? 'C9 H11 N O3'    181.189 
VAL 'L-peptide linking' y VALINE               ? 'C5 H11 N O2'    117.146 
# 
_exptl.entry_id          1CI6 
_exptl.method            'X-RAY DIFFRACTION' 
_exptl.crystals_number   1 
# 
_exptl_crystal.id                    1 
_exptl_crystal.density_meas          ? 
_exptl_crystal.density_Matthews      3.5 
_exptl_crystal.density_percent_sol   64.5 
_exptl_crystal.description           ? 
_exptl_crystal.F_000                 ? 
_exptl_crystal.preparation           ? 
# 
_exptl_crystal_grow.crystal_id      1 
_exptl_crystal_grow.method          'VAPOR DIFFUSION, HANGING DROP' 
_exptl_crystal_grow.temp            288 
_exptl_crystal_grow.temp_details    ? 
_exptl_crystal_grow.pH              6.5 
_exptl_crystal_grow.pdbx_details    
'2.0 M (NH4)2SO4, 100 MM SODIUM CACODYLATE, PH 6.5, 10.0 % DIOXANE AT 15 DEGREES C, VAPOR DIFFUSION, HANGING DROP, temperature 288K' 
_exptl_crystal_grow.pdbx_pH_range   . 
# 
_diffrn.id                     1 
_diffrn.ambient_temp           120.0 
_diffrn.ambient_temp_details   ? 
_diffrn.crystal_id             1 
# 
_diffrn_detector.diffrn_id              1 
_diffrn_detector.detector               'IMAGE PLATE' 
_diffrn_detector.type                   RIGAKU 
_diffrn_detector.pdbx_collection_date   1998-05-15 
_diffrn_detector.details                MIRRORS 
# 
_diffrn_radiation.diffrn_id                        1 
_diffrn_radiation.wavelength_id                    1 
_diffrn_radiation.pdbx_monochromatic_or_laue_m_l   M 
_diffrn_radiation.monochromator                    'NI FILTER' 
_diffrn_radiation.pdbx_diffrn_protocol             'SINGLE WAVELENGTH' 
_diffrn_radiation.pdbx_scattering_type             x-ray 
# 
_diffrn_radiation_wavelength.id           1 
_diffrn_radiation_wavelength.wavelength   1.5418 
_diffrn_radiation_wavelength.wt           1.0 
# 
_diffrn_source.diffrn_id                   1 
_diffrn_source.source                      'ROTATING ANODE' 
_diffrn_source.type                        'RIGAKU RU200' 
_diffrn_source.pdbx_synchrotron_site       ? 
_diffrn_source.pdbx_synchrotron_beamline   ? 
_diffrn_source.pdbx_wavelength             1.5418 
_diffrn_source.pdbx_wavelength_list        ? 
# 
_reflns.entry_id                     1CI6 
_reflns.observed_criterion_sigma_I   0.0 
_reflns.observed_criterion_sigma_F   ? 
_reflns.d_resolution_low             20.0 
_reflns.d_resolution_high            2.6 
_reflns.number_obs                   6800 
_reflns.number_all                   ? 
_reflns.percent_possible_obs         99.0 
_reflns.pdbx_Rmerge_I_obs            ? 
_reflns.pdbx_Rsym_value              0.082 
_reflns.pdbx_netI_over_sigmaI        8.3 
_reflns.B_iso_Wilson_estimate        53.8 
_reflns.pdbx_redundancy              4.7 
_reflns.R_free_details               ? 
_reflns.limit_h_max                  ? 
_reflns.limit_h_min                  ? 
_reflns.limit_k_max                  ? 
_reflns.limit_k_min                  ? 
_reflns.limit_l_max                  ? 
_reflns.limit_l_min                  ? 
_reflns.observed_criterion_F_max     ? 
_reflns.observed_criterion_F_min     ? 
_reflns.pdbx_chi_squared             ? 
_reflns.pdbx_scaling_rejects         ? 
_reflns.pdbx_diffrn_id               1 
_reflns.pdbx_ordinal                 1 
# 
_reflns_shell.d_res_high             2.60 
_reflns_shell.d_res_low              2.69 
_reflns_shell.percent_possible_all   99.9 
_reflns_shell.Rmerge_I_obs           ? 
_reflns_shell.pdbx_Rsym_value        0.48 
_reflns_shell.meanI_over_sigI_obs    3.6 
_reflns_shell.pdbx_redundancy        4.6 
_reflns_shell.percent_possible_obs   ? 
_reflns_shell.number_unique_all      ? 
_reflns_shell.number_measured_all    ? 
_reflns_shell.number_measured_obs    ? 
_reflns_shell.number_unique_obs      ? 
_reflns_shell.pdbx_chi_squared       ? 
_reflns_shell.pdbx_diffrn_id         ? 
_reflns_shell.pdbx_ordinal           1 
# 
_refine.entry_id                                 1CI6 
_refine.ls_number_reflns_obs                     5890 
_refine.ls_number_reflns_all                     ? 
_refine.pdbx_ls_sigma_I                          ? 
_refine.pdbx_ls_sigma_F                          2.0 
_refine.pdbx_data_cutoff_high_absF               ? 
_refine.pdbx_data_cutoff_low_absF                ? 
_refine.pdbx_data_cutoff_high_rms_absF           303496.37 
_refine.ls_d_res_low                             8.0 
_refine.ls_d_res_high                            2.6 
_refine.ls_percent_reflns_obs                    89.5 
_refine.ls_R_factor_obs                          ? 
_refine.ls_R_factor_all                          ? 
_refine.ls_R_factor_R_work                       0.217 
_refine.ls_R_factor_R_free                       0.273 
_refine.ls_R_factor_R_free_error                 0.011 
_refine.ls_R_factor_R_free_error_details         ? 
_refine.ls_percent_reflns_R_free                 9.7 
_refine.ls_number_reflns_R_free                  638 
_refine.ls_number_parameters                     ? 
_refine.ls_number_restraints                     ? 
_refine.occupancy_min                            ? 
_refine.occupancy_max                            ? 
_refine.B_iso_mean                               49.2 
_refine.aniso_B[1][1]                            12.4 
_refine.aniso_B[2][2]                            -14.0 
_refine.aniso_B[3][3]                            1.5 
_refine.aniso_B[1][2]                            0.0 
_refine.aniso_B[1][3]                            0.0 
_refine.aniso_B[2][3]                            0.0 
_refine.solvent_model_details                    'FLAT MODEL' 
_refine.solvent_model_param_ksol                 0.48 
_refine.solvent_model_param_bsol                 87.74 
_refine.pdbx_ls_cross_valid_method               THROUGHOUT 
_refine.details                                  'BULK SOLVENT MODEL USED' 
_refine.pdbx_starting_model                      'PDB ENTRY 1FOS' 
_refine.pdbx_method_to_determine_struct          'MOLECULAR REPLACEMENT' 
_refine.pdbx_isotropic_thermal_model             RESTRAINED 
_refine.pdbx_stereochemistry_target_values       ? 
_refine.pdbx_stereochem_target_val_spec_case     ? 
_refine.pdbx_R_Free_selection_details            RANDOM 
_refine.pdbx_overall_ESU_R                       ? 
_refine.pdbx_overall_ESU_R_Free                  ? 
_refine.overall_SU_ML                            ? 
_refine.overall_SU_B                             ? 
_refine.ls_redundancy_reflns_obs                 ? 
_refine.B_iso_min                                ? 
_refine.B_iso_max                                ? 
_refine.correlation_coeff_Fo_to_Fc               ? 
_refine.correlation_coeff_Fo_to_Fc_free          ? 
_refine.pdbx_solvent_vdw_probe_radii             ? 
_refine.pdbx_solvent_ion_probe_radii             ? 
_refine.pdbx_solvent_shrinkage_radii             ? 
_refine.overall_SU_R_Cruickshank_DPI             ? 
_refine.overall_SU_R_free                        ? 
_refine.ls_wR_factor_R_free                      ? 
_refine.ls_wR_factor_R_work                      ? 
_refine.overall_FOM_free_R_set                   ? 
_refine.overall_FOM_work_R_set                   ? 
_refine.pdbx_refine_id                           'X-RAY DIFFRACTION' 
_refine.pdbx_diffrn_id                           1 
_refine.pdbx_TLS_residual_ADP_flag               ? 
_refine.pdbx_overall_phase_error                 ? 
_refine.pdbx_overall_SU_R_free_Cruickshank_DPI   ? 
_refine.pdbx_overall_SU_R_Blow_DPI               ? 
_refine.pdbx_overall_SU_R_free_Blow_DPI          ? 
# 
_refine_analyze.entry_id                        1CI6 
_refine_analyze.Luzzati_coordinate_error_obs    0.34 
_refine_analyze.Luzzati_sigma_a_obs             0.25 
_refine_analyze.Luzzati_d_res_low_obs           8.0 
_refine_analyze.Luzzati_coordinate_error_free   0.45 
_refine_analyze.Luzzati_sigma_a_free            0.37 
_refine_analyze.Luzzati_d_res_low_free          ? 
_refine_analyze.number_disordered_residues      ? 
_refine_analyze.occupancy_sum_hydrogen          ? 
_refine_analyze.occupancy_sum_non_hydrogen      ? 
_refine_analyze.pdbx_Luzzati_d_res_high_obs     ? 
_refine_analyze.pdbx_refine_id                  'X-RAY DIFFRACTION' 
# 
_refine_hist.pdbx_refine_id                   'X-RAY DIFFRACTION' 
_refine_hist.cycle_id                         LAST 
_refine_hist.pdbx_number_atoms_protein        840 
_refine_hist.pdbx_number_atoms_nucleic_acid   0 
_refine_hist.pdbx_number_atoms_ligand         3 
_refine_hist.number_atoms_solvent             90 
_refine_hist.number_atoms_total               933 
_refine_hist.d_res_high                       2.6 
_refine_hist.d_res_low                        8.0 
# 
loop_
_refine_ls_restr.type 
_refine_ls_restr.dev_ideal 
_refine_ls_restr.dev_ideal_target 
_refine_ls_restr.weight 
_refine_ls_restr.number 
_refine_ls_restr.pdbx_refine_id 
_refine_ls_restr.pdbx_restraint_function 
c_bond_d                0.006 ?   ? ? 'X-RAY DIFFRACTION' ? 
c_bond_d_na             ?     ?   ? ? 'X-RAY DIFFRACTION' ? 
c_bond_d_prot           ?     ?   ? ? 'X-RAY DIFFRACTION' ? 
c_angle_d               ?     ?   ? ? 'X-RAY DIFFRACTION' ? 
c_angle_d_na            ?     ?   ? ? 'X-RAY DIFFRACTION' ? 
c_angle_d_prot          ?     ?   ? ? 'X-RAY DIFFRACTION' ? 
c_angle_deg             0.9   ?   ? ? 'X-RAY DIFFRACTION' ? 
c_angle_deg_na          ?     ?   ? ? 'X-RAY DIFFRACTION' ? 
c_angle_deg_prot        ?     ?   ? ? 'X-RAY DIFFRACTION' ? 
c_dihedral_angle_d      14.2  ?   ? ? 'X-RAY DIFFRACTION' ? 
c_dihedral_angle_d_na   ?     ?   ? ? 'X-RAY DIFFRACTION' ? 
c_dihedral_angle_d_prot ?     ?   ? ? 'X-RAY DIFFRACTION' ? 
c_improper_angle_d      0.59  ?   ? ? 'X-RAY DIFFRACTION' ? 
c_improper_angle_d_na   ?     ?   ? ? 'X-RAY DIFFRACTION' ? 
c_improper_angle_d_prot ?     ?   ? ? 'X-RAY DIFFRACTION' ? 
c_mcbond_it             3.86  1.5 ? ? 'X-RAY DIFFRACTION' ? 
c_mcangle_it            5.67  2.0 ? ? 'X-RAY DIFFRACTION' ? 
c_scbond_it             6.72  2.0 ? ? 'X-RAY DIFFRACTION' ? 
c_scangle_it            9.98  2.5 ? ? 'X-RAY DIFFRACTION' ? 
# 
_refine_ls_shell.pdbx_total_number_of_bins_used   12 
_refine_ls_shell.d_res_high                       2.6 
_refine_ls_shell.d_res_low                        2.67 
_refine_ls_shell.number_reflns_R_work             350 
_refine_ls_shell.R_factor_R_work                  0.294 
_refine_ls_shell.percent_reflns_obs               73.0 
_refine_ls_shell.R_factor_R_free                  0.363 
_refine_ls_shell.R_factor_R_free_error            0.060 
_refine_ls_shell.percent_reflns_R_free            9.6 
_refine_ls_shell.number_reflns_R_free             37 
_refine_ls_shell.redundancy_reflns_obs            ? 
_refine_ls_shell.number_reflns_all                ? 
_refine_ls_shell.number_reflns_obs                ? 
_refine_ls_shell.pdbx_refine_id                   'X-RAY DIFFRACTION' 
_refine_ls_shell.R_factor_all                     ? 
# 
loop_
_pdbx_xplor_file.serial_no 
_pdbx_xplor_file.param_file 
_pdbx_xplor_file.topol_file 
_pdbx_xplor_file.pdbx_refine_id 
1 PROTEIN_REP.PA PROTEIN.TOP 'X-RAY DIFFRACTION' 
2 WATER_REP.PARA WATER.TOP   'X-RAY DIFFRACTION' 
3 ION.PARAM      ION.TOP     'X-RAY DIFFRACTION' 
4 SEO.PAR        SEO.TOP     'X-RAY DIFFRACTION' 
# 
_struct.entry_id                  1CI6 
_struct.title                     'TRANSCRIPTION FACTOR ATF4-C/EBP BETA BZIP HETERODIMER' 
_struct.pdbx_model_details        ? 
_struct.pdbx_CASP_flag            ? 
_struct.pdbx_model_type_details   ? 
# 
_struct_keywords.entry_id        1CI6 
_struct_keywords.pdbx_keywords   TRANSCRIPTION 
_struct_keywords.text            'TRANSCRIPTION FACTOR, BZIP, TRANSCRIPTION' 
# 
loop_
_struct_asym.id 
_struct_asym.pdbx_blank_PDB_chainid_flag 
_struct_asym.pdbx_modified 
_struct_asym.entity_id 
_struct_asym.details 
A N N 1 ? 
B N N 2 ? 
C N N 3 ? 
D N N 4 ? 
E N N 3 ? 
F N N 3 ? 
G N N 5 ? 
H N N 5 ? 
# 
_struct_biol.id                    1 
_struct_biol.pdbx_parent_biol_id   ? 
_struct_biol.details               ? 
# 
_struct_conf.conf_type_id            HELX_P 
_struct_conf.id                      HELX_P1 
_struct_conf.pdbx_PDB_helix_id       H2 
_struct_conf.beg_label_comp_id       SER 
_struct_conf.beg_label_asym_id       B 
_struct_conf.beg_label_seq_id        17 
_struct_conf.pdbx_beg_PDB_ins_code   ? 
_struct_conf.end_label_comp_id       LEU 
_struct_conf.end_label_asym_id       B 
_struct_conf.end_label_seq_id        63 
_struct_conf.pdbx_end_PDB_ins_code   ? 
_struct_conf.beg_auth_comp_id        SER 
_struct_conf.beg_auth_asym_id        B 
_struct_conf.beg_auth_seq_id         239 
_struct_conf.end_auth_comp_id        LEU 
_struct_conf.end_auth_asym_id        B 
_struct_conf.end_auth_seq_id         285 
_struct_conf.pdbx_PDB_helix_class    1 
_struct_conf.details                 ? 
_struct_conf.pdbx_PDB_helix_length   47 
# 
_struct_conf_type.id          HELX_P 
_struct_conf_type.criteria    ? 
_struct_conf_type.reference   ? 
# 
_struct_conn.id                            covale1 
_struct_conn.conn_type_id                  covale 
_struct_conn.pdbx_leaving_atom_flag        none 
_struct_conn.pdbx_PDB_id                   ? 
_struct_conn.ptnr1_label_asym_id           A 
_struct_conn.ptnr1_label_comp_id           CYS 
_struct_conn.ptnr1_label_seq_id            32 
_struct_conn.ptnr1_label_atom_id           SG 
_struct_conn.pdbx_ptnr1_label_alt_id       ? 
_struct_conn.pdbx_ptnr1_PDB_ins_code       ? 
_struct_conn.pdbx_ptnr1_standard_comp_id   ? 
_struct_conn.ptnr1_symmetry                1_555 
_struct_conn.ptnr2_label_asym_id           D 
_struct_conn.ptnr2_label_comp_id           BME 
_struct_conn.ptnr2_label_seq_id            . 
_struct_conn.ptnr2_label_atom_id           S2 
_struct_conn.pdbx_ptnr2_label_alt_id       ? 
_struct_conn.pdbx_ptnr2_PDB_ins_code       ? 
_struct_conn.ptnr1_auth_asym_id            A 
_struct_conn.ptnr1_auth_comp_id            CYS 
_struct_conn.ptnr1_auth_seq_id             310 
_struct_conn.ptnr2_auth_asym_id            A 
_struct_conn.ptnr2_auth_comp_id            BME 
_struct_conn.ptnr2_auth_seq_id             500 
_struct_conn.ptnr2_symmetry                1_555 
_struct_conn.pdbx_ptnr3_label_atom_id      ? 
_struct_conn.pdbx_ptnr3_label_seq_id       ? 
_struct_conn.pdbx_ptnr3_label_comp_id      ? 
_struct_conn.pdbx_ptnr3_label_asym_id      ? 
_struct_conn.pdbx_ptnr3_label_alt_id       ? 
_struct_conn.pdbx_ptnr3_PDB_ins_code       ? 
_struct_conn.details                       ? 
_struct_conn.pdbx_dist_value               2.025 
_struct_conn.pdbx_value_order              ? 
_struct_conn.pdbx_role                     ? 
# 
_struct_conn_type.id          covale 
_struct_conn_type.criteria    ? 
_struct_conn_type.reference   ? 
# 
loop_
_struct_site.id 
_struct_site.pdbx_evidence_code 
_struct_site.pdbx_auth_asym_id 
_struct_site.pdbx_auth_comp_id 
_struct_site.pdbx_auth_seq_id 
_struct_site.pdbx_auth_ins_code 
_struct_site.pdbx_num_residues 
_struct_site.details 
AC1 Software B FE  400 ? 4 'BINDING SITE FOR RESIDUE FE B 400'  
AC2 Software A BME 500 ? 3 'BINDING SITE FOR RESIDUE BME A 500' 
# 
loop_
_struct_site_gen.id 
_struct_site_gen.site_id 
_struct_site_gen.pdbx_num_res 
_struct_site_gen.label_comp_id 
_struct_site_gen.label_asym_id 
_struct_site_gen.label_seq_id 
_struct_site_gen.pdbx_auth_ins_code 
_struct_site_gen.auth_comp_id 
_struct_site_gen.auth_asym_id 
_struct_site_gen.auth_seq_id 
_struct_site_gen.label_atom_id 
_struct_site_gen.label_alt_id 
_struct_site_gen.symmetry 
_struct_site_gen.details 
1 AC1 4 THR B 55 ? THR B 277 . ? 4_546 ? 
2 AC1 4 THR B 55 ? THR B 277 . ? 1_555 ? 
3 AC1 4 ASN B 58 ? ASN B 280 . ? 1_555 ? 
4 AC1 4 ASN B 58 ? ASN B 280 . ? 4_546 ? 
5 AC2 3 CYS A 32 ? CYS A 310 . ? 1_555 ? 
6 AC2 3 LYS A 37 ? LYS A 315 . ? 4_556 ? 
7 AC2 3 LYS B 31 ? LYS B 253 . ? 1_555 ? 
# 
_atom_sites.entry_id                    1CI6 
_atom_sites.fract_transf_matrix[1][1]   0.00223814 
_atom_sites.fract_transf_matrix[1][2]   0.01297214 
_atom_sites.fract_transf_matrix[1][3]   -0.00403729 
_atom_sites.fract_transf_matrix[2][1]   -0.00908313 
_atom_sites.fract_transf_matrix[2][2]   0.00386281 
_atom_sites.fract_transf_matrix[2][3]   0.00737612 
_atom_sites.fract_transf_matrix[3][1]   0.01857152 
_atom_sites.fract_transf_matrix[3][2]   0.00336494 
_atom_sites.fract_transf_matrix[3][3]   0.02110723 
_atom_sites.fract_transf_vector[1]      0.285289 
_atom_sites.fract_transf_vector[2]      -0.147678 
_atom_sites.fract_transf_vector[3]      0.399234 
# 
loop_
_atom_type.symbol 
C  
FE 
N  
O  
S  
# 
loop_
_atom_site.group_PDB 
_atom_site.id 
_atom_site.type_symbol 
_atom_site.label_atom_id 
_atom_site.label_alt_id 
_atom_site.label_comp_id 
_atom_site.label_asym_id 
_atom_site.label_entity_id 
_atom_site.label_seq_id 
_atom_site.pdbx_PDB_ins_code 
_atom_site.Cartn_x 
_atom_site.Cartn_y 
_atom_site.Cartn_z 
_atom_site.occupancy 
_atom_site.B_iso_or_equiv 
_atom_site.pdbx_formal_charge 
_atom_site.auth_seq_id 
_atom_site.auth_comp_id 
_atom_site.auth_asym_id 
_atom_site.auth_atom_id 
_atom_site.pdbx_PDB_model_num 
ATOM   1   N  N   . GLU A 1 8  ? -30.759 -11.770 30.685  1.00 96.85  ? 286 GLU A N   1 
ATOM   2   C  CA  . GLU A 1 8  ? -31.588 -12.620 29.782  1.00 97.01  ? 286 GLU A CA  1 
ATOM   3   C  C   . GLU A 1 8  ? -30.711 -13.435 28.835  1.00 99.55  ? 286 GLU A C   1 
ATOM   4   O  O   . GLU A 1 8  ? -29.482 -13.430 28.940  1.00 98.13  ? 286 GLU A O   1 
ATOM   5   C  CB  . GLU A 1 8  ? -32.556 -11.747 28.979  1.00 93.87  ? 286 GLU A CB  1 
ATOM   6   N  N   . GLN A 1 9  ? -31.356 -14.135 27.908  1.00 100.00 ? 287 GLN A N   1 
ATOM   7   C  CA  . GLN A 1 9  ? -30.649 -14.962 26.941  1.00 99.87  ? 287 GLN A CA  1 
ATOM   8   C  C   . GLN A 1 9  ? -30.723 -14.343 25.549  1.00 97.31  ? 287 GLN A C   1 
ATOM   9   O  O   . GLN A 1 9  ? -30.018 -14.768 24.632  1.00 96.60  ? 287 GLN A O   1 
ATOM   10  C  CB  . GLN A 1 9  ? -31.243 -16.375 26.929  1.00 99.76  ? 287 GLN A CB  1 
ATOM   11  N  N   . ASN A 1 10 ? -31.582 -13.341 25.393  1.00 95.26  ? 288 ASN A N   1 
ATOM   12  C  CA  . ASN A 1 10 ? -31.728 -12.670 24.110  1.00 97.02  ? 288 ASN A CA  1 
ATOM   13  C  C   . ASN A 1 10 ? -30.790 -11.470 24.049  1.00 98.24  ? 288 ASN A C   1 
ATOM   14  O  O   . ASN A 1 10 ? -30.322 -11.095 22.974  1.00 97.74  ? 288 ASN A O   1 
ATOM   15  C  CB  . ASN A 1 10 ? -33.178 -12.219 23.901  1.00 97.13  ? 288 ASN A CB  1 
ATOM   16  C  CG  . ASN A 1 10 ? -33.399 -11.558 22.544  1.00 95.30  ? 288 ASN A CG  1 
ATOM   17  O  OD1 . ASN A 1 10 ? -32.872 -10.480 22.270  1.00 93.14  ? 288 ASN A OD1 1 
ATOM   18  N  ND2 . ASN A 1 10 ? -34.183 -12.209 21.690  1.00 90.59  ? 288 ASN A ND2 1 
ATOM   19  N  N   . LYS A 1 11 ? -30.513 -10.875 25.206  1.00 97.91  ? 289 LYS A N   1 
ATOM   20  C  CA  . LYS A 1 11 ? -29.622 -9.721  25.274  1.00 97.82  ? 289 LYS A CA  1 
ATOM   21  C  C   . LYS A 1 11 ? -28.190 -10.162 25.003  1.00 98.16  ? 289 LYS A C   1 
ATOM   22  O  O   . LYS A 1 11 ? -27.419 -9.446  24.367  1.00 100.00 ? 289 LYS A O   1 
ATOM   23  C  CB  . LYS A 1 11 ? -29.718 -9.059  26.644  1.00 95.22  ? 289 LYS A CB  1 
ATOM   24  N  N   . THR A 1 12 ? -27.842 -11.346 25.495  1.00 96.46  ? 290 THR A N   1 
ATOM   25  C  CA  . THR A 1 12 ? -26.507 -11.896 25.300  1.00 97.53  ? 290 THR A CA  1 
ATOM   26  C  C   . THR A 1 12 ? -26.250 -12.156 23.818  1.00 94.23  ? 290 THR A C   1 
ATOM   27  O  O   . THR A 1 12 ? -25.211 -11.775 23.274  1.00 92.83  ? 290 THR A O   1 
ATOM   28  C  CB  . THR A 1 12 ? -26.344 -13.227 26.060  1.00 100.00 ? 290 THR A CB  1 
ATOM   29  O  OG1 . THR A 1 12 ? -26.464 -12.988 27.467  1.00 100.00 ? 290 THR A OG1 1 
ATOM   30  C  CG2 . THR A 1 12 ? -24.991 -13.856 25.761  1.00 100.00 ? 290 THR A CG2 1 
ATOM   31  N  N   . ALA A 1 13 ? -27.206 -12.814 23.175  1.00 90.33  ? 291 ALA A N   1 
ATOM   32  C  CA  . ALA A 1 13 ? -27.103 -13.137 21.761  1.00 86.32  ? 291 ALA A CA  1 
ATOM   33  C  C   . ALA A 1 13 ? -26.937 -11.867 20.936  1.00 82.45  ? 291 ALA A C   1 
ATOM   34  O  O   . ALA A 1 13 ? -26.272 -11.870 19.900  1.00 82.03  ? 291 ALA A O   1 
ATOM   35  C  CB  . ALA A 1 13 ? -28.346 -13.901 21.317  1.00 84.20  ? 291 ALA A CB  1 
ATOM   36  N  N   . ALA A 1 14 ? -27.545 -10.782 21.403  1.00 77.19  ? 292 ALA A N   1 
ATOM   37  C  CA  . ALA A 1 14 ? -27.463 -9.499  20.716  1.00 73.84  ? 292 ALA A CA  1 
ATOM   38  C  C   . ALA A 1 14 ? -26.082 -8.889  20.928  1.00 72.62  ? 292 ALA A C   1 
ATOM   39  O  O   . ALA A 1 14 ? -25.485 -8.334  20.003  1.00 65.57  ? 292 ALA A O   1 
ATOM   40  C  CB  . ALA A 1 14 ? -28.540 -8.555  21.240  1.00 79.00  ? 292 ALA A CB  1 
ATOM   41  N  N   . THR A 1 15 ? -25.583 -8.999  22.155  1.00 72.50  ? 293 THR A N   1 
ATOM   42  C  CA  . THR A 1 15 ? -24.271 -8.474  22.508  1.00 75.53  ? 293 THR A CA  1 
ATOM   43  C  C   . THR A 1 15 ? -23.183 -9.219  21.748  1.00 74.97  ? 293 THR A C   1 
ATOM   44  O  O   . THR A 1 15 ? -22.435 -8.612  20.978  1.00 76.33  ? 293 THR A O   1 
ATOM   45  C  CB  . THR A 1 15 ? -24.017 -8.596  24.029  1.00 79.75  ? 293 THR A CB  1 
ATOM   46  O  OG1 . THR A 1 15 ? -24.752 -7.573  24.714  1.00 84.43  ? 293 THR A OG1 1 
ATOM   47  C  CG2 . THR A 1 15 ? -22.534 -8.456  24.349  1.00 82.15  ? 293 THR A CG2 1 
ATOM   48  N  N   . ARG A 1 16 ? -23.091 -10.529 21.964  1.00 73.16  ? 294 ARG A N   1 
ATOM   49  C  CA  . ARG A 1 16 ? -22.090 -11.342 21.273  1.00 68.37  ? 294 ARG A CA  1 
ATOM   50  C  C   . ARG A 1 16 ? -22.060 -10.993 19.784  1.00 60.12  ? 294 ARG A C   1 
ATOM   51  O  O   . ARG A 1 16 ? -20.992 -10.886 19.187  1.00 49.44  ? 294 ARG A O   1 
ATOM   52  C  CB  . ARG A 1 16 ? -22.385 -12.836 21.458  1.00 76.11  ? 294 ARG A CB  1 
ATOM   53  C  CG  . ARG A 1 16 ? -21.791 -13.440 22.728  1.00 84.95  ? 294 ARG A CG  1 
ATOM   54  C  CD  . ARG A 1 16 ? -22.014 -14.951 22.787  1.00 89.87  ? 294 ARG A CD  1 
ATOM   55  N  NE  . ARG A 1 16 ? -21.121 -15.615 23.741  1.00 93.83  ? 294 ARG A NE  1 
ATOM   56  C  CZ  . ARG A 1 16 ? -21.204 -15.505 25.065  1.00 91.63  ? 294 ARG A CZ  1 
ATOM   57  N  NH1 . ARG A 1 16 ? -22.148 -14.752 25.613  1.00 92.50  ? 294 ARG A NH1 1 
ATOM   58  N  NH2 . ARG A 1 16 ? -20.334 -16.144 25.841  1.00 83.89  ? 294 ARG A NH2 1 
ATOM   59  N  N   . TYR A 1 17 ? -23.239 -10.815 19.195  1.00 50.91  ? 295 TYR A N   1 
ATOM   60  C  CA  . TYR A 1 17 ? -23.349 -10.453 17.789  1.00 52.39  ? 295 TYR A CA  1 
ATOM   61  C  C   . TYR A 1 17 ? -22.536 -9.187  17.535  1.00 59.82  ? 295 TYR A C   1 
ATOM   62  O  O   . TYR A 1 17 ? -21.591 -9.194  16.739  1.00 59.50  ? 295 TYR A O   1 
ATOM   63  C  CB  . TYR A 1 17 ? -24.805 -10.191 17.427  1.00 53.15  ? 295 TYR A CB  1 
ATOM   64  C  CG  . TYR A 1 17 ? -25.007 -9.705  16.013  1.00 53.31  ? 295 TYR A CG  1 
ATOM   65  C  CD1 . TYR A 1 17 ? -24.788 -10.550 14.927  1.00 51.65  ? 295 TYR A CD1 1 
ATOM   66  C  CD2 . TYR A 1 17 ? -25.429 -8.402  15.761  1.00 55.44  ? 295 TYR A CD2 1 
ATOM   67  C  CE1 . TYR A 1 17 ? -24.989 -10.112 13.619  1.00 57.42  ? 295 TYR A CE1 1 
ATOM   68  C  CE2 . TYR A 1 17 ? -25.634 -7.946  14.457  1.00 59.89  ? 295 TYR A CE2 1 
ATOM   69  C  CZ  . TYR A 1 17 ? -25.413 -8.805  13.386  1.00 65.20  ? 295 TYR A CZ  1 
ATOM   70  O  OH  . TYR A 1 17 ? -25.621 -8.362  12.090  1.00 66.98  ? 295 TYR A OH  1 
ATOM   71  N  N   . ARG A 1 18 ? -22.910 -8.104  18.221  1.00 63.10  ? 296 ARG A N   1 
ATOM   72  C  CA  . ARG A 1 18 ? -22.228 -6.817  18.103  1.00 60.69  ? 296 ARG A CA  1 
ATOM   73  C  C   . ARG A 1 18 ? -20.717 -6.934  18.323  1.00 60.63  ? 296 ARG A C   1 
ATOM   74  O  O   . ARG A 1 18 ? -19.937 -6.458  17.502  1.00 61.76  ? 296 ARG A O   1 
ATOM   75  C  CB  . ARG A 1 18 ? -22.814 -5.809  19.096  1.00 65.26  ? 296 ARG A CB  1 
ATOM   76  C  CG  . ARG A 1 18 ? -24.190 -5.262  18.713  1.00 70.73  ? 296 ARG A CG  1 
ATOM   77  C  CD  . ARG A 1 18 ? -24.649 -4.152  19.682  1.00 77.00  ? 296 ARG A CD  1 
ATOM   78  N  NE  . ARG A 1 18 ? -25.526 -4.626  20.756  1.00 71.05  ? 296 ARG A NE  1 
ATOM   79  C  CZ  . ARG A 1 18 ? -26.826 -4.872  20.608  1.00 70.42  ? 296 ARG A CZ  1 
ATOM   80  N  NH1 . ARG A 1 18 ? -27.413 -4.686  19.432  1.00 66.23  ? 296 ARG A NH1 1 
ATOM   81  N  NH2 . ARG A 1 18 ? -27.541 -5.313  21.635  1.00 68.16  ? 296 ARG A NH2 1 
ATOM   82  N  N   . GLN A 1 19 ? -20.304 -7.559  19.424  1.00 56.50  ? 297 GLN A N   1 
ATOM   83  C  CA  . GLN A 1 19 ? -18.875 -7.730  19.710  1.00 57.85  ? 297 GLN A CA  1 
ATOM   84  C  C   . GLN A 1 19 ? -18.150 -8.385  18.533  1.00 54.70  ? 297 GLN A C   1 
ATOM   85  O  O   . GLN A 1 19 ? -17.014 -8.043  18.213  1.00 48.35  ? 297 GLN A O   1 
ATOM   86  C  CB  . GLN A 1 19 ? -18.660 -8.586  20.957  1.00 57.73  ? 297 GLN A CB  1 
ATOM   87  C  CG  . GLN A 1 19 ? -19.259 -8.022  22.223  1.00 72.44  ? 297 GLN A CG  1 
ATOM   88  C  CD  . GLN A 1 19 ? -18.717 -8.703  23.465  1.00 80.69  ? 297 GLN A CD  1 
ATOM   89  O  OE1 . GLN A 1 19 ? -18.638 -9.931  23.531  1.00 82.47  ? 297 GLN A OE1 1 
ATOM   90  N  NE2 . GLN A 1 19 ? -18.344 -7.907  24.460  1.00 85.07  ? 297 GLN A NE2 1 
ATOM   91  N  N   . LYS A 1 20 ? -18.816 -9.337  17.897  1.00 53.94  ? 298 LYS A N   1 
ATOM   92  C  CA  . LYS A 1 20 ? -18.232 -10.019 16.764  1.00 56.48  ? 298 LYS A CA  1 
ATOM   93  C  C   . LYS A 1 20 ? -18.251 -9.061  15.594  1.00 53.94  ? 298 LYS A C   1 
ATOM   94  O  O   . LYS A 1 20 ? -17.230 -8.829  14.955  1.00 55.69  ? 298 LYS A O   1 
ATOM   95  C  CB  . LYS A 1 20 ? -19.040 -11.274 16.429  1.00 67.72  ? 298 LYS A CB  1 
ATOM   96  C  CG  . LYS A 1 20 ? -18.262 -12.574 16.588  1.00 80.94  ? 298 LYS A CG  1 
ATOM   97  C  CD  . LYS A 1 20 ? -17.651 -13.044 15.272  1.00 90.06  ? 298 LYS A CD  1 
ATOM   98  C  CE  . LYS A 1 20 ? -18.727 -13.549 14.311  1.00 95.07  ? 298 LYS A CE  1 
ATOM   99  N  NZ  . LYS A 1 20 ? -18.157 -14.147 13.066  1.00 97.86  ? 298 LYS A NZ  1 
ATOM   100 N  N   . LYS A 1 21 ? -19.418 -8.486  15.331  1.00 48.00  ? 299 LYS A N   1 
ATOM   101 C  CA  . LYS A 1 21 ? -19.582 -7.555  14.225  1.00 45.93  ? 299 LYS A CA  1 
ATOM   102 C  C   . LYS A 1 21 ? -18.611 -6.377  14.304  1.00 45.46  ? 299 LYS A C   1 
ATOM   103 O  O   . LYS A 1 21 ? -18.196 -5.829  13.279  1.00 46.02  ? 299 LYS A O   1 
ATOM   104 C  CB  . LYS A 1 21 ? -21.017 -7.030  14.194  1.00 41.47  ? 299 LYS A CB  1 
ATOM   105 C  CG  . LYS A 1 21 ? -21.344 -6.249  12.944  1.00 46.90  ? 299 LYS A CG  1 
ATOM   106 C  CD  . LYS A 1 21 ? -21.228 -7.125  11.694  1.00 55.14  ? 299 LYS A CD  1 
ATOM   107 C  CE  . LYS A 1 21 ? -22.280 -8.237  11.675  1.00 56.33  ? 299 LYS A CE  1 
ATOM   108 N  NZ  . LYS A 1 21 ? -22.290 -8.997  10.388  1.00 56.04  ? 299 LYS A NZ  1 
ATOM   109 N  N   . ARG A 1 22 ? -18.251 -6.000  15.526  1.00 44.41  ? 300 ARG A N   1 
ATOM   110 C  CA  . ARG A 1 22 ? -17.342 -4.885  15.760  1.00 44.91  ? 300 ARG A CA  1 
ATOM   111 C  C   . ARG A 1 22 ? -15.904 -5.281  15.411  1.00 45.01  ? 300 ARG A C   1 
ATOM   112 O  O   . ARG A 1 22 ? -15.221 -4.605  14.630  1.00 41.49  ? 300 ARG A O   1 
ATOM   113 C  CB  . ARG A 1 22 ? -17.432 -4.459  17.228  1.00 52.65  ? 300 ARG A CB  1 
ATOM   114 C  CG  . ARG A 1 22 ? -16.719 -3.158  17.577  1.00 64.26  ? 300 ARG A CG  1 
ATOM   115 C  CD  . ARG A 1 22 ? -16.861 -2.866  19.070  1.00 70.62  ? 300 ARG A CD  1 
ATOM   116 N  NE  . ARG A 1 22 ? -18.266 -2.802  19.465  1.00 73.49  ? 300 ARG A NE  1 
ATOM   117 C  CZ  . ARG A 1 22 ? -18.753 -3.271  20.612  1.00 74.90  ? 300 ARG A CZ  1 
ATOM   118 N  NH1 . ARG A 1 22 ? -17.948 -3.848  21.496  1.00 72.90  ? 300 ARG A NH1 1 
ATOM   119 N  NH2 . ARG A 1 22 ? -20.052 -3.167  20.870  1.00 74.51  ? 300 ARG A NH2 1 
ATOM   120 N  N   . ALA A 1 23 ? -15.455 -6.391  15.986  1.00 37.46  ? 301 ALA A N   1 
ATOM   121 C  CA  . ALA A 1 23 ? -14.113 -6.875  15.743  1.00 38.46  ? 301 ALA A CA  1 
ATOM   122 C  C   . ALA A 1 23 ? -13.881 -7.114  14.259  1.00 40.18  ? 301 ALA A C   1 
ATOM   123 O  O   . ALA A 1 23 ? -12.744 -7.097  13.798  1.00 41.75  ? 301 ALA A O   1 
ATOM   124 C  CB  . ALA A 1 23 ? -13.875 -8.147  16.518  1.00 34.42  ? 301 ALA A CB  1 
ATOM   125 N  N   . GLU A 1 24 ? -14.954 -7.336  13.512  1.00 38.83  ? 302 GLU A N   1 
ATOM   126 C  CA  . GLU A 1 24 ? -14.833 -7.572  12.080  1.00 44.05  ? 302 GLU A CA  1 
ATOM   127 C  C   . GLU A 1 24 ? -14.527 -6.299  11.301  1.00 42.75  ? 302 GLU A C   1 
ATOM   128 O  O   . GLU A 1 24 ? -13.689 -6.308  10.397  1.00 42.98  ? 302 GLU A O   1 
ATOM   129 C  CB  . GLU A 1 24 ? -16.108 -8.211  11.545  1.00 53.58  ? 302 GLU A CB  1 
ATOM   130 C  CG  . GLU A 1 24 ? -16.188 -9.695  11.819  1.00 60.72  ? 302 GLU A CG  1 
ATOM   131 C  CD  . GLU A 1 24 ? -17.546 -10.260 11.491  1.00 66.66  ? 302 GLU A CD  1 
ATOM   132 O  OE1 . GLU A 1 24 ? -18.089 -9.915  10.420  1.00 69.96  ? 302 GLU A OE1 1 
ATOM   133 O  OE2 . GLU A 1 24 ? -18.066 -11.055 12.302  1.00 74.86  ? 302 GLU A OE2 1 
ATOM   134 N  N   . GLN A 1 25 ? -15.202 -5.204  11.638  1.00 40.48  ? 303 GLN A N   1 
ATOM   135 C  CA  . GLN A 1 25 ? -14.942 -3.947  10.953  1.00 38.47  ? 303 GLN A CA  1 
ATOM   136 C  C   . GLN A 1 25 ? -13.527 -3.499  11.301  1.00 37.28  ? 303 GLN A C   1 
ATOM   137 O  O   . GLN A 1 25 ? -12.782 -3.048  10.437  1.00 38.14  ? 303 GLN A O   1 
ATOM   138 C  CB  . GLN A 1 25 ? -15.954 -2.875  11.377  1.00 44.71  ? 303 GLN A CB  1 
ATOM   139 C  CG  . GLN A 1 25 ? -15.708 -1.478  10.785  1.00 52.74  ? 303 GLN A CG  1 
ATOM   140 C  CD  . GLN A 1 25 ? -15.712 -1.458  9.258   1.00 59.74  ? 303 GLN A CD  1 
ATOM   141 O  OE1 . GLN A 1 25 ? -16.677 -1.886  8.618   1.00 64.07  ? 303 GLN A OE1 1 
ATOM   142 N  NE2 . GLN A 1 25 ? -14.632 -0.951  8.669   1.00 58.29  ? 303 GLN A NE2 1 
ATOM   143 N  N   . GLU A 1 26 ? -13.154 -3.635  12.569  1.00 32.38  ? 304 GLU A N   1 
ATOM   144 C  CA  . GLU A 1 26 ? -11.826 -3.235  13.004  1.00 34.08  ? 304 GLU A CA  1 
ATOM   145 C  C   . GLU A 1 26 ? -10.741 -3.950  12.202  1.00 37.39  ? 304 GLU A C   1 
ATOM   146 O  O   . GLU A 1 26 ? -9.768  -3.329  11.779  1.00 39.40  ? 304 GLU A O   1 
ATOM   147 C  CB  . GLU A 1 26 ? -11.659 -3.503  14.503  1.00 25.83  ? 304 GLU A CB  1 
ATOM   148 C  CG  . GLU A 1 26 ? -12.547 -2.616  15.350  1.00 33.85  ? 304 GLU A CG  1 
ATOM   149 C  CD  . GLU A 1 26 ? -12.309 -2.748  16.847  1.00 36.45  ? 304 GLU A CD  1 
ATOM   150 O  OE1 . GLU A 1 26 ? -12.893 -1.943  17.598  1.00 38.18  ? 304 GLU A OE1 1 
ATOM   151 O  OE2 . GLU A 1 26 ? -11.556 -3.647  17.281  1.00 39.18  ? 304 GLU A OE2 1 
ATOM   152 N  N   . ALA A 1 27 ? -10.915 -5.249  11.977  1.00 29.18  ? 305 ALA A N   1 
ATOM   153 C  CA  . ALA A 1 27 ? -9.933  -6.020  11.222  1.00 33.89  ? 305 ALA A CA  1 
ATOM   154 C  C   . ALA A 1 27 ? -9.832  -5.518  9.794   1.00 33.35  ? 305 ALA A C   1 
ATOM   155 O  O   . ALA A 1 27 ? -8.739  -5.411  9.250   1.00 33.83  ? 305 ALA A O   1 
ATOM   156 C  CB  . ALA A 1 27 ? -10.301 -7.511  11.218  1.00 23.66  ? 305 ALA A CB  1 
ATOM   157 N  N   . LEU A 1 28 ? -10.984 -5.221  9.200   1.00 28.25  ? 306 LEU A N   1 
ATOM   158 C  CA  . LEU A 1 28 ? -11.067 -4.745  7.831   1.00 25.65  ? 306 LEU A CA  1 
ATOM   159 C  C   . LEU A 1 28 ? -10.461 -3.345  7.731   1.00 32.82  ? 306 LEU A C   1 
ATOM   160 O  O   . LEU A 1 28 ? -9.662  -3.061  6.831   1.00 33.67  ? 306 LEU A O   1 
ATOM   161 C  CB  . LEU A 1 28 ? -12.533 -4.741  7.397   1.00 32.95  ? 306 LEU A CB  1 
ATOM   162 C  CG  . LEU A 1 28 ? -12.897 -4.581  5.918   1.00 45.18  ? 306 LEU A CG  1 
ATOM   163 C  CD1 . LEU A 1 28 ? -12.090 -5.541  5.043   1.00 34.28  ? 306 LEU A CD1 1 
ATOM   164 C  CD2 . LEU A 1 28 ? -14.404 -4.840  5.766   1.00 41.46  ? 306 LEU A CD2 1 
ATOM   165 N  N   . THR A 1 29 ? -10.824 -2.470  8.662   1.00 28.95  ? 307 THR A N   1 
ATOM   166 C  CA  . THR A 1 29 ? -10.284 -1.122  8.652   1.00 30.57  ? 307 THR A CA  1 
ATOM   167 C  C   . THR A 1 29 ? -8.781  -1.229  8.825   1.00 32.26  ? 307 THR A C   1 
ATOM   168 O  O   . THR A 1 29 ? -8.017  -0.561  8.128   1.00 29.83  ? 307 THR A O   1 
ATOM   169 C  CB  . THR A 1 29 ? -10.844 -0.264  9.798   1.00 31.65  ? 307 THR A CB  1 
ATOM   170 O  OG1 . THR A 1 29 ? -12.244 -0.060  9.606   1.00 31.22  ? 307 THR A OG1 1 
ATOM   171 C  CG2 . THR A 1 29 ? -10.174 1.081   9.827   1.00 31.08  ? 307 THR A CG2 1 
ATOM   172 N  N   . GLY A 1 30 ? -8.365  -2.093  9.745   1.00 29.23  ? 308 GLY A N   1 
ATOM   173 C  CA  . GLY A 1 30 ? -6.952  -2.263  10.010  1.00 25.42  ? 308 GLY A CA  1 
ATOM   174 C  C   . GLY A 1 30 ? -6.214  -2.772  8.802   1.00 28.26  ? 308 GLY A C   1 
ATOM   175 O  O   . GLY A 1 30 ? -5.142  -2.278  8.468   1.00 31.62  ? 308 GLY A O   1 
ATOM   176 N  N   . GLU A 1 31 ? -6.779  -3.770  8.140   1.00 27.09  ? 309 GLU A N   1 
ATOM   177 C  CA  . GLU A 1 31 ? -6.143  -4.315  6.957   1.00 27.84  ? 309 GLU A CA  1 
ATOM   178 C  C   . GLU A 1 31 ? -5.969  -3.188  5.946   1.00 33.05  ? 309 GLU A C   1 
ATOM   179 O  O   . GLU A 1 31 ? -4.901  -3.025  5.354   1.00 32.56  ? 309 GLU A O   1 
ATOM   180 C  CB  . GLU A 1 31 ? -7.000  -5.408  6.336   1.00 22.17  ? 309 GLU A CB  1 
ATOM   181 C  CG  . GLU A 1 31 ? -6.452  -5.886  5.018   1.00 27.63  ? 309 GLU A CG  1 
ATOM   182 C  CD  . GLU A 1 31 ? -7.374  -6.853  4.324   1.00 37.95  ? 309 GLU A CD  1 
ATOM   183 O  OE1 . GLU A 1 31 ? -6.942  -7.479  3.335   1.00 44.54  ? 309 GLU A OE1 1 
ATOM   184 O  OE2 . GLU A 1 31 ? -8.538  -6.990  4.763   1.00 47.40  ? 309 GLU A OE2 1 
ATOM   185 N  N   . CYS A 1 32 ? -7.032  -2.412  5.764   1.00 31.06  ? 310 CYS A N   1 
ATOM   186 C  CA  . CYS A 1 32 ? -7.022  -1.309  4.825   1.00 28.48  ? 310 CYS A CA  1 
ATOM   187 C  C   . CYS A 1 32 ? -5.945  -0.293  5.192   1.00 30.28  ? 310 CYS A C   1 
ATOM   188 O  O   . CYS A 1 32 ? -5.161  0.131   4.334   1.00 31.59  ? 310 CYS A O   1 
ATOM   189 C  CB  . CYS A 1 32 ? -8.406  -0.650  4.795   1.00 28.04  ? 310 CYS A CB  1 
ATOM   190 S  SG  . CYS A 1 32 ? -8.646  0.602   3.489   1.00 31.58  ? 310 CYS A SG  1 
ATOM   191 N  N   . LYS A 1 33 ? -5.898  0.096   6.461   1.00 27.71  ? 311 LYS A N   1 
ATOM   192 C  CA  . LYS A 1 33 ? -4.911  1.068   6.901   1.00 33.87  ? 311 LYS A CA  1 
ATOM   193 C  C   . LYS A 1 33 ? -3.479  0.593   6.713   1.00 35.49  ? 311 LYS A C   1 
ATOM   194 O  O   . LYS A 1 33 ? -2.635  1.359   6.269   1.00 41.86  ? 311 LYS A O   1 
ATOM   195 C  CB  . LYS A 1 33 ? -5.134  1.456   8.361   1.00 43.85  ? 311 LYS A CB  1 
ATOM   196 C  CG  . LYS A 1 33 ? -5.841  2.788   8.523   1.00 54.47  ? 311 LYS A CG  1 
ATOM   197 C  CD  . LYS A 1 33 ? -5.126  3.898   7.746   1.00 66.67  ? 311 LYS A CD  1 
ATOM   198 C  CE  . LYS A 1 33 ? -3.699  4.145   8.252   1.00 69.76  ? 311 LYS A CE  1 
ATOM   199 N  NZ  . LYS A 1 33 ? -2.960  5.150   7.416   1.00 71.99  ? 311 LYS A NZ  1 
ATOM   200 N  N   . GLU A 1 34 ? -3.194  -0.660  7.050   1.00 35.08  ? 312 GLU A N   1 
ATOM   201 C  CA  . GLU A 1 34 ? -1.842  -1.179  6.882   1.00 37.56  ? 312 GLU A CA  1 
ATOM   202 C  C   . GLU A 1 34 ? -1.490  -1.223  5.403   1.00 43.31  ? 312 GLU A C   1 
ATOM   203 O  O   . GLU A 1 34 ? -0.361  -0.907  5.020   1.00 45.83  ? 312 GLU A O   1 
ATOM   204 C  CB  . GLU A 1 34 ? -1.713  -2.587  7.464   1.00 35.14  ? 312 GLU A CB  1 
ATOM   205 C  CG  . GLU A 1 34 ? -1.732  -2.655  8.982   1.00 38.91  ? 312 GLU A CG  1 
ATOM   206 C  CD  . GLU A 1 34 ? -0.625  -1.838  9.622   1.00 40.38  ? 312 GLU A CD  1 
ATOM   207 O  OE1 . GLU A 1 34 ? 0.522   -1.879  9.112   1.00 44.87  ? 312 GLU A OE1 1 
ATOM   208 O  OE2 . GLU A 1 34 ? -0.901  -1.165  10.639  1.00 36.72  ? 312 GLU A OE2 1 
ATOM   209 N  N   . LEU A 1 35 ? -2.449  -1.619  4.569   1.00 39.44  ? 313 LEU A N   1 
ATOM   210 C  CA  . LEU A 1 35 ? -2.202  -1.688  3.138   1.00 36.24  ? 313 LEU A CA  1 
ATOM   211 C  C   . LEU A 1 35 ? -1.953  -0.284  2.644   1.00 41.63  ? 313 LEU A C   1 
ATOM   212 O  O   . LEU A 1 35 ? -1.200  -0.071  1.700   1.00 46.12  ? 313 LEU A O   1 
ATOM   213 C  CB  . LEU A 1 35 ? -3.402  -2.273  2.394   1.00 31.32  ? 313 LEU A CB  1 
ATOM   214 C  CG  . LEU A 1 35 ? -3.120  -3.436  1.431   1.00 36.07  ? 313 LEU A CG  1 
ATOM   215 C  CD1 . LEU A 1 35 ? -4.299  -3.593  0.490   1.00 45.13  ? 313 LEU A CD1 1 
ATOM   216 C  CD2 . LEU A 1 35 ? -1.856  -3.182  0.615   1.00 38.28  ? 313 LEU A CD2 1 
ATOM   217 N  N   . GLU A 1 36 ? -2.590  0.681   3.292   1.00 39.52  ? 314 GLU A N   1 
ATOM   218 C  CA  . GLU A 1 36 ? -2.426  2.066   2.903   1.00 41.46  ? 314 GLU A CA  1 
ATOM   219 C  C   . GLU A 1 36 ? -1.031  2.569   3.276   1.00 44.10  ? 314 GLU A C   1 
ATOM   220 O  O   . GLU A 1 36 ? -0.444  3.360   2.535   1.00 47.58  ? 314 GLU A O   1 
ATOM   221 C  CB  . GLU A 1 36 ? -3.511  2.912   3.562   1.00 41.01  ? 314 GLU A CB  1 
ATOM   222 C  CG  . GLU A 1 36 ? -3.661  4.320   3.016   1.00 39.98  ? 314 GLU A CG  1 
ATOM   223 C  CD  . GLU A 1 36 ? -5.010  4.941   3.386   1.00 46.34  ? 314 GLU A CD  1 
ATOM   224 O  OE1 . GLU A 1 36 ? -5.329  5.029   4.598   1.00 36.47  ? 314 GLU A OE1 1 
ATOM   225 O  OE2 . GLU A 1 36 ? -5.755  5.338   2.460   1.00 44.51  ? 314 GLU A OE2 1 
ATOM   226 N  N   . LYS A 1 37 ? -0.492  2.111   4.409   1.00 41.20  ? 315 LYS A N   1 
ATOM   227 C  CA  . LYS A 1 37 ? 0.846   2.526   4.844   1.00 32.56  ? 315 LYS A CA  1 
ATOM   228 C  C   . LYS A 1 37 ? 1.921   1.859   3.990   1.00 35.70  ? 315 LYS A C   1 
ATOM   229 O  O   . LYS A 1 37 ? 2.962   2.452   3.698   1.00 36.32  ? 315 LYS A O   1 
ATOM   230 C  CB  . LYS A 1 37 ? 1.066   2.174   6.312   1.00 37.62  ? 315 LYS A CB  1 
ATOM   231 C  CG  . LYS A 1 37 ? 0.243   3.000   7.277   1.00 48.82  ? 315 LYS A CG  1 
ATOM   232 C  CD  . LYS A 1 37 ? 0.421   2.507   8.706   1.00 57.83  ? 315 LYS A CD  1 
ATOM   233 C  CE  . LYS A 1 37 ? -0.413  3.318   9.699   1.00 70.16  ? 315 LYS A CE  1 
ATOM   234 N  NZ  . LYS A 1 37 ? -0.282  2.846   11.120  1.00 69.33  ? 315 LYS A NZ  1 
ATOM   235 N  N   . LYS A 1 38 ? 1.670   0.619   3.583   1.00 33.75  ? 316 LYS A N   1 
ATOM   236 C  CA  . LYS A 1 38 ? 2.628   -0.090  2.752   1.00 32.15  ? 316 LYS A CA  1 
ATOM   237 C  C   . LYS A 1 38 ? 2.710   0.631   1.430   1.00 31.89  ? 316 LYS A C   1 
ATOM   238 O  O   . LYS A 1 38 ? 3.797   0.848   0.900   1.00 34.93  ? 316 LYS A O   1 
ATOM   239 C  CB  . LYS A 1 38 ? 2.199   -1.542  2.530   1.00 35.08  ? 316 LYS A CB  1 
ATOM   240 C  CG  . LYS A 1 38 ? 2.370   -2.398  3.763   1.00 52.81  ? 316 LYS A CG  1 
ATOM   241 C  CD  . LYS A 1 38 ? 1.787   -3.788  3.588   1.00 59.66  ? 316 LYS A CD  1 
ATOM   242 C  CE  . LYS A 1 38 ? 1.860   -4.562  4.904   1.00 69.11  ? 316 LYS A CE  1 
ATOM   243 N  NZ  . LYS A 1 38 ? 1.164   -5.881  4.844   1.00 76.65  ? 316 LYS A NZ  1 
ATOM   244 N  N   . ASN A 1 39 ? 1.558   1.020   0.906   1.00 31.23  ? 317 ASN A N   1 
ATOM   245 C  CA  . ASN A 1 39 ? 1.528   1.711   -0.361  1.00 38.15  ? 317 ASN A CA  1 
ATOM   246 C  C   . ASN A 1 39 ? 2.282   3.032   -0.326  1.00 44.13  ? 317 ASN A C   1 
ATOM   247 O  O   . ASN A 1 39 ? 2.999   3.367   -1.273  1.00 44.53  ? 317 ASN A O   1 
ATOM   248 C  CB  . ASN A 1 39 ? 0.084   1.917   -0.803  1.00 38.79  ? 317 ASN A CB  1 
ATOM   249 C  CG  . ASN A 1 39 ? -0.404  0.792   -1.709  1.00 51.69  ? 317 ASN A CG  1 
ATOM   250 O  OD1 . ASN A 1 39 ? -0.065  -0.384  -1.515  1.00 41.54  ? 317 ASN A OD1 1 
ATOM   251 N  ND2 . ASN A 1 39 ? -1.206  1.149   -2.707  1.00 56.72  ? 317 ASN A ND2 1 
ATOM   252 N  N   . GLU A 1 40 ? 2.149   3.781   0.767   1.00 45.89  ? 318 GLU A N   1 
ATOM   253 C  CA  . GLU A 1 40 ? 2.846   5.058   0.872   1.00 44.11  ? 318 GLU A CA  1 
ATOM   254 C  C   . GLU A 1 40 ? 4.356   4.803   0.896   1.00 41.08  ? 318 GLU A C   1 
ATOM   255 O  O   . GLU A 1 40 ? 5.137   5.546   0.304   1.00 34.40  ? 318 GLU A O   1 
ATOM   256 C  CB  . GLU A 1 40 ? 2.396   5.810   2.126   1.00 49.88  ? 318 GLU A CB  1 
ATOM   257 C  CG  . GLU A 1 40 ? 2.446   7.327   1.968   1.00 69.81  ? 318 GLU A CG  1 
ATOM   258 C  CD  . GLU A 1 40 ? 1.750   7.823   0.692   1.00 77.13  ? 318 GLU A CD  1 
ATOM   259 O  OE1 . GLU A 1 40 ? 0.559   7.501   0.482   1.00 81.21  ? 318 GLU A OE1 1 
ATOM   260 O  OE2 . GLU A 1 40 ? 2.395   8.542   -0.100  1.00 71.50  ? 318 GLU A OE2 1 
ATOM   261 N  N   . ALA A 1 41 ? 4.762   3.735   1.567   1.00 37.53  ? 319 ALA A N   1 
ATOM   262 C  CA  . ALA A 1 41 ? 6.173   3.402   1.628   1.00 35.29  ? 319 ALA A CA  1 
ATOM   263 C  C   . ALA A 1 41 ? 6.702   3.122   0.221   1.00 38.18  ? 319 ALA A C   1 
ATOM   264 O  O   . ALA A 1 41 ? 7.813   3.517   -0.127  1.00 39.55  ? 319 ALA A O   1 
ATOM   265 C  CB  . ALA A 1 41 ? 6.380   2.198   2.509   1.00 26.89  ? 319 ALA A CB  1 
ATOM   266 N  N   . LEU A 1 42 ? 5.905   2.438   -0.589  1.00 40.08  ? 320 LEU A N   1 
ATOM   267 C  CA  . LEU A 1 42 ? 6.327   2.124   -1.940  1.00 37.99  ? 320 LEU A CA  1 
ATOM   268 C  C   . LEU A 1 42 ? 6.484   3.396   -2.749  1.00 43.35  ? 320 LEU A C   1 
ATOM   269 O  O   . LEU A 1 42 ? 7.458   3.546   -3.497  1.00 40.46  ? 320 LEU A O   1 
ATOM   270 C  CB  . LEU A 1 42 ? 5.320   1.200   -2.611  1.00 39.41  ? 320 LEU A CB  1 
ATOM   271 C  CG  . LEU A 1 42 ? 5.337   -0.237  -2.092  1.00 34.68  ? 320 LEU A CG  1 
ATOM   272 C  CD1 . LEU A 1 42 ? 4.133   -0.996  -2.628  1.00 39.29  ? 320 LEU A CD1 1 
ATOM   273 C  CD2 . LEU A 1 42 ? 6.621   -0.910  -2.516  1.00 33.37  ? 320 LEU A CD2 1 
ATOM   274 N  N   . LYS A 1 43 ? 5.537   4.318   -2.599  1.00 45.92  ? 321 LYS A N   1 
ATOM   275 C  CA  . LYS A 1 43 ? 5.614   5.572   -3.337  1.00 48.59  ? 321 LYS A CA  1 
ATOM   276 C  C   . LYS A 1 43 ? 6.902   6.294   -2.991  1.00 49.09  ? 321 LYS A C   1 
ATOM   277 O  O   . LYS A 1 43 ? 7.473   6.990   -3.832  1.00 49.93  ? 321 LYS A O   1 
ATOM   278 C  CB  . LYS A 1 43 ? 4.402   6.454   -3.043  1.00 45.44  ? 321 LYS A CB  1 
ATOM   279 C  CG  . LYS A 1 43 ? 3.115   5.896   -3.637  1.00 54.18  ? 321 LYS A CG  1 
ATOM   280 C  CD  . LYS A 1 43 ? 1.928   6.821   -3.429  1.00 55.53  ? 321 LYS A CD  1 
ATOM   281 C  CE  . LYS A 1 43 ? 0.663   6.221   -4.023  1.00 56.68  ? 321 LYS A CE  1 
ATOM   282 N  NZ  . LYS A 1 43 ? -0.470  7.193   -4.040  1.00 64.92  ? 321 LYS A NZ  1 
ATOM   283 N  N   . GLU A 1 44 ? 7.373   6.110   -1.760  1.00 45.25  ? 322 GLU A N   1 
ATOM   284 C  CA  . GLU A 1 44 ? 8.616   6.734   -1.333  1.00 45.74  ? 322 GLU A CA  1 
ATOM   285 C  C   . GLU A 1 44 ? 9.800   6.079   -2.033  1.00 38.17  ? 322 GLU A C   1 
ATOM   286 O  O   . GLU A 1 44 ? 10.633  6.775   -2.599  1.00 40.83  ? 322 GLU A O   1 
ATOM   287 C  CB  . GLU A 1 44 ? 8.783   6.640   0.182   1.00 48.04  ? 322 GLU A CB  1 
ATOM   288 C  CG  . GLU A 1 44 ? 7.860   7.560   0.948   1.00 64.73  ? 322 GLU A CG  1 
ATOM   289 C  CD  . GLU A 1 44 ? 8.102   7.515   2.448   1.00 79.38  ? 322 GLU A CD  1 
ATOM   290 O  OE1 . GLU A 1 44 ? 9.234   7.847   2.879   1.00 83.97  ? 322 GLU A OE1 1 
ATOM   291 O  OE2 . GLU A 1 44 ? 7.159   7.151   3.194   1.00 80.51  ? 322 GLU A OE2 1 
ATOM   292 N  N   . ARG A 1 45 ? 9.873   4.749   -1.997  1.00 32.69  ? 323 ARG A N   1 
ATOM   293 C  CA  . ARG A 1 45 ? 10.957  4.039   -2.660  1.00 32.79  ? 323 ARG A CA  1 
ATOM   294 C  C   . ARG A 1 45 ? 11.003  4.463   -4.120  1.00 34.36  ? 323 ARG A C   1 
ATOM   295 O  O   . ARG A 1 45 ? 12.077  4.770   -4.657  1.00 36.32  ? 323 ARG A O   1 
ATOM   296 C  CB  . ARG A 1 45 ? 10.761  2.526   -2.594  1.00 40.96  ? 323 ARG A CB  1 
ATOM   297 C  CG  . ARG A 1 45 ? 11.253  1.884   -1.319  1.00 61.29  ? 323 ARG A CG  1 
ATOM   298 C  CD  . ARG A 1 45 ? 11.720  0.456   -1.580  1.00 71.55  ? 323 ARG A CD  1 
ATOM   299 N  NE  . ARG A 1 45 ? 12.919  0.421   -2.417  1.00 80.48  ? 323 ARG A NE  1 
ATOM   300 C  CZ  . ARG A 1 45 ? 13.495  -0.694  -2.862  1.00 84.64  ? 323 ARG A CZ  1 
ATOM   301 N  NH1 . ARG A 1 45 ? 12.984  -1.880  -2.555  1.00 86.60  ? 323 ARG A NH1 1 
ATOM   302 N  NH2 . ARG A 1 45 ? 14.590  -0.624  -3.612  1.00 80.75  ? 323 ARG A NH2 1 
ATOM   303 N  N   . ALA A 1 46 ? 9.834   4.486   -4.756  1.00 28.62  ? 324 ALA A N   1 
ATOM   304 C  CA  . ALA A 1 46 ? 9.735   4.869   -6.161  1.00 32.66  ? 324 ALA A CA  1 
ATOM   305 C  C   . ALA A 1 46 ? 10.329  6.251   -6.402  1.00 29.30  ? 324 ALA A C   1 
ATOM   306 O  O   . ALA A 1 46 ? 11.236  6.396   -7.202  1.00 32.69  ? 324 ALA A O   1 
ATOM   307 C  CB  . ALA A 1 46 ? 8.271   4.832   -6.625  1.00 34.01  ? 324 ALA A CB  1 
ATOM   308 N  N   . ASP A 1 47 ? 9.823   7.267   -5.716  1.00 37.10  ? 325 ASP A N   1 
ATOM   309 C  CA  . ASP A 1 47 ? 10.346  8.620   -5.897  1.00 45.93  ? 325 ASP A CA  1 
ATOM   310 C  C   . ASP A 1 47 ? 11.851  8.658   -5.664  1.00 44.97  ? 325 ASP A C   1 
ATOM   311 O  O   . ASP A 1 47 ? 12.613  9.112   -6.516  1.00 40.53  ? 325 ASP A O   1 
ATOM   312 C  CB  . ASP A 1 47 ? 9.658   9.596   -4.938  1.00 50.90  ? 325 ASP A CB  1 
ATOM   313 C  CG  . ASP A 1 47 ? 8.236   9.902   -5.346  1.00 65.77  ? 325 ASP A CG  1 
ATOM   314 O  OD1 . ASP A 1 47 ? 7.512   10.543  -4.557  1.00 73.93  ? 325 ASP A OD1 1 
ATOM   315 O  OD2 . ASP A 1 47 ? 7.841   9.507   -6.464  1.00 77.43  ? 325 ASP A OD2 1 
ATOM   316 N  N   . SER A 1 48 ? 12.255  8.173   -4.496  1.00 36.69  ? 326 SER A N   1 
ATOM   317 C  CA  . SER A 1 48 ? 13.648  8.125   -4.095  1.00 37.60  ? 326 SER A CA  1 
ATOM   318 C  C   . SER A 1 48 ? 14.547  7.513   -5.185  1.00 41.63  ? 326 SER A C   1 
ATOM   319 O  O   . SER A 1 48 ? 15.568  8.098   -5.568  1.00 38.84  ? 326 SER A O   1 
ATOM   320 C  CB  . SER A 1 48 ? 13.745  7.325   -2.799  1.00 28.25  ? 326 SER A CB  1 
ATOM   321 O  OG  . SER A 1 48 ? 15.067  7.260   -2.321  1.00 34.65  ? 326 SER A OG  1 
ATOM   322 N  N   . LEU A 1 49 ? 14.156  6.339   -5.681  1.00 38.21  ? 327 LEU A N   1 
ATOM   323 C  CA  . LEU A 1 49 ? 14.905  5.639   -6.722  1.00 31.38  ? 327 LEU A CA  1 
ATOM   324 C  C   . LEU A 1 49 ? 14.989  6.479   -7.989  1.00 33.28  ? 327 LEU A C   1 
ATOM   325 O  O   . LEU A 1 49 ? 16.008  6.501   -8.685  1.00 22.73  ? 327 LEU A O   1 
ATOM   326 C  CB  . LEU A 1 49 ? 14.221  4.312   -7.043  1.00 27.75  ? 327 LEU A CB  1 
ATOM   327 C  CG  . LEU A 1 49 ? 14.520  3.165   -6.085  1.00 30.03  ? 327 LEU A CG  1 
ATOM   328 C  CD1 . LEU A 1 49 ? 13.630  1.948   -6.403  1.00 26.42  ? 327 LEU A CD1 1 
ATOM   329 C  CD2 . LEU A 1 49 ? 15.979  2.808   -6.220  1.00 18.89  ? 327 LEU A CD2 1 
ATOM   330 N  N   . ALA A 1 50 ? 13.892  7.166   -8.283  1.00 30.72  ? 328 ALA A N   1 
ATOM   331 C  CA  . ALA A 1 50 ? 13.812  8.006   -9.455  1.00 28.18  ? 328 ALA A CA  1 
ATOM   332 C  C   . ALA A 1 50 ? 14.753  9.190   -9.300  1.00 34.77  ? 328 ALA A C   1 
ATOM   333 O  O   . ALA A 1 50 ? 15.420  9.594   -10.260 1.00 40.65  ? 328 ALA A O   1 
ATOM   334 C  CB  . ALA A 1 50 ? 12.399  8.475   -9.642  1.00 14.39  ? 328 ALA A CB  1 
ATOM   335 N  N   . LYS A 1 51 ? 14.818  9.756   -8.099  1.00 32.68  ? 329 LYS A N   1 
ATOM   336 C  CA  . LYS A 1 51 ? 15.716  10.883  -7.880  1.00 36.32  ? 329 LYS A CA  1 
ATOM   337 C  C   . LYS A 1 51 ? 17.158  10.392  -8.058  1.00 35.43  ? 329 LYS A C   1 
ATOM   338 O  O   . LYS A 1 51 ? 17.978  11.040  -8.714  1.00 31.84  ? 329 LYS A O   1 
ATOM   339 C  CB  . LYS A 1 51 ? 15.528  11.467  -6.477  1.00 38.46  ? 329 LYS A CB  1 
ATOM   340 C  CG  . LYS A 1 51 ? 14.238  12.246  -6.264  1.00 47.72  ? 329 LYS A CG  1 
ATOM   341 C  CD  . LYS A 1 51 ? 14.234  12.885  -4.875  1.00 57.55  ? 329 LYS A CD  1 
ATOM   342 C  CE  . LYS A 1 51 ? 12.951  13.665  -4.582  1.00 66.07  ? 329 LYS A CE  1 
ATOM   343 N  NZ  . LYS A 1 51 ? 11.753  12.793  -4.374  1.00 66.18  ? 329 LYS A NZ  1 
ATOM   344 N  N   . GLU A 1 52 ? 17.450  9.226   -7.496  1.00 31.06  ? 330 GLU A N   1 
ATOM   345 C  CA  . GLU A 1 52 ? 18.788  8.658   -7.579  1.00 35.93  ? 330 GLU A CA  1 
ATOM   346 C  C   . GLU A 1 52 ? 19.194  8.461   -9.038  1.00 37.30  ? 330 GLU A C   1 
ATOM   347 O  O   . GLU A 1 52 ? 20.280  8.856   -9.457  1.00 40.91  ? 330 GLU A O   1 
ATOM   348 C  CB  . GLU A 1 52 ? 18.820  7.329   -6.835  1.00 34.76  ? 330 GLU A CB  1 
ATOM   349 C  CG  . GLU A 1 52 ? 20.166  6.974   -6.257  1.00 37.66  ? 330 GLU A CG  1 
ATOM   350 C  CD  . GLU A 1 52 ? 20.074  5.813   -5.283  1.00 41.10  ? 330 GLU A CD  1 
ATOM   351 O  OE1 . GLU A 1 52 ? 19.017  5.691   -4.631  1.00 36.46  ? 330 GLU A OE1 1 
ATOM   352 O  OE2 . GLU A 1 52 ? 21.053  5.038   -5.157  1.00 35.44  ? 330 GLU A OE2 1 
ATOM   353 N  N   . ILE A 1 53 ? 18.297  7.851   -9.802  1.00 39.16  ? 331 ILE A N   1 
ATOM   354 C  CA  . ILE A 1 53 ? 18.505  7.586   -11.216 1.00 30.82  ? 331 ILE A CA  1 
ATOM   355 C  C   . ILE A 1 53 ? 18.785  8.857   -11.997 1.00 33.85  ? 331 ILE A C   1 
ATOM   356 O  O   . ILE A 1 53 ? 19.696  8.900   -12.813 1.00 36.35  ? 331 ILE A O   1 
ATOM   357 C  CB  . ILE A 1 53 ? 17.266  6.884   -11.800 1.00 31.88  ? 331 ILE A CB  1 
ATOM   358 C  CG1 . ILE A 1 53 ? 17.259  5.427   -11.334 1.00 33.23  ? 331 ILE A CG1 1 
ATOM   359 C  CG2 . ILE A 1 53 ? 17.224  7.024   -13.316 1.00 23.06  ? 331 ILE A CG2 1 
ATOM   360 C  CD1 . ILE A 1 53 ? 16.001  4.669   -11.692 1.00 38.15  ? 331 ILE A CD1 1 
ATOM   361 N  N   . GLN A 1 54 ? 18.000  9.895   -11.745 1.00 36.18  ? 332 GLN A N   1 
ATOM   362 C  CA  . GLN A 1 54 ? 18.174  11.162  -12.446 1.00 35.00  ? 332 GLN A CA  1 
ATOM   363 C  C   . GLN A 1 54 ? 19.517  11.798  -12.101 1.00 33.35  ? 332 GLN A C   1 
ATOM   364 O  O   . GLN A 1 54 ? 20.156  12.414  -12.952 1.00 27.91  ? 332 GLN A O   1 
ATOM   365 C  CB  . GLN A 1 54 ? 17.036  12.120  -12.087 1.00 39.49  ? 332 GLN A CB  1 
ATOM   366 C  CG  . GLN A 1 54 ? 16.916  13.333  -13.004 1.00 42.71  ? 332 GLN A CG  1 
ATOM   367 C  CD  . GLN A 1 54 ? 16.876  12.956  -14.476 1.00 45.15  ? 332 GLN A CD  1 
ATOM   368 O  OE1 . GLN A 1 54 ? 16.274  11.949  -14.861 1.00 44.45  ? 332 GLN A OE1 1 
ATOM   369 N  NE2 . GLN A 1 54 ? 17.514  13.774  -15.312 1.00 42.57  ? 332 GLN A NE2 1 
ATOM   370 N  N   . TYR A 1 55 ? 19.933  11.635  -10.846 1.00 31.46  ? 333 TYR A N   1 
ATOM   371 C  CA  . TYR A 1 55 ? 21.197  12.183  -10.369 1.00 29.20  ? 333 TYR A CA  1 
ATOM   372 C  C   . TYR A 1 55 ? 22.350  11.579  -11.153 1.00 30.41  ? 333 TYR A C   1 
ATOM   373 O  O   . TYR A 1 55 ? 23.230  12.283  -11.631 1.00 33.94  ? 333 TYR A O   1 
ATOM   374 C  CB  . TYR A 1 55 ? 21.381  11.862  -8.894  1.00 30.40  ? 333 TYR A CB  1 
ATOM   375 C  CG  . TYR A 1 55 ? 22.613  12.474  -8.297  1.00 27.89  ? 333 TYR A CG  1 
ATOM   376 C  CD1 . TYR A 1 55 ? 22.595  13.771  -7.809  1.00 27.09  ? 333 TYR A CD1 1 
ATOM   377 C  CD2 . TYR A 1 55 ? 23.807  11.757  -8.233  1.00 30.61  ? 333 TYR A CD2 1 
ATOM   378 C  CE1 . TYR A 1 55 ? 23.734  14.354  -7.266  1.00 31.32  ? 333 TYR A CE1 1 
ATOM   379 C  CE2 . TYR A 1 55 ? 24.960  12.327  -7.695  1.00 32.56  ? 333 TYR A CE2 1 
ATOM   380 C  CZ  . TYR A 1 55 ? 24.915  13.629  -7.213  1.00 34.19  ? 333 TYR A CZ  1 
ATOM   381 O  OH  . TYR A 1 55 ? 26.050  14.214  -6.696  1.00 29.92  ? 333 TYR A OH  1 
ATOM   382 N  N   . LEU A 1 56 ? 22.347  10.262  -11.278 1.00 30.57  ? 334 LEU A N   1 
ATOM   383 C  CA  . LEU A 1 56 ? 23.391  9.590   -12.020 1.00 29.47  ? 334 LEU A CA  1 
ATOM   384 C  C   . LEU A 1 56 ? 23.346  9.963   -13.496 1.00 27.59  ? 334 LEU A C   1 
ATOM   385 O  O   . LEU A 1 56 ? 24.374  10.230  -14.103 1.00 27.03  ? 334 LEU A O   1 
ATOM   386 C  CB  . LEU A 1 56 ? 23.251  8.085   -11.844 1.00 24.22  ? 334 LEU A CB  1 
ATOM   387 C  CG  . LEU A 1 56 ? 23.583  7.714   -10.405 1.00 33.24  ? 334 LEU A CG  1 
ATOM   388 C  CD1 . LEU A 1 56 ? 23.436  6.218   -10.225 1.00 45.39  ? 334 LEU A CD1 1 
ATOM   389 C  CD2 . LEU A 1 56 ? 25.014  8.153   -10.069 1.00 26.44  ? 334 LEU A CD2 1 
ATOM   390 N  N   . LYS A 1 57 ? 22.156  9.979   -14.076 1.00 31.10  ? 335 LYS A N   1 
ATOM   391 C  CA  . LYS A 1 57 ? 22.051  10.340  -15.479 1.00 37.86  ? 335 LYS A CA  1 
ATOM   392 C  C   . LYS A 1 57 ? 22.697  11.700  -15.674 1.00 35.24  ? 335 LYS A C   1 
ATOM   393 O  O   . LYS A 1 57 ? 23.545  11.875  -16.549 1.00 32.59  ? 335 LYS A O   1 
ATOM   394 C  CB  . LYS A 1 57 ? 20.582  10.361  -15.930 1.00 38.62  ? 335 LYS A CB  1 
ATOM   395 C  CG  . LYS A 1 57 ? 20.092  9.012   -16.422 1.00 41.52  ? 335 LYS A CG  1 
ATOM   396 C  CD  . LYS A 1 57 ? 18.577  8.963   -16.545 1.00 46.33  ? 335 LYS A CD  1 
ATOM   397 C  CE  . LYS A 1 57 ? 18.097  7.597   -17.047 1.00 46.39  ? 335 LYS A CE  1 
ATOM   398 N  NZ  . LYS A 1 57 ? 16.605  7.479   -16.993 1.00 44.70  ? 335 LYS A NZ  1 
ATOM   399 N  N   . ASP A 1 58 ? 22.307  12.658  -14.840 1.00 35.09  ? 336 ASP A N   1 
ATOM   400 C  CA  . ASP A 1 58 ? 22.857  13.998  -14.921 1.00 34.97  ? 336 ASP A CA  1 
ATOM   401 C  C   . ASP A 1 58 ? 24.366  13.964  -14.804 1.00 36.15  ? 336 ASP A C   1 
ATOM   402 O  O   . ASP A 1 58 ? 25.070  14.621  -15.553 1.00 44.00  ? 336 ASP A O   1 
ATOM   403 C  CB  . ASP A 1 58 ? 22.287  14.864  -13.808 1.00 35.08  ? 336 ASP A CB  1 
ATOM   404 C  CG  . ASP A 1 58 ? 20.866  15.282  -14.075 1.00 35.05  ? 336 ASP A CG  1 
ATOM   405 O  OD1 . ASP A 1 58 ? 20.241  15.872  -13.166 1.00 32.80  ? 336 ASP A OD1 1 
ATOM   406 O  OD2 . ASP A 1 58 ? 20.386  15.024  -15.206 1.00 36.27  ? 336 ASP A OD2 1 
ATOM   407 N  N   . LEU A 1 59 ? 24.871  13.189  -13.862 1.00 33.48  ? 337 LEU A N   1 
ATOM   408 C  CA  . LEU A 1 59 ? 26.301  13.126  -13.679 1.00 36.30  ? 337 LEU A CA  1 
ATOM   409 C  C   . LEU A 1 59 ? 26.977  12.774  -14.999 1.00 40.53  ? 337 LEU A C   1 
ATOM   410 O  O   . LEU A 1 59 ? 27.964  13.400  -15.396 1.00 43.81  ? 337 LEU A O   1 
ATOM   411 C  CB  . LEU A 1 59 ? 26.632  12.099  -12.605 1.00 33.21  ? 337 LEU A CB  1 
ATOM   412 C  CG  . LEU A 1 59 ? 28.086  12.089  -12.151 1.00 33.19  ? 337 LEU A CG  1 
ATOM   413 C  CD1 . LEU A 1 59 ? 28.573  13.512  -11.918 1.00 32.29  ? 337 LEU A CD1 1 
ATOM   414 C  CD2 . LEU A 1 59 ? 28.197  11.260  -10.883 1.00 32.03  ? 337 LEU A CD2 1 
ATOM   415 N  N   . ILE A 1 60 ? 26.421  11.780  -15.685 1.00 45.51  ? 338 ILE A N   1 
ATOM   416 C  CA  . ILE A 1 60 ? 26.939  11.325  -16.968 1.00 45.71  ? 338 ILE A CA  1 
ATOM   417 C  C   . ILE A 1 60 ? 26.881  12.385  -18.071 1.00 46.55  ? 338 ILE A C   1 
ATOM   418 O  O   . ILE A 1 60 ? 27.856  12.590  -18.787 1.00 46.13  ? 338 ILE A O   1 
ATOM   419 C  CB  . ILE A 1 60 ? 26.156  10.104  -17.465 1.00 48.94  ? 338 ILE A CB  1 
ATOM   420 C  CG1 . ILE A 1 60 ? 26.400  8.913   -16.541 1.00 47.43  ? 338 ILE A CG1 1 
ATOM   421 C  CG2 . ILE A 1 60 ? 26.551  9.796   -18.910 1.00 60.22  ? 338 ILE A CG2 1 
ATOM   422 C  CD1 . ILE A 1 60 ? 25.685  7.658   -16.982 1.00 38.94  ? 338 ILE A CD1 1 
ATOM   423 N  N   . GLU A 1 61 ? 25.729  13.035  -18.212 1.00 45.82  ? 339 GLU A N   1 
ATOM   424 C  CA  . GLU A 1 61 ? 25.526  14.052  -19.236 1.00 52.18  ? 339 GLU A CA  1 
ATOM   425 C  C   . GLU A 1 61 ? 26.424  15.259  -19.031 1.00 53.46  ? 339 GLU A C   1 
ATOM   426 O  O   . GLU A 1 61 ? 26.849  15.906  -19.988 1.00 58.65  ? 339 GLU A O   1 
ATOM   427 C  CB  . GLU A 1 61 ? 24.065  14.504  -19.242 1.00 63.61  ? 339 GLU A CB  1 
ATOM   428 C  CG  . GLU A 1 61 ? 23.072  13.408  -19.595 1.00 75.70  ? 339 GLU A CG  1 
ATOM   429 C  CD  . GLU A 1 61 ? 21.635  13.808  -19.307 1.00 84.54  ? 339 GLU A CD  1 
ATOM   430 O  OE1 . GLU A 1 61 ? 20.732  12.990  -19.569 1.00 95.20  ? 339 GLU A OE1 1 
ATOM   431 O  OE2 . GLU A 1 61 ? 21.405  14.932  -18.812 1.00 88.95  ? 339 GLU A OE2 1 
ATOM   432 N  N   . GLU A 1 62 ? 26.717  15.559  -17.776 1.00 53.99  ? 340 GLU A N   1 
ATOM   433 C  CA  . GLU A 1 62 ? 27.553  16.695  -17.439 1.00 51.75  ? 340 GLU A CA  1 
ATOM   434 C  C   . GLU A 1 62 ? 28.955  16.598  -18.033 1.00 58.46  ? 340 GLU A C   1 
ATOM   435 O  O   . GLU A 1 62 ? 29.554  17.618  -18.388 1.00 56.49  ? 340 GLU A O   1 
ATOM   436 C  CB  . GLU A 1 62 ? 27.623  16.831  -15.923 1.00 42.41  ? 340 GLU A CB  1 
ATOM   437 C  CG  . GLU A 1 62 ? 28.526  17.923  -15.437 1.00 39.51  ? 340 GLU A CG  1 
ATOM   438 C  CD  . GLU A 1 62 ? 28.360  18.155  -13.962 1.00 43.77  ? 340 GLU A CD  1 
ATOM   439 O  OE1 . GLU A 1 62 ? 29.361  18.482  -13.287 1.00 45.79  ? 340 GLU A OE1 1 
ATOM   440 O  OE2 . GLU A 1 62 ? 27.222  18.011  -13.476 1.00 40.51  ? 340 GLU A OE2 1 
ATOM   441 N  N   . VAL A 1 63 ? 29.470  15.375  -18.150 1.00 65.97  ? 341 VAL A N   1 
ATOM   442 C  CA  . VAL A 1 63 ? 30.804  15.158  -18.706 1.00 79.18  ? 341 VAL A CA  1 
ATOM   443 C  C   . VAL A 1 63 ? 30.929  15.845  -20.065 1.00 86.04  ? 341 VAL A C   1 
ATOM   444 O  O   . VAL A 1 63 ? 29.921  15.844  -20.809 1.00 90.75  ? 341 VAL A O   1 
ATOM   445 C  CB  . VAL A 1 63 ? 31.098  13.648  -18.905 1.00 82.84  ? 341 VAL A CB  1 
ATOM   446 C  CG1 . VAL A 1 63 ? 32.557  13.447  -19.310 1.00 83.05  ? 341 VAL A CG1 1 
ATOM   447 C  CG2 . VAL A 1 63 ? 30.777  12.877  -17.635 1.00 81.72  ? 341 VAL A CG2 1 
ATOM   448 O  OXT . VAL A 1 63 ? 32.029  16.358  -20.376 1.00 86.15  ? 341 VAL A OXT 1 
ATOM   449 N  N   . SER B 2 17 ? -29.445 1.954   10.506  1.00 65.24  ? 239 SER B N   1 
ATOM   450 C  CA  . SER B 2 17 ? -28.105 1.846   11.152  1.00 66.54  ? 239 SER B CA  1 
ATOM   451 C  C   . SER B 2 17 ? -27.339 0.641   10.609  1.00 67.42  ? 239 SER B C   1 
ATOM   452 O  O   . SER B 2 17 ? -26.130 0.714   10.370  1.00 65.33  ? 239 SER B O   1 
ATOM   453 C  CB  . SER B 2 17 ? -28.259 1.723   12.668  1.00 69.33  ? 239 SER B CB  1 
ATOM   454 O  OG  . SER B 2 17 ? -26.999 1.786   13.311  1.00 72.42  ? 239 SER B OG  1 
ATOM   455 N  N   . ARG B 2 18 ? -28.048 -0.467  10.419  1.00 67.63  ? 240 ARG B N   1 
ATOM   456 C  CA  . ARG B 2 18 ? -27.435 -1.672  9.882   1.00 70.04  ? 240 ARG B CA  1 
ATOM   457 C  C   . ARG B 2 18 ? -26.910 -1.360  8.485   1.00 70.67  ? 240 ARG B C   1 
ATOM   458 O  O   . ARG B 2 18 ? -25.793 -1.737  8.133   1.00 71.66  ? 240 ARG B O   1 
ATOM   459 C  CB  . ARG B 2 18 ? -28.461 -2.806  9.799   1.00 72.32  ? 240 ARG B CB  1 
ATOM   460 C  CG  . ARG B 2 18 ? -27.939 -4.055  9.105   1.00 78.66  ? 240 ARG B CG  1 
ATOM   461 C  CD  . ARG B 2 18 ? -29.006 -5.136  8.965   1.00 87.47  ? 240 ARG B CD  1 
ATOM   462 N  NE  . ARG B 2 18 ? -29.486 -5.639  10.254  1.00 99.03  ? 240 ARG B NE  1 
ATOM   463 C  CZ  . ARG B 2 18 ? -30.462 -5.087  10.974  1.00 100.00 ? 240 ARG B CZ  1 
ATOM   464 N  NH1 . ARG B 2 18 ? -31.086 -3.999  10.540  1.00 100.00 ? 240 ARG B NH1 1 
ATOM   465 N  NH2 . ARG B 2 18 ? -30.816 -5.629  12.132  1.00 100.00 ? 240 ARG B NH2 1 
ATOM   466 N  N   . ASP B 2 19 ? -27.722 -0.671  7.690   1.00 71.34  ? 241 ASP B N   1 
ATOM   467 C  CA  . ASP B 2 19 ? -27.327 -0.314  6.335   1.00 69.57  ? 241 ASP B CA  1 
ATOM   468 C  C   . ASP B 2 19 ? -26.095 0.582   6.326   1.00 66.74  ? 241 ASP B C   1 
ATOM   469 O  O   . ASP B 2 19 ? -25.142 0.315   5.592   1.00 69.45  ? 241 ASP B O   1 
ATOM   470 C  CB  . ASP B 2 19 ? -28.491 0.358   5.603   1.00 70.98  ? 241 ASP B CB  1 
ATOM   471 C  CG  . ASP B 2 19 ? -29.461 -0.651  5.002   1.00 74.78  ? 241 ASP B CG  1 
ATOM   472 O  OD1 . ASP B 2 19 ? -30.535 -0.231  4.524   1.00 80.14  ? 241 ASP B OD1 1 
ATOM   473 O  OD2 . ASP B 2 19 ? -29.147 -1.863  4.998   1.00 74.10  ? 241 ASP B OD2 1 
ATOM   474 N  N   . LYS B 2 20 ? -26.107 1.636   7.139   1.00 57.58  ? 242 LYS B N   1 
ATOM   475 C  CA  . LYS B 2 20 ? -24.964 2.543   7.216   1.00 55.03  ? 242 LYS B CA  1 
ATOM   476 C  C   . LYS B 2 20 ? -23.682 1.728   7.401   1.00 55.63  ? 242 LYS B C   1 
ATOM   477 O  O   . LYS B 2 20 ? -22.705 1.912   6.673   1.00 50.33  ? 242 LYS B O   1 
ATOM   478 C  CB  . LYS B 2 20 ? -25.135 3.509   8.380   1.00 56.70  ? 242 LYS B CB  1 
ATOM   479 N  N   . ALA B 2 21 ? -23.699 0.827   8.383   1.00 51.85  ? 243 ALA B N   1 
ATOM   480 C  CA  . ALA B 2 21 ? -22.561 -0.036  8.673   1.00 46.42  ? 243 ALA B CA  1 
ATOM   481 C  C   . ALA B 2 21 ? -22.253 -0.937  7.475   1.00 46.44  ? 243 ALA B C   1 
ATOM   482 O  O   . ALA B 2 21 ? -21.091 -1.201  7.176   1.00 45.66  ? 243 ALA B O   1 
ATOM   483 C  CB  . ALA B 2 21 ? -22.853 -0.882  9.908   1.00 40.04  ? 243 ALA B CB  1 
ATOM   484 N  N   . LYS B 2 22 ? -23.298 -1.406  6.798   1.00 46.00  ? 244 LYS B N   1 
ATOM   485 C  CA  . LYS B 2 22 ? -23.145 -2.258  5.620   1.00 47.92  ? 244 LYS B CA  1 
ATOM   486 C  C   . LYS B 2 22 ? -22.458 -1.511  4.468   1.00 44.24  ? 244 LYS B C   1 
ATOM   487 O  O   . LYS B 2 22 ? -21.662 -2.090  3.732   1.00 38.12  ? 244 LYS B O   1 
ATOM   488 C  CB  . LYS B 2 22 ? -24.512 -2.774  5.159   1.00 59.38  ? 244 LYS B CB  1 
ATOM   489 C  CG  . LYS B 2 22 ? -24.462 -3.591  3.876   1.00 70.49  ? 244 LYS B CG  1 
ATOM   490 C  CD  . LYS B 2 22 ? -23.576 -4.819  4.026   1.00 77.24  ? 244 LYS B CD  1 
ATOM   491 C  CE  . LYS B 2 22 ? -23.357 -5.504  2.687   1.00 80.72  ? 244 LYS B CE  1 
ATOM   492 N  NZ  . LYS B 2 22 ? -24.643 -5.830  2.013   1.00 82.19  ? 244 LYS B NZ  1 
ATOM   493 N  N   . MET B 2 23 ? -22.776 -0.230  4.306   1.00 45.53  ? 245 MET B N   1 
ATOM   494 C  CA  . MET B 2 23 ? -22.153 0.566   3.253   1.00 44.05  ? 245 MET B CA  1 
ATOM   495 C  C   . MET B 2 23 ? -20.727 0.851   3.684   1.00 39.74  ? 245 MET B C   1 
ATOM   496 O  O   . MET B 2 23 ? -19.792 0.765   2.889   1.00 42.12  ? 245 MET B O   1 
ATOM   497 C  CB  . MET B 2 23 ? -22.907 1.881   3.034   1.00 44.70  ? 245 MET B CB  1 
ATOM   498 C  CG  . MET B 2 23 ? -24.381 1.695   2.719   1.00 55.15  ? 245 MET B CG  1 
ATOM   499 S  SD  . MET B 2 23 ? -25.042 2.918   1.575   1.00 56.19  ? 245 MET B SD  1 
ATOM   500 C  CE  . MET B 2 23 ? -24.939 4.413   2.577   1.00 64.97  ? 245 MET B CE  1 
ATOM   501 N  N   . ARG B 2 24 ? -20.568 1.191   4.957   1.00 42.05  ? 246 ARG B N   1 
ATOM   502 C  CA  . ARG B 2 24 ? -19.256 1.465   5.517   1.00 45.56  ? 246 ARG B CA  1 
ATOM   503 C  C   . ARG B 2 24 ? -18.373 0.252   5.226   1.00 45.71  ? 246 ARG B C   1 
ATOM   504 O  O   . ARG B 2 24 ? -17.201 0.389   4.877   1.00 48.98  ? 246 ARG B O   1 
ATOM   505 C  CB  . ARG B 2 24 ? -19.369 1.665   7.027   1.00 54.09  ? 246 ARG B CB  1 
ATOM   506 C  CG  . ARG B 2 24 ? -18.043 1.835   7.739   1.00 65.93  ? 246 ARG B CG  1 
ATOM   507 C  CD  . ARG B 2 24 ? -17.570 3.284   7.736   1.00 73.13  ? 246 ARG B CD  1 
ATOM   508 N  NE  . ARG B 2 24 ? -16.294 3.441   8.434   1.00 80.32  ? 246 ARG B NE  1 
ATOM   509 C  CZ  . ARG B 2 24 ? -16.066 3.066   9.692   1.00 80.79  ? 246 ARG B CZ  1 
ATOM   510 N  NH1 . ARG B 2 24 ? -17.025 2.504   10.419  1.00 78.60  ? 246 ARG B NH1 1 
ATOM   511 N  NH2 . ARG B 2 24 ? -14.863 3.240   10.223  1.00 82.18  ? 246 ARG B NH2 1 
ATOM   512 N  N   . ASN B 2 25 ? -18.957 -0.938  5.362   1.00 39.59  ? 247 ASN B N   1 
ATOM   513 C  CA  . ASN B 2 25 ? -18.249 -2.187  5.125   1.00 33.20  ? 247 ASN B CA  1 
ATOM   514 C  C   . ASN B 2 25 ? -17.976 -2.400  3.636   1.00 36.20  ? 247 ASN B C   1 
ATOM   515 O  O   . ASN B 2 25 ? -16.876 -2.793  3.255   1.00 39.45  ? 247 ASN B O   1 
ATOM   516 C  CB  . ASN B 2 25 ? -19.061 -3.351  5.695   1.00 37.03  ? 247 ASN B CB  1 
ATOM   517 C  CG  . ASN B 2 25 ? -18.391 -4.681  5.484   1.00 38.09  ? 247 ASN B CG  1 
ATOM   518 O  OD1 . ASN B 2 25 ? -18.281 -5.165  4.357   1.00 34.16  ? 247 ASN B OD1 1 
ATOM   519 N  ND2 . ASN B 2 25 ? -17.931 -5.284  6.571   1.00 48.95  ? 247 ASN B ND2 1 
ATOM   520 N  N   . LEU B 2 26 ? -18.970 -2.141  2.796   1.00 38.13  ? 248 LEU B N   1 
ATOM   521 C  CA  . LEU B 2 26 ? -18.798 -2.298  1.348   1.00 41.47  ? 248 LEU B CA  1 
ATOM   522 C  C   . LEU B 2 26 ? -17.718 -1.372  0.815   1.00 37.28  ? 248 LEU B C   1 
ATOM   523 O  O   . LEU B 2 26 ? -16.932 -1.743  -0.052  1.00 34.70  ? 248 LEU B O   1 
ATOM   524 C  CB  . LEU B 2 26 ? -20.100 -1.993  0.613   1.00 44.49  ? 248 LEU B CB  1 
ATOM   525 C  CG  . LEU B 2 26 ? -21.145 -3.103  0.519   1.00 41.14  ? 248 LEU B CG  1 
ATOM   526 C  CD1 . LEU B 2 26 ? -22.479 -2.492  0.143   1.00 32.75  ? 248 LEU B CD1 1 
ATOM   527 C  CD2 . LEU B 2 26 ? -20.704 -4.144  -0.500  1.00 35.71  ? 248 LEU B CD2 1 
ATOM   528 N  N   . GLU B 2 27 ? -17.693 -0.159  1.345   1.00 35.80  ? 249 GLU B N   1 
ATOM   529 C  CA  . GLU B 2 27 ? -16.721 0.836   0.927   1.00 39.86  ? 249 GLU B CA  1 
ATOM   530 C  C   . GLU B 2 27 ? -15.288 0.441   1.299   1.00 41.21  ? 249 GLU B C   1 
ATOM   531 O  O   . GLU B 2 27 ? -14.352 0.672   0.527   1.00 40.46  ? 249 GLU B O   1 
ATOM   532 C  CB  . GLU B 2 27 ? -17.081 2.186   1.557   1.00 43.75  ? 249 GLU B CB  1 
ATOM   533 C  CG  . GLU B 2 27 ? -18.467 2.692   1.160   1.00 44.48  ? 249 GLU B CG  1 
ATOM   534 C  CD  . GLU B 2 27 ? -19.089 3.590   2.207   1.00 38.66  ? 249 GLU B CD  1 
ATOM   535 O  OE1 . GLU B 2 27 ? -20.244 4.011   2.019   1.00 47.15  ? 249 GLU B OE1 1 
ATOM   536 O  OE2 . GLU B 2 27 ? -18.431 3.872   3.222   1.00 43.37  ? 249 GLU B OE2 1 
ATOM   537 N  N   . THR B 2 28 ? -15.110 -0.154  2.474   1.00 37.09  ? 250 THR B N   1 
ATOM   538 C  CA  . THR B 2 28 ? -13.776 -0.551  2.901   1.00 34.52  ? 250 THR B CA  1 
ATOM   539 C  C   . THR B 2 28 ? -13.294 -1.749  2.108   1.00 34.59  ? 250 THR B C   1 
ATOM   540 O  O   . THR B 2 28 ? -12.104 -1.886  1.839   1.00 36.10  ? 250 THR B O   1 
ATOM   541 C  CB  . THR B 2 28 ? -13.738 -0.855  4.405   1.00 34.82  ? 250 THR B CB  1 
ATOM   542 O  OG1 . THR B 2 28 ? -14.059 0.341   5.127   1.00 33.09  ? 250 THR B OG1 1 
ATOM   543 C  CG2 . THR B 2 28 ? -12.351 -1.337  4.828   1.00 32.25  ? 250 THR B CG2 1 
ATOM   544 N  N   . GLN B 2 29 ? -14.209 -2.623  1.719   1.00 32.37  ? 251 GLN B N   1 
ATOM   545 C  CA  . GLN B 2 29 ? -13.797 -3.763  0.924   1.00 33.28  ? 251 GLN B CA  1 
ATOM   546 C  C   . GLN B 2 29 ? -13.362 -3.236  -0.425  1.00 33.07  ? 251 GLN B C   1 
ATOM   547 O  O   . GLN B 2 29 ? -12.371 -3.702  -0.994  1.00 38.80  ? 251 GLN B O   1 
ATOM   548 C  CB  . GLN B 2 29 ? -14.938 -4.740  0.718   1.00 31.42  ? 251 GLN B CB  1 
ATOM   549 C  CG  . GLN B 2 29 ? -15.386 -5.445  1.961   1.00 40.53  ? 251 GLN B CG  1 
ATOM   550 C  CD  . GLN B 2 29 ? -16.452 -6.461  1.639   1.00 48.19  ? 251 GLN B CD  1 
ATOM   551 O  OE1 . GLN B 2 29 ? -16.208 -7.400  0.872   1.00 51.49  ? 251 GLN B OE1 1 
ATOM   552 N  NE2 . GLN B 2 29 ? -17.648 -6.272  2.195   1.00 37.17  ? 251 GLN B NE2 1 
ATOM   553 N  N   . HIS B 2 30 ? -14.114 -2.265  -0.944  1.00 33.49  ? 252 HIS B N   1 
ATOM   554 C  CA  . HIS B 2 30 ? -13.794 -1.680  -2.236  1.00 30.49  ? 252 HIS B CA  1 
ATOM   555 C  C   . HIS B 2 30 ? -12.398 -1.080  -2.154  1.00 35.29  ? 252 HIS B C   1 
ATOM   556 O  O   . HIS B 2 30 ? -11.567 -1.302  -3.039  1.00 31.23  ? 252 HIS B O   1 
ATOM   557 C  CB  . HIS B 2 30 ? -14.821 -0.605  -2.607  1.00 30.29  ? 252 HIS B CB  1 
ATOM   558 C  CG  . HIS B 2 30 ? -14.726 -0.145  -4.031  1.00 34.00  ? 252 HIS B CG  1 
ATOM   559 N  ND1 . HIS B 2 30 ? -13.942 0.918   -4.421  1.00 27.52  ? 252 HIS B ND1 1 
ATOM   560 C  CD2 . HIS B 2 30 ? -15.265 -0.651  -5.168  1.00 35.37  ? 252 HIS B CD2 1 
ATOM   561 C  CE1 . HIS B 2 30 ? -13.998 1.045   -5.735  1.00 33.19  ? 252 HIS B CE1 1 
ATOM   562 N  NE2 . HIS B 2 30 ? -14.793 0.104   -6.213  1.00 25.65  ? 252 HIS B NE2 1 
ATOM   563 N  N   . LYS B 2 31 ? -12.140 -0.347  -1.072  1.00 27.35  ? 253 LYS B N   1 
ATOM   564 C  CA  . LYS B 2 31 ? -10.852 0.299   -0.856  1.00 29.60  ? 253 LYS B CA  1 
ATOM   565 C  C   . LYS B 2 31 ? -9.684  -0.701  -0.775  1.00 33.43  ? 253 LYS B C   1 
ATOM   566 O  O   . LYS B 2 31 ? -8.643  -0.510  -1.399  1.00 32.32  ? 253 LYS B O   1 
ATOM   567 C  CB  . LYS B 2 31 ? -10.912 1.137   0.411   1.00 25.32  ? 253 LYS B CB  1 
ATOM   568 C  CG  . LYS B 2 31 ? -9.695  1.983   0.635   1.00 39.27  ? 253 LYS B CG  1 
ATOM   569 C  CD  . LYS B 2 31 ? -9.581  3.073   -0.411  1.00 51.01  ? 253 LYS B CD  1 
ATOM   570 C  CE  . LYS B 2 31 ? -8.446  4.040   -0.068  1.00 58.83  ? 253 LYS B CE  1 
ATOM   571 N  NZ  . LYS B 2 31 ? -8.645  4.662   1.289   1.00 59.55  ? 253 LYS B NZ  1 
ATOM   572 N  N   . VAL B 2 32 ? -9.854  -1.766  -0.007  1.00 31.47  ? 254 VAL B N   1 
ATOM   573 C  CA  . VAL B 2 32 ? -8.803  -2.759  0.107   1.00 29.81  ? 254 VAL B CA  1 
ATOM   574 C  C   . VAL B 2 32 ? -8.462  -3.270  -1.284  1.00 33.52  ? 254 VAL B C   1 
ATOM   575 O  O   . VAL B 2 32 ? -7.296  -3.471  -1.621  1.00 40.23  ? 254 VAL B O   1 
ATOM   576 C  CB  . VAL B 2 32 ? -9.250  -3.932  1.012   1.00 31.14  ? 254 VAL B CB  1 
ATOM   577 C  CG1 . VAL B 2 32 ? -8.373  -5.140  0.787   1.00 24.53  ? 254 VAL B CG1 1 
ATOM   578 C  CG2 . VAL B 2 32 ? -9.186  -3.495  2.481   1.00 30.47  ? 254 VAL B CG2 1 
ATOM   579 N  N   . LEU B 2 33 ? -9.479  -3.471  -2.105  1.00 32.12  ? 255 LEU B N   1 
ATOM   580 C  CA  . LEU B 2 33 ? -9.241  -3.951  -3.459  1.00 32.73  ? 255 LEU B CA  1 
ATOM   581 C  C   . LEU B 2 33 ? -8.440  -2.952  -4.275  1.00 29.77  ? 255 LEU B C   1 
ATOM   582 O  O   . LEU B 2 33 ? -7.564  -3.344  -5.026  1.00 31.08  ? 255 LEU B O   1 
ATOM   583 C  CB  . LEU B 2 33 ? -10.562 -4.238  -4.171  1.00 41.34  ? 255 LEU B CB  1 
ATOM   584 C  CG  . LEU B 2 33 ? -11.398 -5.394  -3.627  1.00 45.41  ? 255 LEU B CG  1 
ATOM   585 C  CD1 . LEU B 2 33 ? -12.597 -5.595  -4.530  1.00 53.29  ? 255 LEU B CD1 1 
ATOM   586 C  CD2 . LEU B 2 33 ? -10.569 -6.657  -3.575  1.00 38.81  ? 255 LEU B CD2 1 
ATOM   587 N  N   . GLU B 2 34 ? -8.745  -1.666  -4.148  1.00 33.33  ? 256 GLU B N   1 
ATOM   588 C  CA  . GLU B 2 34 ? -8.011  -0.652  -4.898  1.00 39.36  ? 256 GLU B CA  1 
ATOM   589 C  C   . GLU B 2 34 ? -6.536  -0.639  -4.468  1.00 39.67  ? 256 GLU B C   1 
ATOM   590 O  O   . GLU B 2 34 ? -5.639  -0.740  -5.311  1.00 36.72  ? 256 GLU B O   1 
ATOM   591 C  CB  . GLU B 2 34 ? -8.631  0.735   -4.682  1.00 46.40  ? 256 GLU B CB  1 
ATOM   592 C  CG  . GLU B 2 34 ? -9.986  0.912   -5.339  1.00 58.92  ? 256 GLU B CG  1 
ATOM   593 C  CD  . GLU B 2 34 ? -10.678 2.214   -4.957  1.00 63.65  ? 256 GLU B CD  1 
ATOM   594 O  OE1 . GLU B 2 34 ? -10.945 2.430   -3.752  1.00 67.67  ? 256 GLU B OE1 1 
ATOM   595 O  OE2 . GLU B 2 34 ? -10.971 3.017   -5.869  1.00 65.84  ? 256 GLU B OE2 1 
ATOM   596 N  N   . LEU B 2 35 ? -6.302  -0.518  -3.161  1.00 30.54  ? 257 LEU B N   1 
ATOM   597 C  CA  . LEU B 2 35 ? -4.954  -0.498  -2.614  1.00 29.96  ? 257 LEU B CA  1 
ATOM   598 C  C   . LEU B 2 35 ? -4.185  -1.740  -3.003  1.00 32.01  ? 257 LEU B C   1 
ATOM   599 O  O   . LEU B 2 35 ? -2.986  -1.668  -3.270  1.00 35.54  ? 257 LEU B O   1 
ATOM   600 C  CB  . LEU B 2 35 ? -4.980  -0.378  -1.085  1.00 24.77  ? 257 LEU B CB  1 
ATOM   601 C  CG  . LEU B 2 35 ? -5.517  0.955   -0.555  1.00 29.68  ? 257 LEU B CG  1 
ATOM   602 C  CD1 . LEU B 2 35 ? -5.906  0.825   0.908   1.00 34.01  ? 257 LEU B CD1 1 
ATOM   603 C  CD2 . LEU B 2 35 ? -4.488  2.035   -0.742  1.00 27.90  ? 257 LEU B CD2 1 
ATOM   604 N  N   . THR B 2 36 ? -4.858  -2.886  -3.031  1.00 34.85  ? 258 THR B N   1 
ATOM   605 C  CA  . THR B 2 36 ? -4.182  -4.122  -3.405  1.00 30.49  ? 258 THR B CA  1 
ATOM   606 C  C   . THR B 2 36 ? -3.813  -4.051  -4.870  1.00 30.59  ? 258 THR B C   1 
ATOM   607 O  O   . THR B 2 36 ? -2.888  -4.710  -5.320  1.00 42.02  ? 258 THR B O   1 
ATOM   608 C  CB  . THR B 2 36 ? -5.064  -5.362  -3.149  1.00 31.55  ? 258 THR B CB  1 
ATOM   609 O  OG1 . THR B 2 36 ? -5.170  -5.592  -1.733  1.00 35.45  ? 258 THR B OG1 1 
ATOM   610 C  CG2 . THR B 2 36 ? -4.472  -6.586  -3.827  1.00 14.61  ? 258 THR B CG2 1 
ATOM   611 N  N   . ALA B 2 37 ? -4.531  -3.244  -5.630  1.00 32.84  ? 259 ALA B N   1 
ATOM   612 C  CA  . ALA B 2 37 ? -4.207  -3.117  -7.038  1.00 33.89  ? 259 ALA B CA  1 
ATOM   613 C  C   . ALA B 2 37 ? -3.024  -2.170  -7.156  1.00 35.72  ? 259 ALA B C   1 
ATOM   614 O  O   . ALA B 2 37 ? -2.026  -2.491  -7.803  1.00 39.41  ? 259 ALA B O   1 
ATOM   615 C  CB  . ALA B 2 37 ? -5.396  -2.572  -7.818  1.00 29.49  ? 259 ALA B CB  1 
ATOM   616 N  N   . GLU B 2 38 ? -3.134  -1.004  -6.522  1.00 31.20  ? 260 GLU B N   1 
ATOM   617 C  CA  . GLU B 2 38 ? -2.066  -0.022  -6.580  1.00 37.74  ? 260 GLU B CA  1 
ATOM   618 C  C   . GLU B 2 38 ? -0.771  -0.576  -5.990  1.00 38.60  ? 260 GLU B C   1 
ATOM   619 O  O   . GLU B 2 38 ? 0.307   -0.336  -6.524  1.00 34.68  ? 260 GLU B O   1 
ATOM   620 C  CB  . GLU B 2 38 ? -2.452  1.260   -5.852  1.00 46.65  ? 260 GLU B CB  1 
ATOM   621 C  CG  . GLU B 2 38 ? -1.485  2.383   -6.171  1.00 63.78  ? 260 GLU B CG  1 
ATOM   622 C  CD  . GLU B 2 38 ? -1.834  3.681   -5.489  1.00 71.26  ? 260 GLU B CD  1 
ATOM   623 O  OE1 . GLU B 2 38 ? -1.174  4.698   -5.795  1.00 76.83  ? 260 GLU B OE1 1 
ATOM   624 O  OE2 . GLU B 2 38 ? -2.760  3.685   -4.650  1.00 69.90  ? 260 GLU B OE2 1 
ATOM   625 N  N   . ASN B 2 39 ? -0.895  -1.328  -4.899  1.00 38.75  ? 261 ASN B N   1 
ATOM   626 C  CA  . ASN B 2 39 ? 0.242   -1.941  -4.231  1.00 35.77  ? 261 ASN B CA  1 
ATOM   627 C  C   . ASN B 2 39 ? 1.016   -2.824  -5.228  1.00 40.16  ? 261 ASN B C   1 
ATOM   628 O  O   . ASN B 2 39 ? 2.252   -2.813  -5.264  1.00 36.13  ? 261 ASN B O   1 
ATOM   629 C  CB  . ASN B 2 39 ? -0.273  -2.761  -3.042  1.00 38.78  ? 261 ASN B CB  1 
ATOM   630 C  CG  . ASN B 2 39 ? 0.843   -3.371  -2.212  1.00 49.22  ? 261 ASN B CG  1 
ATOM   631 O  OD1 . ASN B 2 39 ? 1.389   -4.423  -2.554  1.00 50.27  ? 261 ASN B OD1 1 
ATOM   632 N  ND2 . ASN B 2 39 ? 1.187   -2.711  -1.111  1.00 50.50  ? 261 ASN B ND2 1 
ATOM   633 N  N   . GLU B 2 40 ? 0.273   -3.570  -6.045  1.00 42.02  ? 262 GLU B N   1 
ATOM   634 C  CA  . GLU B 2 40 ? 0.838   -4.466  -7.054  1.00 42.62  ? 262 GLU B CA  1 
ATOM   635 C  C   . GLU B 2 40 ? 1.504   -3.638  -8.155  1.00 46.53  ? 262 GLU B C   1 
ATOM   636 O  O   . GLU B 2 40 ? 2.529   -4.028  -8.718  1.00 45.34  ? 262 GLU B O   1 
ATOM   637 C  CB  . GLU B 2 40 ? -0.273  -5.325  -7.658  1.00 48.43  ? 262 GLU B CB  1 
ATOM   638 C  CG  . GLU B 2 40 ? 0.079   -6.784  -7.885  1.00 54.72  ? 262 GLU B CG  1 
ATOM   639 C  CD  . GLU B 2 40 ? -1.123  -7.605  -8.358  1.00 66.04  ? 262 GLU B CD  1 
ATOM   640 O  OE1 . GLU B 2 40 ? -2.205  -7.499  -7.732  1.00 63.39  ? 262 GLU B OE1 1 
ATOM   641 O  OE2 . GLU B 2 40 ? -0.982  -8.360  -9.346  1.00 62.13  ? 262 GLU B OE2 1 
ATOM   642 N  N   . ARG B 2 41 ? 0.914   -2.491  -8.464  1.00 47.67  ? 263 ARG B N   1 
ATOM   643 C  CA  . ARG B 2 41 ? 1.470   -1.613  -9.483  1.00 45.78  ? 263 ARG B CA  1 
ATOM   644 C  C   . ARG B 2 41 ? 2.814   -1.074  -8.997  1.00 43.88  ? 263 ARG B C   1 
ATOM   645 O  O   . ARG B 2 41 ? 3.833   -1.164  -9.686  1.00 45.88  ? 263 ARG B O   1 
ATOM   646 C  CB  . ARG B 2 41 ? 0.514   -0.447  -9.752  1.00 48.18  ? 263 ARG B CB  1 
ATOM   647 C  CG  . ARG B 2 41 ? 1.086   0.622   -10.675 1.00 60.42  ? 263 ARG B CG  1 
ATOM   648 C  CD  . ARG B 2 41 ? 0.073   1.733   -10.949 1.00 71.20  ? 263 ARG B CD  1 
ATOM   649 N  NE  . ARG B 2 41 ? -0.090  2.671   -9.835  1.00 71.37  ? 263 ARG B NE  1 
ATOM   650 C  CZ  . ARG B 2 41 ? 0.794   3.611   -9.509  1.00 67.39  ? 263 ARG B CZ  1 
ATOM   651 N  NH1 . ARG B 2 41 ? 1.913   3.749   -10.207 1.00 62.10  ? 263 ARG B NH1 1 
ATOM   652 N  NH2 . ARG B 2 41 ? 0.551   4.418   -8.485  1.00 65.73  ? 263 ARG B NH2 1 
ATOM   653 N  N   . LEU B 2 42 ? 2.802   -0.519  -7.794  1.00 36.23  ? 264 LEU B N   1 
ATOM   654 C  CA  . LEU B 2 42 ? 3.990   0.045   -7.200  1.00 31.62  ? 264 LEU B CA  1 
ATOM   655 C  C   . LEU B 2 42 ? 5.149   -0.949  -7.074  1.00 36.01  ? 264 LEU B C   1 
ATOM   656 O  O   . LEU B 2 42 ? 6.312   -0.573  -7.250  1.00 39.64  ? 264 LEU B O   1 
ATOM   657 C  CB  . LEU B 2 42 ? 3.630   0.620   -5.838  1.00 31.70  ? 264 LEU B CB  1 
ATOM   658 C  CG  . LEU B 2 42 ? 2.757   1.870   -5.902  1.00 31.57  ? 264 LEU B CG  1 
ATOM   659 C  CD1 . LEU B 2 42 ? 2.177   2.196   -4.523  1.00 25.27  ? 264 LEU B CD1 1 
ATOM   660 C  CD2 . LEU B 2 42 ? 3.609   3.028   -6.433  1.00 36.89  ? 264 LEU B CD2 1 
ATOM   661 N  N   . GLN B 2 43 ? 4.851   -2.209  -6.773  1.00 27.74  ? 265 GLN B N   1 
ATOM   662 C  CA  . GLN B 2 43 ? 5.917   -3.188  -6.639  1.00 27.49  ? 265 GLN B CA  1 
ATOM   663 C  C   . GLN B 2 43 ? 6.628   -3.346  -7.974  1.00 34.55  ? 265 GLN B C   1 
ATOM   664 O  O   . GLN B 2 43 ? 7.863   -3.352  -8.042  1.00 35.81  ? 265 GLN B O   1 
ATOM   665 C  CB  . GLN B 2 43 ? 5.373   -4.537  -6.183  1.00 38.51  ? 265 GLN B CB  1 
ATOM   666 C  CG  . GLN B 2 43 ? 5.986   -5.063  -4.886  1.00 50.62  ? 265 GLN B CG  1 
ATOM   667 C  CD  . GLN B 2 43 ? 7.515   -5.084  -4.897  1.00 59.66  ? 265 GLN B CD  1 
ATOM   668 O  OE1 . GLN B 2 43 ? 8.160   -4.043  -4.776  1.00 63.54  ? 265 GLN B OE1 1 
ATOM   669 N  NE2 . GLN B 2 43 ? 8.099   -6.274  -5.047  1.00 56.40  ? 265 GLN B NE2 1 
ATOM   670 N  N   . LYS B 2 44 ? 5.868   -3.457  -9.053  1.00 36.81  ? 266 LYS B N   1 
ATOM   671 C  CA  . LYS B 2 44 ? 6.504   -3.615  -10.350 1.00 42.08  ? 266 LYS B CA  1 
ATOM   672 C  C   . LYS B 2 44 ? 7.357   -2.404  -10.725 1.00 38.72  ? 266 LYS B C   1 
ATOM   673 O  O   . LYS B 2 44 ? 8.474   -2.564  -11.214 1.00 37.97  ? 266 LYS B O   1 
ATOM   674 C  CB  . LYS B 2 44 ? 5.455   -3.900  -11.420 1.00 42.21  ? 266 LYS B CB  1 
ATOM   675 C  CG  . LYS B 2 44 ? 4.802   -5.256  -11.232 1.00 57.93  ? 266 LYS B CG  1 
ATOM   676 C  CD  . LYS B 2 44 ? 5.825   -6.380  -11.369 1.00 65.43  ? 266 LYS B CD  1 
ATOM   677 C  CE  . LYS B 2 44 ? 5.316   -7.711  -10.808 1.00 69.75  ? 266 LYS B CE  1 
ATOM   678 N  NZ  . LYS B 2 44 ? 5.398   -7.761  -9.315  1.00 66.49  ? 266 LYS B NZ  1 
ATOM   679 N  N   . LYS B 2 45 ? 6.846   -1.203  -10.482 1.00 33.49  ? 267 LYS B N   1 
ATOM   680 C  CA  . LYS B 2 45 ? 7.590   0.010   -10.802 1.00 32.99  ? 267 LYS B CA  1 
ATOM   681 C  C   . LYS B 2 45 ? 8.891   0.044   -10.006 1.00 34.82  ? 267 LYS B C   1 
ATOM   682 O  O   . LYS B 2 45 ? 9.971   0.281   -10.556 1.00 36.33  ? 267 LYS B O   1 
ATOM   683 C  CB  . LYS B 2 45 ? 6.759   1.246   -10.470 1.00 38.75  ? 267 LYS B CB  1 
ATOM   684 C  CG  . LYS B 2 45 ? 7.355   2.545   -10.974 1.00 46.51  ? 267 LYS B CG  1 
ATOM   685 C  CD  . LYS B 2 45 ? 6.396   3.700   -10.728 1.00 62.74  ? 267 LYS B CD  1 
ATOM   686 C  CE  . LYS B 2 45 ? 6.780   4.949   -11.523 1.00 68.67  ? 267 LYS B CE  1 
ATOM   687 N  NZ  . LYS B 2 45 ? 5.727   6.009   -11.445 1.00 64.91  ? 267 LYS B NZ  1 
ATOM   688 N  N   . VAL B 2 46 ? 8.780   -0.189  -8.704  1.00 31.78  ? 268 VAL B N   1 
ATOM   689 C  CA  . VAL B 2 46 ? 9.941   -0.200  -7.829  1.00 34.22  ? 268 VAL B CA  1 
ATOM   690 C  C   . VAL B 2 46 ? 10.959  -1.244  -8.297  1.00 36.24  ? 268 VAL B C   1 
ATOM   691 O  O   . VAL B 2 46 ? 12.173  -1.003  -8.270  1.00 32.85  ? 268 VAL B O   1 
ATOM   692 C  CB  . VAL B 2 46 ? 9.506   -0.474  -6.373  1.00 29.34  ? 268 VAL B CB  1 
ATOM   693 C  CG1 . VAL B 2 46 ? 10.623  -1.138  -5.594  1.00 28.73  ? 268 VAL B CG1 1 
ATOM   694 C  CG2 . VAL B 2 46 ? 9.124   0.837   -5.719  1.00 31.82  ? 268 VAL B CG2 1 
ATOM   695 N  N   . GLU B 2 47 ? 10.465  -2.402  -8.723  1.00 35.74  ? 269 GLU B N   1 
ATOM   696 C  CA  . GLU B 2 47 ? 11.342  -3.443  -9.217  1.00 42.53  ? 269 GLU B CA  1 
ATOM   697 C  C   . GLU B 2 47 ? 11.968  -2.942  -10.525 1.00 44.27  ? 269 GLU B C   1 
ATOM   698 O  O   . GLU B 2 47 ? 13.147  -3.184  -10.797 1.00 42.80  ? 269 GLU B O   1 
ATOM   699 C  CB  . GLU B 2 47 ? 10.556  -4.734  -9.450  1.00 54.17  ? 269 GLU B CB  1 
ATOM   700 C  CG  . GLU B 2 47 ? 10.363  -5.571  -8.190  1.00 68.31  ? 269 GLU B CG  1 
ATOM   701 C  CD  . GLU B 2 47 ? 9.396   -6.735  -8.377  1.00 73.73  ? 269 GLU B CD  1 
ATOM   702 O  OE1 . GLU B 2 47 ? 9.408   -7.366  -9.457  1.00 75.36  ? 269 GLU B OE1 1 
ATOM   703 O  OE2 . GLU B 2 47 ? 8.632   -7.030  -7.432  1.00 74.62  ? 269 GLU B OE2 1 
ATOM   704 N  N   . GLN B 2 48 ? 11.188  -2.215  -11.319 1.00 41.22  ? 270 GLN B N   1 
ATOM   705 C  CA  . GLN B 2 48 ? 11.685  -1.699  -12.587 1.00 46.09  ? 270 GLN B CA  1 
ATOM   706 C  C   . GLN B 2 48 ? 12.782  -0.664  -12.349 1.00 42.89  ? 270 GLN B C   1 
ATOM   707 O  O   . GLN B 2 48 ? 13.876  -0.758  -12.922 1.00 41.52  ? 270 GLN B O   1 
ATOM   708 C  CB  . GLN B 2 48 ? 10.544  -1.080  -13.395 1.00 55.40  ? 270 GLN B CB  1 
ATOM   709 C  CG  . GLN B 2 48 ? 10.860  -0.905  -14.873 1.00 69.49  ? 270 GLN B CG  1 
ATOM   710 C  CD  . GLN B 2 48 ? 10.798  0.543   -15.320 1.00 77.76  ? 270 GLN B CD  1 
ATOM   711 O  OE1 . GLN B 2 48 ? 11.590  1.378   -14.877 1.00 83.29  ? 270 GLN B OE1 1 
ATOM   712 N  NE2 . GLN B 2 48 ? 9.852   0.850   -16.201 1.00 78.51  ? 270 GLN B NE2 1 
ATOM   713 N  N   . LEU B 2 49 ? 12.490  0.319   -11.500 1.00 36.31  ? 271 LEU B N   1 
ATOM   714 C  CA  . LEU B 2 49 ? 13.457  1.365   -11.185 1.00 29.92  ? 271 LEU B CA  1 
ATOM   715 C  C   . LEU B 2 49 ? 14.708  0.802   -10.513 1.00 31.97  ? 271 LEU B C   1 
ATOM   716 O  O   . LEU B 2 49 ? 15.792  1.349   -10.676 1.00 28.55  ? 271 LEU B O   1 
ATOM   717 C  CB  . LEU B 2 49 ? 12.817  2.427   -10.293 1.00 27.89  ? 271 LEU B CB  1 
ATOM   718 C  CG  . LEU B 2 49 ? 11.625  3.141   -10.936 1.00 28.75  ? 271 LEU B CG  1 
ATOM   719 C  CD1 . LEU B 2 49 ? 10.813  3.866   -9.874  1.00 30.48  ? 271 LEU B CD1 1 
ATOM   720 C  CD2 . LEU B 2 49 ? 12.120  4.119   -11.983 1.00 26.45  ? 271 LEU B CD2 1 
ATOM   721 N  N   . SER B 2 50 ? 14.568  -0.290  -9.768  1.00 26.41  ? 272 SER B N   1 
ATOM   722 C  CA  . SER B 2 50 ? 15.730  -0.879  -9.117  1.00 23.76  ? 272 SER B CA  1 
ATOM   723 C  C   . SER B 2 50 ? 16.700  -1.420  -10.149 1.00 26.95  ? 272 SER B C   1 
ATOM   724 O  O   . SER B 2 50 ? 17.910  -1.283  -9.986  1.00 32.43  ? 272 SER B O   1 
ATOM   725 C  CB  . SER B 2 50 ? 15.326  -2.018  -8.185  1.00 26.26  ? 272 SER B CB  1 
ATOM   726 O  OG  . SER B 2 50 ? 14.576  -1.547  -7.093  1.00 36.90  ? 272 SER B OG  1 
ATOM   727 N  N   . ARG B 2 51 ? 16.181  -2.043  -11.206 1.00 28.00  ? 273 ARG B N   1 
ATOM   728 C  CA  . ARG B 2 51 ? 17.039  -2.613  -12.242 1.00 32.97  ? 273 ARG B CA  1 
ATOM   729 C  C   . ARG B 2 51 ? 17.738  -1.509  -13.016 1.00 32.00  ? 273 ARG B C   1 
ATOM   730 O  O   . ARG B 2 51 ? 18.913  -1.610  -13.340 1.00 36.72  ? 273 ARG B O   1 
ATOM   731 C  CB  . ARG B 2 51 ? 16.237  -3.485  -13.214 1.00 35.33  ? 273 ARG B CB  1 
ATOM   732 C  CG  . ARG B 2 51 ? 15.685  -4.762  -12.608 1.00 49.11  ? 273 ARG B CG  1 
ATOM   733 C  CD  . ARG B 2 51 ? 15.244  -5.754  -13.685 1.00 56.93  ? 273 ARG B CD  1 
ATOM   734 N  NE  . ARG B 2 51 ? 14.090  -5.306  -14.465 1.00 63.73  ? 273 ARG B NE  1 
ATOM   735 C  CZ  . ARG B 2 51 ? 12.846  -5.221  -13.994 1.00 68.18  ? 273 ARG B CZ  1 
ATOM   736 N  NH1 . ARG B 2 51 ? 12.582  -5.553  -12.735 1.00 67.07  ? 273 ARG B NH1 1 
ATOM   737 N  NH2 . ARG B 2 51 ? 11.859  -4.812  -14.785 1.00 65.40  ? 273 ARG B NH2 1 
ATOM   738 N  N   . GLU B 2 52 ? 17.005  -0.446  -13.299 1.00 30.85  ? 274 GLU B N   1 
ATOM   739 C  CA  . GLU B 2 52 ? 17.557  0.674   -14.030 1.00 30.44  ? 274 GLU B CA  1 
ATOM   740 C  C   . GLU B 2 52 ? 18.701  1.292   -13.234 1.00 30.39  ? 274 GLU B C   1 
ATOM   741 O  O   . GLU B 2 52 ? 19.770  1.546   -13.780 1.00 36.79  ? 274 GLU B O   1 
ATOM   742 C  CB  . GLU B 2 52 ? 16.452  1.706   -14.290 1.00 34.89  ? 274 GLU B CB  1 
ATOM   743 C  CG  . GLU B 2 52 ? 16.847  2.853   -15.209 1.00 37.07  ? 274 GLU B CG  1 
ATOM   744 C  CD  . GLU B 2 52 ? 15.671  3.746   -15.542 1.00 47.45  ? 274 GLU B CD  1 
ATOM   745 O  OE1 . GLU B 2 52 ? 15.862  4.752   -16.261 1.00 47.80  ? 274 GLU B OE1 1 
ATOM   746 O  OE2 . GLU B 2 52 ? 14.545  3.437   -15.083 1.00 51.45  ? 274 GLU B OE2 1 
ATOM   747 N  N   . LEU B 2 53 ? 18.472  1.516   -11.941 1.00 28.75  ? 275 LEU B N   1 
ATOM   748 C  CA  . LEU B 2 53 ? 19.466  2.113   -11.053 1.00 23.04  ? 275 LEU B CA  1 
ATOM   749 C  C   . LEU B 2 53 ? 20.677  1.212   -10.900 1.00 29.54  ? 275 LEU B C   1 
ATOM   750 O  O   . LEU B 2 53 ? 21.817  1.689   -10.858 1.00 29.11  ? 275 LEU B O   1 
ATOM   751 C  CB  . LEU B 2 53 ? 18.864  2.373   -9.675  1.00 23.21  ? 275 LEU B CB  1 
ATOM   752 C  CG  . LEU B 2 53 ? 19.854  2.885   -8.621  1.00 31.18  ? 275 LEU B CG  1 
ATOM   753 C  CD1 . LEU B 2 53 ? 20.355  4.284   -9.020  1.00 26.40  ? 275 LEU B CD1 1 
ATOM   754 C  CD2 . LEU B 2 53 ? 19.188  2.909   -7.249  1.00 21.37  ? 275 LEU B CD2 1 
ATOM   755 N  N   . SER B 2 54 ? 20.425  -0.092  -10.815 1.00 29.62  ? 276 SER B N   1 
ATOM   756 C  CA  . SER B 2 54 ? 21.491  -1.076  -10.681 1.00 23.32  ? 276 SER B CA  1 
ATOM   757 C  C   . SER B 2 54 ? 22.447  -0.964  -11.884 1.00 30.37  ? 276 SER B C   1 
ATOM   758 O  O   . SER B 2 54 ? 23.675  -0.991  -11.738 1.00 25.69  ? 276 SER B O   1 
ATOM   759 C  CB  . SER B 2 54 ? 20.884  -2.474  -10.599 1.00 26.49  ? 276 SER B CB  1 
ATOM   760 O  OG  . SER B 2 54 ? 21.854  -3.428  -10.210 1.00 42.11  ? 276 SER B OG  1 
ATOM   761 N  N   . THR B 2 55 ? 21.887  -0.808  -13.080 1.00 29.94  ? 277 THR B N   1 
ATOM   762 C  CA  . THR B 2 55 ? 22.729  -0.676  -14.259 1.00 33.48  ? 277 THR B CA  1 
ATOM   763 C  C   . THR B 2 55 ? 23.553  0.606   -14.240 1.00 27.06  ? 277 THR B C   1 
ATOM   764 O  O   . THR B 2 55 ? 24.733  0.584   -14.566 1.00 23.18  ? 277 THR B O   1 
ATOM   765 C  CB  . THR B 2 55 ? 21.892  -0.737  -15.541 1.00 36.00  ? 277 THR B CB  1 
ATOM   766 O  OG1 . THR B 2 55 ? 21.439  -2.083  -15.724 1.00 44.27  ? 277 THR B OG1 1 
ATOM   767 C  CG2 . THR B 2 55 ? 22.717  -0.315  -16.751 1.00 35.29  ? 277 THR B CG2 1 
ATOM   768 N  N   . LEU B 2 56 ? 22.935  1.717   -13.860 1.00 22.63  ? 278 LEU B N   1 
ATOM   769 C  CA  . LEU B 2 56 ? 23.649  2.985   -13.792 1.00 24.81  ? 278 LEU B CA  1 
ATOM   770 C  C   . LEU B 2 56 ? 24.823  2.885   -12.811 1.00 28.82  ? 278 LEU B C   1 
ATOM   771 O  O   . LEU B 2 56 ? 25.940  3.313   -13.105 1.00 24.53  ? 278 LEU B O   1 
ATOM   772 C  CB  . LEU B 2 56 ? 22.696  4.098   -13.360 1.00 17.10  ? 278 LEU B CB  1 
ATOM   773 C  CG  . LEU B 2 56 ? 21.750  4.558   -14.475 1.00 25.84  ? 278 LEU B CG  1 
ATOM   774 C  CD1 . LEU B 2 56 ? 20.658  5.474   -13.905 1.00 24.18  ? 278 LEU B CD1 1 
ATOM   775 C  CD2 . LEU B 2 56 ? 22.558  5.262   -15.562 1.00 16.83  ? 278 LEU B CD2 1 
ATOM   776 N  N   . ARG B 2 57 ? 24.579  2.296   -11.648 1.00 27.48  ? 279 ARG B N   1 
ATOM   777 C  CA  . ARG B 2 57 ? 25.653  2.181   -10.681 1.00 27.49  ? 279 ARG B CA  1 
ATOM   778 C  C   . ARG B 2 57 ? 26.768  1.312   -11.238 1.00 28.76  ? 279 ARG B C   1 
ATOM   779 O  O   . ARG B 2 57 ? 27.937  1.658   -11.112 1.00 31.00  ? 279 ARG B O   1 
ATOM   780 C  CB  . ARG B 2 57 ? 25.128  1.622   -9.353  1.00 26.52  ? 279 ARG B CB  1 
ATOM   781 C  CG  . ARG B 2 57 ? 24.159  2.566   -8.643  1.00 20.62  ? 279 ARG B CG  1 
ATOM   782 C  CD  . ARG B 2 57 ? 23.644  1.964   -7.351  1.00 23.06  ? 279 ARG B CD  1 
ATOM   783 N  NE  . ARG B 2 57 ? 24.682  1.881   -6.333  1.00 27.76  ? 279 ARG B NE  1 
ATOM   784 C  CZ  . ARG B 2 57 ? 25.074  2.897   -5.573  1.00 25.96  ? 279 ARG B CZ  1 
ATOM   785 N  NH1 . ARG B 2 57 ? 24.513  4.093   -5.704  1.00 27.17  ? 279 ARG B NH1 1 
ATOM   786 N  NH2 . ARG B 2 57 ? 26.036  2.715   -4.684  1.00 29.49  ? 279 ARG B NH2 1 
ATOM   787 N  N   . ASN B 2 58 ? 26.414  0.200   -11.874 1.00 29.40  ? 280 ASN B N   1 
ATOM   788 C  CA  . ASN B 2 58 ? 27.419  -0.687  -12.438 1.00 29.89  ? 280 ASN B CA  1 
ATOM   789 C  C   . ASN B 2 58 ? 28.293  0.027   -13.465 1.00 29.47  ? 280 ASN B C   1 
ATOM   790 O  O   . ASN B 2 58 ? 29.433  -0.365  -13.710 1.00 33.88  ? 280 ASN B O   1 
ATOM   791 C  CB  . ASN B 2 58 ? 26.764  -1.908  -13.081 1.00 36.61  ? 280 ASN B CB  1 
ATOM   792 C  CG  . ASN B 2 58 ? 26.360  -2.949  -12.067 1.00 36.67  ? 280 ASN B CG  1 
ATOM   793 O  OD1 . ASN B 2 58 ? 27.005  -3.110  -11.038 1.00 44.25  ? 280 ASN B OD1 1 
ATOM   794 N  ND2 . ASN B 2 58 ? 25.305  -3.679  -12.361 1.00 48.66  ? 280 ASN B ND2 1 
ATOM   795 N  N   . LEU B 2 59 ? 27.755  1.079   -14.058 1.00 33.10  ? 281 LEU B N   1 
ATOM   796 C  CA  . LEU B 2 59 ? 28.478  1.850   -15.058 1.00 35.40  ? 281 LEU B CA  1 
ATOM   797 C  C   . LEU B 2 59 ? 29.611  2.584   -14.349 1.00 40.75  ? 281 LEU B C   1 
ATOM   798 O  O   . LEU B 2 59 ? 30.771  2.462   -14.734 1.00 36.56  ? 281 LEU B O   1 
ATOM   799 C  CB  . LEU B 2 59 ? 27.528  2.860   -15.712 1.00 41.04  ? 281 LEU B CB  1 
ATOM   800 C  CG  . LEU B 2 59 ? 27.730  3.298   -17.164 1.00 45.46  ? 281 LEU B CG  1 
ATOM   801 C  CD1 . LEU B 2 59 ? 26.673  4.334   -17.517 1.00 41.63  ? 281 LEU B CD1 1 
ATOM   802 C  CD2 . LEU B 2 59 ? 29.118  3.872   -17.356 1.00 53.95  ? 281 LEU B CD2 1 
ATOM   803 N  N   . PHE B 2 60 ? 29.265  3.346   -13.309 1.00 48.71  ? 282 PHE B N   1 
ATOM   804 C  CA  . PHE B 2 60 ? 30.259  4.100   -12.549 1.00 48.82  ? 282 PHE B CA  1 
ATOM   805 C  C   . PHE B 2 60 ? 31.204  3.215   -11.769 1.00 46.76  ? 282 PHE B C   1 
ATOM   806 O  O   . PHE B 2 60 ? 32.320  3.615   -11.486 1.00 53.88  ? 282 PHE B O   1 
ATOM   807 C  CB  . PHE B 2 60 ? 29.596  5.055   -11.568 1.00 50.09  ? 282 PHE B CB  1 
ATOM   808 C  CG  . PHE B 2 60 ? 28.988  6.247   -12.209 1.00 45.37  ? 282 PHE B CG  1 
ATOM   809 C  CD1 . PHE B 2 60 ? 27.613  6.397   -12.253 1.00 49.61  ? 282 PHE B CD1 1 
ATOM   810 C  CD2 . PHE B 2 60 ? 29.790  7.233   -12.755 1.00 50.51  ? 282 PHE B CD2 1 
ATOM   811 C  CE1 . PHE B 2 60 ? 27.035  7.520   -12.834 1.00 51.56  ? 282 PHE B CE1 1 
ATOM   812 C  CE2 . PHE B 2 60 ? 29.226  8.364   -13.340 1.00 61.39  ? 282 PHE B CE2 1 
ATOM   813 C  CZ  . PHE B 2 60 ? 27.839  8.509   -13.379 1.00 57.42  ? 282 PHE B CZ  1 
ATOM   814 N  N   . LYS B 2 61 ? 30.768  2.017   -11.411 1.00 50.33  ? 283 LYS B N   1 
ATOM   815 C  CA  . LYS B 2 61 ? 31.634  1.122   -10.653 1.00 57.59  ? 283 LYS B CA  1 
ATOM   816 C  C   . LYS B 2 61 ? 32.696  0.475   -11.534 1.00 62.71  ? 283 LYS B C   1 
ATOM   817 O  O   . LYS B 2 61 ? 32.981  -0.720  -11.411 1.00 58.61  ? 283 LYS B O   1 
ATOM   818 C  CB  . LYS B 2 61 ? 30.815  0.028   -9.957  1.00 65.89  ? 283 LYS B CB  1 
ATOM   819 C  CG  . LYS B 2 61 ? 29.769  0.547   -8.981  1.00 62.36  ? 283 LYS B CG  1 
ATOM   820 C  CD  . LYS B 2 61 ? 29.455  -0.486  -7.914  1.00 64.85  ? 283 LYS B CD  1 
ATOM   821 C  CE  . LYS B 2 61 ? 29.120  -1.848  -8.500  1.00 68.06  ? 283 LYS B CE  1 
ATOM   822 N  NZ  . LYS B 2 61 ? 28.904  -2.869  -7.432  1.00 67.90  ? 283 LYS B NZ  1 
ATOM   823 N  N   . GLN B 2 62 ? 33.288  1.270   -12.419 1.00 72.43  ? 284 GLN B N   1 
ATOM   824 C  CA  . GLN B 2 62 ? 34.325  0.775   -13.312 1.00 78.73  ? 284 GLN B CA  1 
ATOM   825 C  C   . GLN B 2 62 ? 35.711  1.208   -12.875 1.00 81.15  ? 284 GLN B C   1 
ATOM   826 O  O   . GLN B 2 62 ? 36.469  0.408   -12.324 1.00 80.13  ? 284 GLN B O   1 
ATOM   827 C  CB  . GLN B 2 62 ? 34.066  1.243   -14.740 1.00 79.12  ? 284 GLN B CB  1 
ATOM   828 C  CG  . GLN B 2 62 ? 32.878  0.560   -15.366 1.00 87.90  ? 284 GLN B CG  1 
ATOM   829 C  CD  . GLN B 2 62 ? 32.924  -0.945  -15.179 1.00 90.07  ? 284 GLN B CD  1 
ATOM   830 O  OE1 . GLN B 2 62 ? 33.869  -1.606  -15.608 1.00 93.76  ? 284 GLN B OE1 1 
ATOM   831 N  NE2 . GLN B 2 62 ? 31.902  -1.492  -14.530 1.00 92.99  ? 284 GLN B NE2 1 
ATOM   832 N  N   . LEU B 2 63 ? 36.034  2.476   -13.122 1.00 84.97  ? 285 LEU B N   1 
ATOM   833 C  CA  . LEU B 2 63 ? 37.339  3.027   -12.765 1.00 88.35  ? 285 LEU B CA  1 
ATOM   834 C  C   . LEU B 2 63 ? 38.460  2.023   -13.061 1.00 94.36  ? 285 LEU B C   1 
ATOM   835 O  O   . LEU B 2 63 ? 38.214  1.063   -13.826 1.00 100.00 ? 285 LEU B O   1 
ATOM   836 C  CB  . LEU B 2 63 ? 37.374  3.436   -11.282 1.00 80.66  ? 285 LEU B CB  1 
ATOM   837 C  CG  . LEU B 2 63 ? 36.447  4.558   -10.787 1.00 74.17  ? 285 LEU B CG  1 
ATOM   838 C  CD1 . LEU B 2 63 ? 35.037  4.027   -10.643 1.00 66.86  ? 285 LEU B CD1 1 
ATOM   839 C  CD2 . LEU B 2 63 ? 36.934  5.088   -9.442  1.00 66.88  ? 285 LEU B CD2 1 
ATOM   840 O  OXT . LEU B 2 63 ? 39.583  2.213   -12.548 1.00 98.54  ? 285 LEU B OXT 1 
HETATM 841 FE FE  . FE  C 3 .  ? 21.622  11.502  -4.240  0.50 47.16  ? 402 FE  A FE  1 
HETATM 842 C  C1  . BME D 4 .  ? -10.600 2.777   5.498   1.00 56.90  ? 500 BME A C1  1 
HETATM 843 C  C2  . BME D 4 .  ? -9.657  3.260   4.384   1.00 53.16  ? 500 BME A C2  1 
HETATM 844 O  O1  . BME D 4 .  ? -10.268 3.434   6.713   1.00 72.37  ? 500 BME A O1  1 
HETATM 845 S  S2  . BME D 4 .  ? -8.105  2.325   4.405   1.00 41.79  ? 500 BME A S2  1 
HETATM 846 FE FE  . FE  E 3 .  ? 24.085  -4.628  -15.680 0.50 33.90  ? 400 FE  B FE  1 
HETATM 847 FE FE  . FE  F 3 .  ? -18.157 1.652   -3.203  0.50 74.82  ? 401 FE  B FE  1 
HETATM 848 O  O   . HOH G 5 .  ? 21.888  2.722   -3.611  1.00 40.79  ? 2   HOH A O   1 
HETATM 849 O  O   . HOH G 5 .  ? 15.057  9.266   -14.713 1.00 62.19  ? 3   HOH A O   1 
HETATM 850 O  O   . HOH G 5 .  ? 20.859  17.119  -17.294 1.00 48.24  ? 4   HOH A O   1 
HETATM 851 O  O   . HOH G 5 .  ? -10.232 -7.332  15.144  1.00 35.21  ? 5   HOH A O   1 
HETATM 852 O  O   . HOH G 5 .  ? -10.812 -7.887  2.819   1.00 39.90  ? 6   HOH A O   1 
HETATM 853 O  O   . HOH G 5 .  ? -9.842  6.683   6.980   1.00 57.21  ? 8   HOH A O   1 
HETATM 854 O  O   . HOH G 5 .  ? 8.330   7.569   -9.114  1.00 46.39  ? 9   HOH A O   1 
HETATM 855 O  O   . HOH G 5 .  ? -20.363 -3.696  10.671  1.00 48.16  ? 11  HOH A O   1 
HETATM 856 O  O   . HOH G 5 .  ? -4.036  5.801   -0.108  1.00 60.42  ? 12  HOH A O   1 
HETATM 857 O  O   . HOH G 5 .  ? -25.289 -10.001 9.363   1.00 44.86  ? 13  HOH A O   1 
HETATM 858 O  O   . HOH G 5 .  ? 24.413  16.521  -16.803 1.00 61.35  ? 14  HOH A O   1 
HETATM 859 O  O   . HOH G 5 .  ? 15.341  2.719   -2.496  1.00 47.24  ? 15  HOH A O   1 
HETATM 860 O  O   . HOH G 5 .  ? 10.440  0.582   2.572   1.00 50.37  ? 18  HOH A O   1 
HETATM 861 O  O   . HOH G 5 .  ? -12.618 -10.789 13.304  1.00 34.30  ? 19  HOH A O   1 
HETATM 862 O  O   . HOH G 5 .  ? -18.431 -7.898  8.813   1.00 55.10  ? 21  HOH A O   1 
HETATM 863 O  O   . HOH G 5 .  ? 4.362   -0.729  7.026   1.00 51.17  ? 22  HOH A O   1 
HETATM 864 O  O   . HOH G 5 .  ? -23.780 -7.807  27.997  1.00 59.07  ? 23  HOH A O   1 
HETATM 865 O  O   . HOH G 5 .  ? -15.360 -0.504  17.074  1.00 46.12  ? 24  HOH A O   1 
HETATM 866 O  O   . HOH G 5 .  ? 13.041  12.452  -9.732  1.00 53.60  ? 25  HOH A O   1 
HETATM 867 O  O   . HOH G 5 .  ? 17.286  17.885  -9.385  1.00 50.38  ? 26  HOH A O   1 
HETATM 868 O  O   . HOH G 5 .  ? -16.519 -8.745  7.232   1.00 48.53  ? 28  HOH A O   1 
HETATM 869 O  O   . HOH G 5 .  ? -18.325 -5.277  10.062  1.00 59.06  ? 29  HOH A O   1 
HETATM 870 O  O   . HOH G 5 .  ? -23.515 -4.372  23.027  1.00 52.18  ? 31  HOH A O   1 
HETATM 871 O  O   . HOH G 5 .  ? -19.319 -1.153  9.441   1.00 36.58  ? 36  HOH A O   1 
HETATM 872 O  O   . HOH G 5 .  ? 21.415  16.353  -10.794 1.00 53.48  ? 37  HOH A O   1 
HETATM 873 O  O   . HOH G 5 .  ? 17.211  16.936  -12.682 1.00 54.29  ? 38  HOH A O   1 
HETATM 874 O  O   . HOH G 5 .  ? -0.731  6.769   4.313   1.00 59.03  ? 39  HOH A O   1 
HETATM 875 O  O   . HOH G 5 .  ? -21.399 -6.840  7.942   1.00 49.57  ? 40  HOH A O   1 
HETATM 876 O  O   . HOH G 5 .  ? -20.779 -1.664  18.587  1.00 58.82  ? 41  HOH A O   1 
HETATM 877 O  O   . HOH G 5 .  ? -25.114 -15.719 30.632  1.00 78.98  ? 42  HOH A O   1 
HETATM 878 O  O   . HOH G 5 .  ? -17.782 -4.781  24.855  1.00 47.48  ? 43  HOH A O   1 
HETATM 879 O  O   . HOH G 5 .  ? 17.891  13.743  -8.187  1.00 50.63  ? 44  HOH A O   1 
HETATM 880 O  O   . HOH G 5 .  ? 9.914   10.429  -12.212 1.00 57.84  ? 53  HOH A O   1 
HETATM 881 O  O   . HOH G 5 .  ? -33.946 -18.915 22.182  1.00 66.64  ? 56  HOH A O   1 
HETATM 882 O  O   . HOH G 5 .  ? 12.676  11.098  -2.044  1.00 51.91  ? 57  HOH A O   1 
HETATM 883 O  O   . HOH G 5 .  ? -21.054 -2.276  13.056  1.00 68.02  ? 58  HOH A O   1 
HETATM 884 O  O   . HOH G 5 .  ? -23.580 -12.761 27.988  1.00 53.65  ? 61  HOH A O   1 
HETATM 885 O  O   . HOH G 5 .  ? 12.285  7.851   0.889   1.00 70.31  ? 62  HOH A O   1 
HETATM 886 O  O   . HOH G 5 .  ? 15.553  11.039  -1.592  1.00 52.18  ? 63  HOH A O   1 
HETATM 887 O  O   . HOH G 5 .  ? 11.693  10.236  2.571   1.00 63.32  ? 64  HOH A O   1 
HETATM 888 O  O   . HOH G 5 .  ? 9.297   7.283   -12.459 1.00 58.13  ? 65  HOH A O   1 
HETATM 889 O  O   . HOH G 5 .  ? 12.836  11.515  -12.400 1.00 39.36  ? 66  HOH A O   1 
HETATM 890 O  O   . HOH G 5 .  ? -15.950 -0.688  14.445  1.00 40.87  ? 70  HOH A O   1 
HETATM 891 O  O   . HOH G 5 .  ? 4.356   4.145   5.399   1.00 45.40  ? 74  HOH A O   1 
HETATM 892 O  O   . HOH G 5 .  ? 16.549  9.196   -18.782 1.00 56.76  ? 75  HOH A O   1 
HETATM 893 O  O   . HOH G 5 .  ? 13.100  13.722  -14.646 1.00 64.95  ? 76  HOH A O   1 
HETATM 894 O  O   . HOH G 5 .  ? 31.902  18.923  -18.517 1.00 49.11  ? 79  HOH A O   1 
HETATM 895 O  O   . HOH G 5 .  ? -13.389 -8.237  3.130   1.00 53.36  ? 82  HOH A O   1 
HETATM 896 O  O   . HOH G 5 .  ? -15.961 -12.774 12.836  1.00 55.10  ? 83  HOH A O   1 
HETATM 897 O  O   . HOH G 5 .  ? -14.593 -15.039 14.154  1.00 71.61  ? 84  HOH A O   1 
HETATM 898 O  O   . HOH G 5 .  ? -28.421 -4.285  16.850  1.00 66.22  ? 85  HOH A O   1 
HETATM 899 O  O   . HOH H 5 .  ? -13.497 3.411   -1.855  1.00 48.59  ? 1   HOH B O   1 
HETATM 900 O  O   . HOH H 5 .  ? -20.027 -9.189  0.171   0.50 16.91  ? 7   HOH B O   1 
HETATM 901 O  O   . HOH H 5 .  ? 24.494  -0.735  -6.375  1.00 39.93  ? 10  HOH B O   1 
HETATM 902 O  O   . HOH H 5 .  ? -4.162  -7.477  0.097   1.00 60.13  ? 16  HOH B O   1 
HETATM 903 O  O   . HOH H 5 .  ? -5.881  1.064   -8.138  1.00 36.86  ? 17  HOH B O   1 
HETATM 904 O  O   . HOH H 5 .  ? 18.004  -1.114  -6.815  1.00 59.63  ? 20  HOH B O   1 
HETATM 905 O  O   . HOH H 5 .  ? 17.923  -5.028  -9.313  1.00 51.37  ? 27  HOH B O   1 
HETATM 906 O  O   . HOH H 5 .  ? -0.970  -6.758  -0.684  1.00 50.30  ? 30  HOH B O   1 
HETATM 907 O  O   . HOH H 5 .  ? 30.296  -3.717  -15.435 1.00 39.53  ? 32  HOH B O   1 
HETATM 908 O  O   . HOH H 5 .  ? 26.064  5.267   -3.176  1.00 30.20  ? 33  HOH B O   1 
HETATM 909 O  O   . HOH H 5 .  ? 13.401  6.292   -15.177 1.00 48.80  ? 34  HOH B O   1 
HETATM 910 O  O   . HOH H 5 .  ? -13.724 3.121   3.702   1.00 61.03  ? 35  HOH B O   1 
HETATM 911 O  O   . HOH H 5 .  ? 24.171  -6.436  -9.597  1.00 57.86  ? 45  HOH B O   1 
HETATM 912 O  O   . HOH H 5 .  ? 13.343  -4.728  -5.915  1.00 52.37  ? 46  HOH B O   1 
HETATM 913 O  O   . HOH H 5 .  ? 0.434   -5.800  -11.725 1.00 67.52  ? 47  HOH B O   1 
HETATM 914 O  O   . HOH H 5 .  ? -5.710  -6.113  -8.936  1.00 49.74  ? 48  HOH B O   1 
HETATM 915 O  O   . HOH H 5 .  ? -14.064 5.676   -3.371  1.00 47.46  ? 49  HOH B O   1 
HETATM 916 O  O   . HOH H 5 .  ? -27.708 -4.916  4.578   1.00 62.99  ? 50  HOH B O   1 
HETATM 917 O  O   . HOH H 5 .  ? -24.496 -2.945  12.407  1.00 61.30  ? 51  HOH B O   1 
HETATM 918 O  O   . HOH H 5 .  ? -1.767  4.162   -2.476  1.00 59.59  ? 52  HOH B O   1 
HETATM 919 O  O   . HOH H 5 .  ? 3.422   -6.311  -3.363  1.00 43.46  ? 54  HOH B O   1 
HETATM 920 O  O   . HOH H 5 .  ? -6.928  -5.604  -6.258  1.00 44.02  ? 55  HOH B O   1 
HETATM 921 O  O   . HOH H 5 .  ? 8.491   -3.427  -15.880 1.00 58.67  ? 59  HOH B O   1 
HETATM 922 O  O   . HOH H 5 .  ? -3.999  -0.882  -11.647 1.00 53.11  ? 60  HOH B O   1 
HETATM 923 O  O   . HOH H 5 .  ? -8.487  -0.540  -8.701  1.00 47.68  ? 67  HOH B O   1 
HETATM 924 O  O   . HOH H 5 .  ? 3.476   1.615   -13.265 1.00 64.38  ? 68  HOH B O   1 
HETATM 925 O  O   . HOH H 5 .  ? -8.622  -4.014  -9.229  1.00 54.71  ? 69  HOH B O   1 
HETATM 926 O  O   . HOH H 5 .  ? 2.791   -10.092 -10.890 1.00 60.17  ? 71  HOH B O   1 
HETATM 927 O  O   . HOH H 5 .  ? -3.151  1.412   -9.703  1.00 45.68  ? 72  HOH B O   1 
HETATM 928 O  O   . HOH H 5 .  ? -27.841 4.832   11.494  1.00 54.01  ? 73  HOH B O   1 
HETATM 929 O  O   . HOH H 5 .  ? -29.492 -3.990  14.285  1.00 55.17  ? 77  HOH B O   1 
HETATM 930 O  O   . HOH H 5 .  ? 13.497  -0.554  -16.116 1.00 53.90  ? 78  HOH B O   1 
HETATM 931 O  O   . HOH H 5 .  ? 32.162  -2.769  -12.390 1.00 53.99  ? 80  HOH B O   1 
HETATM 932 O  O   . HOH H 5 .  ? -10.211 7.044   -0.338  1.00 48.93  ? 81  HOH B O   1 
HETATM 933 O  O   . HOH H 5 .  ? -19.942 5.279   5.063   1.00 47.73  ? 86  HOH B O   1 
# 
loop_
_pdbx_poly_seq_scheme.asym_id 
_pdbx_poly_seq_scheme.entity_id 
_pdbx_poly_seq_scheme.seq_id 
_pdbx_poly_seq_scheme.mon_id 
_pdbx_poly_seq_scheme.ndb_seq_num 
_pdbx_poly_seq_scheme.pdb_seq_num 
_pdbx_poly_seq_scheme.auth_seq_num 
_pdbx_poly_seq_scheme.pdb_mon_id 
_pdbx_poly_seq_scheme.auth_mon_id 
_pdbx_poly_seq_scheme.pdb_strand_id 
_pdbx_poly_seq_scheme.pdb_ins_code 
_pdbx_poly_seq_scheme.hetero 
A 1 1  MET 1  279 ?   ?   ?   A . n 
A 1 2  LYS 2  280 ?   ?   ?   A . n 
A 1 3  LYS 3  281 ?   ?   ?   A . n 
A 1 4  LEU 4  282 ?   ?   ?   A . n 
A 1 5  LYS 5  283 ?   ?   ?   A . n 
A 1 6  LYS 6  284 ?   ?   ?   A . n 
A 1 7  MET 7  285 ?   ?   ?   A . n 
A 1 8  GLU 8  286 286 GLU GLU A . n 
A 1 9  GLN 9  287 287 GLN GLN A . n 
A 1 10 ASN 10 288 288 ASN ASN A . n 
A 1 11 LYS 11 289 289 LYS LYS A . n 
A 1 12 THR 12 290 290 THR THR A . n 
A 1 13 ALA 13 291 291 ALA ALA A . n 
A 1 14 ALA 14 292 292 ALA ALA A . n 
A 1 15 THR 15 293 293 THR THR A . n 
A 1 16 ARG 16 294 294 ARG ARG A . n 
A 1 17 TYR 17 295 295 TYR TYR A . n 
A 1 18 ARG 18 296 296 ARG ARG A . n 
A 1 19 GLN 19 297 297 GLN GLN A . n 
A 1 20 LYS 20 298 298 LYS LYS A . n 
A 1 21 LYS 21 299 299 LYS LYS A . n 
A 1 22 ARG 22 300 300 ARG ARG A . n 
A 1 23 ALA 23 301 301 ALA ALA A . n 
A 1 24 GLU 24 302 302 GLU GLU A . n 
A 1 25 GLN 25 303 303 GLN GLN A . n 
A 1 26 GLU 26 304 304 GLU GLU A . n 
A 1 27 ALA 27 305 305 ALA ALA A . n 
A 1 28 LEU 28 306 306 LEU LEU A . n 
A 1 29 THR 29 307 307 THR THR A . n 
A 1 30 GLY 30 308 308 GLY GLY A . n 
A 1 31 GLU 31 309 309 GLU GLU A . n 
A 1 32 CYS 32 310 310 CYS CYS A . n 
A 1 33 LYS 33 311 311 LYS LYS A . n 
A 1 34 GLU 34 312 312 GLU GLU A . n 
A 1 35 LEU 35 313 313 LEU LEU A . n 
A 1 36 GLU 36 314 314 GLU GLU A . n 
A 1 37 LYS 37 315 315 LYS LYS A . n 
A 1 38 LYS 38 316 316 LYS LYS A . n 
A 1 39 ASN 39 317 317 ASN ASN A . n 
A 1 40 GLU 40 318 318 GLU GLU A . n 
A 1 41 ALA 41 319 319 ALA ALA A . n 
A 1 42 LEU 42 320 320 LEU LEU A . n 
A 1 43 LYS 43 321 321 LYS LYS A . n 
A 1 44 GLU 44 322 322 GLU GLU A . n 
A 1 45 ARG 45 323 323 ARG ARG A . n 
A 1 46 ALA 46 324 324 ALA ALA A . n 
A 1 47 ASP 47 325 325 ASP ASP A . n 
A 1 48 SER 48 326 326 SER SER A . n 
A 1 49 LEU 49 327 327 LEU LEU A . n 
A 1 50 ALA 50 328 328 ALA ALA A . n 
A 1 51 LYS 51 329 329 LYS LYS A . n 
A 1 52 GLU 52 330 330 GLU GLU A . n 
A 1 53 ILE 53 331 331 ILE ILE A . n 
A 1 54 GLN 54 332 332 GLN GLN A . n 
A 1 55 TYR 55 333 333 TYR TYR A . n 
A 1 56 LEU 56 334 334 LEU LEU A . n 
A 1 57 LYS 57 335 335 LYS LYS A . n 
A 1 58 ASP 58 336 336 ASP ASP A . n 
A 1 59 LEU 59 337 337 LEU LEU A . n 
A 1 60 ILE 60 338 338 ILE ILE A . n 
A 1 61 GLU 61 339 339 GLU GLU A . n 
A 1 62 GLU 62 340 340 GLU GLU A . n 
A 1 63 VAL 63 341 341 VAL VAL A . n 
B 2 1  MET 1  223 ?   ?   ?   B . n 
B 2 2  GLU 2  224 ?   ?   ?   B . n 
B 2 3  TYR 3  225 ?   ?   ?   B . n 
B 2 4  LYS 4  226 ?   ?   ?   B . n 
B 2 5  MET 5  227 ?   ?   ?   B . n 
B 2 6  ARG 6  228 ?   ?   ?   B . n 
B 2 7  ARG 7  229 ?   ?   ?   B . n 
B 2 8  GLU 8  230 ?   ?   ?   B . n 
B 2 9  ARG 9  231 ?   ?   ?   B . n 
B 2 10 ASN 10 232 ?   ?   ?   B . n 
B 2 11 ASN 11 233 ?   ?   ?   B . n 
B 2 12 ILE 12 234 ?   ?   ?   B . n 
B 2 13 ALA 13 235 ?   ?   ?   B . n 
B 2 14 VAL 14 236 ?   ?   ?   B . n 
B 2 15 ARG 15 237 ?   ?   ?   B . n 
B 2 16 LYS 16 238 ?   ?   ?   B . n 
B 2 17 SER 17 239 239 SER SER B . n 
B 2 18 ARG 18 240 240 ARG ARG B . n 
B 2 19 ASP 19 241 241 ASP ASP B . n 
B 2 20 LYS 20 242 242 LYS LYS B . n 
B 2 21 ALA 21 243 243 ALA ALA B . n 
B 2 22 LYS 22 244 244 LYS LYS B . n 
B 2 23 MET 23 245 245 MET MET B . n 
B 2 24 ARG 24 246 246 ARG ARG B . n 
B 2 25 ASN 25 247 247 ASN ASN B . n 
B 2 26 LEU 26 248 248 LEU LEU B . n 
B 2 27 GLU 27 249 249 GLU GLU B . n 
B 2 28 THR 28 250 250 THR THR B . n 
B 2 29 GLN 29 251 251 GLN GLN B . n 
B 2 30 HIS 30 252 252 HIS HIS B . n 
B 2 31 LYS 31 253 253 LYS LYS B . n 
B 2 32 VAL 32 254 254 VAL VAL B . n 
B 2 33 LEU 33 255 255 LEU LEU B . n 
B 2 34 GLU 34 256 256 GLU GLU B . n 
B 2 35 LEU 35 257 257 LEU LEU B . n 
B 2 36 THR 36 258 258 THR THR B . n 
B 2 37 ALA 37 259 259 ALA ALA B . n 
B 2 38 GLU 38 260 260 GLU GLU B . n 
B 2 39 ASN 39 261 261 ASN ASN B . n 
B 2 40 GLU 40 262 262 GLU GLU B . n 
B 2 41 ARG 41 263 263 ARG ARG B . n 
B 2 42 LEU 42 264 264 LEU LEU B . n 
B 2 43 GLN 43 265 265 GLN GLN B . n 
B 2 44 LYS 44 266 266 LYS LYS B . n 
B 2 45 LYS 45 267 267 LYS LYS B . n 
B 2 46 VAL 46 268 268 VAL VAL B . n 
B 2 47 GLU 47 269 269 GLU GLU B . n 
B 2 48 GLN 48 270 270 GLN GLN B . n 
B 2 49 LEU 49 271 271 LEU LEU B . n 
B 2 50 SER 50 272 272 SER SER B . n 
B 2 51 ARG 51 273 273 ARG ARG B . n 
B 2 52 GLU 52 274 274 GLU GLU B . n 
B 2 53 LEU 53 275 275 LEU LEU B . n 
B 2 54 SER 54 276 276 SER SER B . n 
B 2 55 THR 55 277 277 THR THR B . n 
B 2 56 LEU 56 278 278 LEU LEU B . n 
B 2 57 ARG 57 279 279 ARG ARG B . n 
B 2 58 ASN 58 280 280 ASN ASN B . n 
B 2 59 LEU 59 281 281 LEU LEU B . n 
B 2 60 PHE 60 282 282 PHE PHE B . n 
B 2 61 LYS 61 283 283 LYS LYS B . n 
B 2 62 GLN 62 284 284 GLN GLN B . n 
B 2 63 LEU 63 285 285 LEU LEU B . n 
# 
loop_
_pdbx_nonpoly_scheme.asym_id 
_pdbx_nonpoly_scheme.entity_id 
_pdbx_nonpoly_scheme.mon_id 
_pdbx_nonpoly_scheme.ndb_seq_num 
_pdbx_nonpoly_scheme.pdb_seq_num 
_pdbx_nonpoly_scheme.auth_seq_num 
_pdbx_nonpoly_scheme.pdb_mon_id 
_pdbx_nonpoly_scheme.auth_mon_id 
_pdbx_nonpoly_scheme.pdb_strand_id 
_pdbx_nonpoly_scheme.pdb_ins_code 
C 3 FE  1  402 402 FE  FE  A . 
D 4 BME 1  500 500 BME SEO A . 
E 3 FE  1  400 400 FE  FE  B . 
F 3 FE  1  401 401 FE  FE  B . 
G 5 HOH 1  2   2   HOH HOH A . 
G 5 HOH 2  3   3   HOH HOH A . 
G 5 HOH 3  4   4   HOH HOH A . 
G 5 HOH 4  5   5   HOH HOH A . 
G 5 HOH 5  6   6   HOH HOH A . 
G 5 HOH 6  8   8   HOH HOH A . 
G 5 HOH 7  9   9   HOH HOH A . 
G 5 HOH 8  11  11  HOH HOH A . 
G 5 HOH 9  12  12  HOH HOH A . 
G 5 HOH 10 13  13  HOH HOH A . 
G 5 HOH 11 14  14  HOH HOH A . 
G 5 HOH 12 15  15  HOH HOH A . 
G 5 HOH 13 18  18  HOH HOH A . 
G 5 HOH 14 19  19  HOH HOH A . 
G 5 HOH 15 21  21  HOH HOH A . 
G 5 HOH 16 22  22  HOH HOH A . 
G 5 HOH 17 23  23  HOH HOH A . 
G 5 HOH 18 24  24  HOH HOH A . 
G 5 HOH 19 25  25  HOH HOH A . 
G 5 HOH 20 26  26  HOH HOH A . 
G 5 HOH 21 28  28  HOH HOH A . 
G 5 HOH 22 29  29  HOH HOH A . 
G 5 HOH 23 31  31  HOH HOH A . 
G 5 HOH 24 36  36  HOH HOH A . 
G 5 HOH 25 37  37  HOH HOH A . 
G 5 HOH 26 38  38  HOH HOH A . 
G 5 HOH 27 39  39  HOH HOH A . 
G 5 HOH 28 40  40  HOH HOH A . 
G 5 HOH 29 41  41  HOH HOH A . 
G 5 HOH 30 42  42  HOH HOH A . 
G 5 HOH 31 43  43  HOH HOH A . 
G 5 HOH 32 44  44  HOH HOH A . 
G 5 HOH 33 53  53  HOH HOH A . 
G 5 HOH 34 56  56  HOH HOH A . 
G 5 HOH 35 57  57  HOH HOH A . 
G 5 HOH 36 58  58  HOH HOH A . 
G 5 HOH 37 61  61  HOH HOH A . 
G 5 HOH 38 62  62  HOH HOH A . 
G 5 HOH 39 63  63  HOH HOH A . 
G 5 HOH 40 64  64  HOH HOH A . 
G 5 HOH 41 65  65  HOH HOH A . 
G 5 HOH 42 66  66  HOH HOH A . 
G 5 HOH 43 70  70  HOH HOH A . 
G 5 HOH 44 74  74  HOH HOH A . 
G 5 HOH 45 75  75  HOH HOH A . 
G 5 HOH 46 76  76  HOH HOH A . 
G 5 HOH 47 79  79  HOH HOH A . 
G 5 HOH 48 82  82  HOH HOH A . 
G 5 HOH 49 83  83  HOH HOH A . 
G 5 HOH 50 84  84  HOH HOH A . 
G 5 HOH 51 85  85  HOH HOH A . 
H 5 HOH 1  1   1   HOH HOH B . 
H 5 HOH 2  7   7   HOH HOH B . 
H 5 HOH 3  10  10  HOH HOH B . 
H 5 HOH 4  16  16  HOH HOH B . 
H 5 HOH 5  17  17  HOH HOH B . 
H 5 HOH 6  20  20  HOH HOH B . 
H 5 HOH 7  27  27  HOH HOH B . 
H 5 HOH 8  30  30  HOH HOH B . 
H 5 HOH 9  32  32  HOH HOH B . 
H 5 HOH 10 33  33  HOH HOH B . 
H 5 HOH 11 34  34  HOH HOH B . 
H 5 HOH 12 35  35  HOH HOH B . 
H 5 HOH 13 45  45  HOH HOH B . 
H 5 HOH 14 46  46  HOH HOH B . 
H 5 HOH 15 47  47  HOH HOH B . 
H 5 HOH 16 48  48  HOH HOH B . 
H 5 HOH 17 49  49  HOH HOH B . 
H 5 HOH 18 50  50  HOH HOH B . 
H 5 HOH 19 51  51  HOH HOH B . 
H 5 HOH 20 52  52  HOH HOH B . 
H 5 HOH 21 54  54  HOH HOH B . 
H 5 HOH 22 55  55  HOH HOH B . 
H 5 HOH 23 59  59  HOH HOH B . 
H 5 HOH 24 60  60  HOH HOH B . 
H 5 HOH 25 67  67  HOH HOH B . 
H 5 HOH 26 68  68  HOH HOH B . 
H 5 HOH 27 69  69  HOH HOH B . 
H 5 HOH 28 71  71  HOH HOH B . 
H 5 HOH 29 72  72  HOH HOH B . 
H 5 HOH 30 73  73  HOH HOH B . 
H 5 HOH 31 77  77  HOH HOH B . 
H 5 HOH 32 78  78  HOH HOH B . 
H 5 HOH 33 80  80  HOH HOH B . 
H 5 HOH 34 81  81  HOH HOH B . 
H 5 HOH 35 86  86  HOH HOH B . 
# 
loop_
_pdbx_struct_assembly.id 
_pdbx_struct_assembly.details 
_pdbx_struct_assembly.method_details 
_pdbx_struct_assembly.oligomeric_details 
_pdbx_struct_assembly.oligomeric_count 
1 author_and_software_defined_assembly PISA dimeric    2 
2 software_defined_assembly            PISA tetrameric 4 
3 software_defined_assembly            PISA tetrameric 4 
4 software_defined_assembly            PISA tetrameric 4 
# 
loop_
_pdbx_struct_assembly_gen.assembly_id 
_pdbx_struct_assembly_gen.oper_expression 
_pdbx_struct_assembly_gen.asym_id_list 
1 1   A,B,C,D,E,F,G,H 
2 1,2 A,B,C,D,E,F,G,H 
3 1,3 A,B,C,D,E,F,G,H 
4 1,4 A,B,C,D,E,F,G,H 
# 
loop_
_pdbx_struct_assembly_prop.biol_id 
_pdbx_struct_assembly_prop.type 
_pdbx_struct_assembly_prop.value 
_pdbx_struct_assembly_prop.details 
1 'ABSA (A^2)' 2340  ? 
1 MORE         -20   ? 
1 'SSA (A^2)'  8300  ? 
2 'ABSA (A^2)' 5840  ? 
2 MORE         -66   ? 
2 'SSA (A^2)'  15570 ? 
3 'ABSA (A^2)' 6540  ? 
3 MORE         -61   ? 
3 'SSA (A^2)'  14870 ? 
4 'ABSA (A^2)' 5740  ? 
4 MORE         -61   ? 
4 'SSA (A^2)'  15670 ? 
# 
loop_
_pdbx_struct_oper_list.id 
_pdbx_struct_oper_list.type 
_pdbx_struct_oper_list.name 
_pdbx_struct_oper_list.symmetry_operation 
_pdbx_struct_oper_list.matrix[1][1] 
_pdbx_struct_oper_list.matrix[1][2] 
_pdbx_struct_oper_list.matrix[1][3] 
_pdbx_struct_oper_list.vector[1] 
_pdbx_struct_oper_list.matrix[2][1] 
_pdbx_struct_oper_list.matrix[2][2] 
_pdbx_struct_oper_list.matrix[2][3] 
_pdbx_struct_oper_list.vector[2] 
_pdbx_struct_oper_list.matrix[3][1] 
_pdbx_struct_oper_list.matrix[3][2] 
_pdbx_struct_oper_list.matrix[3][3] 
_pdbx_struct_oper_list.vector[3] 
1 'identity operation'         1_555 x,y,z         1.0000000000  0.0000000000  0.0000000000  0.0000000000   0.0000000000  1.0000000000  0.0000000000  0.0000000000   0.0000000000  0.0000000000  1.0000000000  0.0000000000   
2 'crystal symmetry operation' 4_555 x,-y,-z       -0.9471555500 0.3062836608  -0.0953240957 -36.1650866985 0.3062836608  0.7752040351  -0.5524934597 4.1630782563   -0.0953240957 -0.5524934597 -0.8280484851 -6.6724080835  
3 'crystal symmetry operation' 3_656 -x+1,y,-z+3/2 0.0867726917  -0.4621748012 -0.8825332589 21.3200379978  -0.4621748012 -0.8034496556 0.3753173378  32.3280630987  -0.8825332589 0.3753173378  -0.2833230361 9.3240893339   
4 'crystal symmetry operation' 4_546 x,-y-1,-z+1   -0.9471555500 0.3062836608  -0.0953240957 46.8199622683  0.3062836608  0.7752040351  -0.5524934597 -17.0801054906 -0.0953240957 -0.5524934597 -0.8280484851 -28.9242930658 
# 
loop_
_pdbx_struct_special_symmetry.id 
_pdbx_struct_special_symmetry.PDB_model_num 
_pdbx_struct_special_symmetry.auth_asym_id 
_pdbx_struct_special_symmetry.auth_comp_id 
_pdbx_struct_special_symmetry.auth_seq_id 
_pdbx_struct_special_symmetry.PDB_ins_code 
_pdbx_struct_special_symmetry.label_asym_id 
_pdbx_struct_special_symmetry.label_comp_id 
_pdbx_struct_special_symmetry.label_seq_id 
1 1 A FE  402 ? C FE  . 
2 1 B FE  400 ? E FE  . 
3 1 B FE  401 ? F FE  . 
4 1 B HOH 7   ? H HOH . 
# 
loop_
_pdbx_audit_revision_history.ordinal 
_pdbx_audit_revision_history.data_content_type 
_pdbx_audit_revision_history.major_revision 
_pdbx_audit_revision_history.minor_revision 
_pdbx_audit_revision_history.revision_date 
1 'Structure model' 1 0 2000-12-04 
2 'Structure model' 1 1 2008-04-26 
3 'Structure model' 1 2 2011-07-13 
4 'Structure model' 1 3 2023-08-09 
# 
_pdbx_audit_revision_details.ordinal             1 
_pdbx_audit_revision_details.revision_ordinal    1 
_pdbx_audit_revision_details.data_content_type   'Structure model' 
_pdbx_audit_revision_details.provider            repository 
_pdbx_audit_revision_details.type                'Initial release' 
_pdbx_audit_revision_details.description         ? 
_pdbx_audit_revision_details.details             ? 
# 
loop_
_pdbx_audit_revision_group.ordinal 
_pdbx_audit_revision_group.revision_ordinal 
_pdbx_audit_revision_group.data_content_type 
_pdbx_audit_revision_group.group 
1 2 'Structure model' 'Version format compliance' 
2 3 'Structure model' 'Version format compliance' 
3 4 'Structure model' 'Data collection'           
4 4 'Structure model' 'Database references'       
5 4 'Structure model' 'Derived calculations'      
6 4 'Structure model' 'Refinement description'    
# 
loop_
_pdbx_audit_revision_category.ordinal 
_pdbx_audit_revision_category.revision_ordinal 
_pdbx_audit_revision_category.data_content_type 
_pdbx_audit_revision_category.category 
1 4 'Structure model' chem_comp_atom                
2 4 'Structure model' chem_comp_bond                
3 4 'Structure model' database_2                    
4 4 'Structure model' pdbx_initial_refinement_model 
5 4 'Structure model' struct_conn                   
6 4 'Structure model' struct_ref_seq_dif            
7 4 'Structure model' struct_site                   
# 
loop_
_pdbx_audit_revision_item.ordinal 
_pdbx_audit_revision_item.revision_ordinal 
_pdbx_audit_revision_item.data_content_type 
_pdbx_audit_revision_item.item 
1 4 'Structure model' '_database_2.pdbx_DOI'                
2 4 'Structure model' '_database_2.pdbx_database_accession' 
3 4 'Structure model' '_struct_conn.pdbx_leaving_atom_flag' 
4 4 'Structure model' '_struct_ref_seq_dif.details'         
5 4 'Structure model' '_struct_site.pdbx_auth_asym_id'      
6 4 'Structure model' '_struct_site.pdbx_auth_comp_id'      
7 4 'Structure model' '_struct_site.pdbx_auth_seq_id'       
# 
loop_
_software.name 
_software.classification 
_software.version 
_software.citation_id 
_software.pdbx_ordinal 
DENZO     'data reduction' .   ? 1 
SCALEPACK 'data scaling'   .   ? 2 
X-PLOR    'model building' .   ? 3 
CNS       refinement       0.4 ? 4 
X-PLOR    phasing          .   ? 5 
# 
loop_
_pdbx_validate_torsion.id 
_pdbx_validate_torsion.PDB_model_num 
_pdbx_validate_torsion.auth_comp_id 
_pdbx_validate_torsion.auth_asym_id 
_pdbx_validate_torsion.auth_seq_id 
_pdbx_validate_torsion.PDB_ins_code 
_pdbx_validate_torsion.label_alt_id 
_pdbx_validate_torsion.phi 
_pdbx_validate_torsion.psi 
1 1 LYS B 283 ? ? -76.36  42.41  
2 1 GLN B 284 ? ? -103.89 -75.74 
# 
loop_
_pdbx_unobs_or_zero_occ_atoms.id 
_pdbx_unobs_or_zero_occ_atoms.PDB_model_num 
_pdbx_unobs_or_zero_occ_atoms.polymer_flag 
_pdbx_unobs_or_zero_occ_atoms.occupancy_flag 
_pdbx_unobs_or_zero_occ_atoms.auth_asym_id 
_pdbx_unobs_or_zero_occ_atoms.auth_comp_id 
_pdbx_unobs_or_zero_occ_atoms.auth_seq_id 
_pdbx_unobs_or_zero_occ_atoms.PDB_ins_code 
_pdbx_unobs_or_zero_occ_atoms.auth_atom_id 
_pdbx_unobs_or_zero_occ_atoms.label_alt_id 
_pdbx_unobs_or_zero_occ_atoms.label_asym_id 
_pdbx_unobs_or_zero_occ_atoms.label_comp_id 
_pdbx_unobs_or_zero_occ_atoms.label_seq_id 
_pdbx_unobs_or_zero_occ_atoms.label_atom_id 
1  1 Y 1 A GLU 286 ? CG  ? A GLU 8  CG  
2  1 Y 1 A GLU 286 ? CD  ? A GLU 8  CD  
3  1 Y 1 A GLU 286 ? OE1 ? A GLU 8  OE1 
4  1 Y 1 A GLU 286 ? OE2 ? A GLU 8  OE2 
5  1 Y 1 A GLN 287 ? CG  ? A GLN 9  CG  
6  1 Y 1 A GLN 287 ? CD  ? A GLN 9  CD  
7  1 Y 1 A GLN 287 ? OE1 ? A GLN 9  OE1 
8  1 Y 1 A GLN 287 ? NE2 ? A GLN 9  NE2 
9  1 Y 1 A LYS 289 ? CG  ? A LYS 11 CG  
10 1 Y 1 A LYS 289 ? CD  ? A LYS 11 CD  
11 1 Y 1 A LYS 289 ? CE  ? A LYS 11 CE  
12 1 Y 1 A LYS 289 ? NZ  ? A LYS 11 NZ  
13 1 Y 1 B LYS 242 ? CG  ? B LYS 20 CG  
14 1 Y 1 B LYS 242 ? CD  ? B LYS 20 CD  
15 1 Y 1 B LYS 242 ? CE  ? B LYS 20 CE  
16 1 Y 1 B LYS 242 ? NZ  ? B LYS 20 NZ  
# 
loop_
_pdbx_unobs_or_zero_occ_residues.id 
_pdbx_unobs_or_zero_occ_residues.PDB_model_num 
_pdbx_unobs_or_zero_occ_residues.polymer_flag 
_pdbx_unobs_or_zero_occ_residues.occupancy_flag 
_pdbx_unobs_or_zero_occ_residues.auth_asym_id 
_pdbx_unobs_or_zero_occ_residues.auth_comp_id 
_pdbx_unobs_or_zero_occ_residues.auth_seq_id 
_pdbx_unobs_or_zero_occ_residues.PDB_ins_code 
_pdbx_unobs_or_zero_occ_residues.label_asym_id 
_pdbx_unobs_or_zero_occ_residues.label_comp_id 
_pdbx_unobs_or_zero_occ_residues.label_seq_id 
1  1 Y 1 A MET 279 ? A MET 1  
2  1 Y 1 A LYS 280 ? A LYS 2  
3  1 Y 1 A LYS 281 ? A LYS 3  
4  1 Y 1 A LEU 282 ? A LEU 4  
5  1 Y 1 A LYS 283 ? A LYS 5  
6  1 Y 1 A LYS 284 ? A LYS 6  
7  1 Y 1 A MET 285 ? A MET 7  
8  1 Y 1 B MET 223 ? B MET 1  
9  1 Y 1 B GLU 224 ? B GLU 2  
10 1 Y 1 B TYR 225 ? B TYR 3  
11 1 Y 1 B LYS 226 ? B LYS 4  
12 1 Y 1 B MET 227 ? B MET 5  
13 1 Y 1 B ARG 228 ? B ARG 6  
14 1 Y 1 B ARG 229 ? B ARG 7  
15 1 Y 1 B GLU 230 ? B GLU 8  
16 1 Y 1 B ARG 231 ? B ARG 9  
17 1 Y 1 B ASN 232 ? B ASN 10 
18 1 Y 1 B ASN 233 ? B ASN 11 
19 1 Y 1 B ILE 234 ? B ILE 12 
20 1 Y 1 B ALA 235 ? B ALA 13 
21 1 Y 1 B VAL 236 ? B VAL 14 
22 1 Y 1 B ARG 237 ? B ARG 15 
23 1 Y 1 B LYS 238 ? B LYS 16 
# 
loop_
_chem_comp_atom.comp_id 
_chem_comp_atom.atom_id 
_chem_comp_atom.type_symbol 
_chem_comp_atom.pdbx_aromatic_flag 
_chem_comp_atom.pdbx_stereo_config 
_chem_comp_atom.pdbx_ordinal 
ALA N    N  N N 1   
ALA CA   C  N S 2   
ALA C    C  N N 3   
ALA O    O  N N 4   
ALA CB   C  N N 5   
ALA OXT  O  N N 6   
ALA H    H  N N 7   
ALA H2   H  N N 8   
ALA HA   H  N N 9   
ALA HB1  H  N N 10  
ALA HB2  H  N N 11  
ALA HB3  H  N N 12  
ALA HXT  H  N N 13  
ARG N    N  N N 14  
ARG CA   C  N S 15  
ARG C    C  N N 16  
ARG O    O  N N 17  
ARG CB   C  N N 18  
ARG CG   C  N N 19  
ARG CD   C  N N 20  
ARG NE   N  N N 21  
ARG CZ   C  N N 22  
ARG NH1  N  N N 23  
ARG NH2  N  N N 24  
ARG OXT  O  N N 25  
ARG H    H  N N 26  
ARG H2   H  N N 27  
ARG HA   H  N N 28  
ARG HB2  H  N N 29  
ARG HB3  H  N N 30  
ARG HG2  H  N N 31  
ARG HG3  H  N N 32  
ARG HD2  H  N N 33  
ARG HD3  H  N N 34  
ARG HE   H  N N 35  
ARG HH11 H  N N 36  
ARG HH12 H  N N 37  
ARG HH21 H  N N 38  
ARG HH22 H  N N 39  
ARG HXT  H  N N 40  
ASN N    N  N N 41  
ASN CA   C  N S 42  
ASN C    C  N N 43  
ASN O    O  N N 44  
ASN CB   C  N N 45  
ASN CG   C  N N 46  
ASN OD1  O  N N 47  
ASN ND2  N  N N 48  
ASN OXT  O  N N 49  
ASN H    H  N N 50  
ASN H2   H  N N 51  
ASN HA   H  N N 52  
ASN HB2  H  N N 53  
ASN HB3  H  N N 54  
ASN HD21 H  N N 55  
ASN HD22 H  N N 56  
ASN HXT  H  N N 57  
ASP N    N  N N 58  
ASP CA   C  N S 59  
ASP C    C  N N 60  
ASP O    O  N N 61  
ASP CB   C  N N 62  
ASP CG   C  N N 63  
ASP OD1  O  N N 64  
ASP OD2  O  N N 65  
ASP OXT  O  N N 66  
ASP H    H  N N 67  
ASP H2   H  N N 68  
ASP HA   H  N N 69  
ASP HB2  H  N N 70  
ASP HB3  H  N N 71  
ASP HD2  H  N N 72  
ASP HXT  H  N N 73  
BME C1   C  N N 74  
BME C2   C  N N 75  
BME O1   O  N N 76  
BME S2   S  N N 77  
BME H11  H  N N 78  
BME H12  H  N N 79  
BME H21  H  N N 80  
BME H22  H  N N 81  
BME HO1  H  N N 82  
BME HS2  H  N N 83  
CYS N    N  N N 84  
CYS CA   C  N R 85  
CYS C    C  N N 86  
CYS O    O  N N 87  
CYS CB   C  N N 88  
CYS SG   S  N N 89  
CYS OXT  O  N N 90  
CYS H    H  N N 91  
CYS H2   H  N N 92  
CYS HA   H  N N 93  
CYS HB2  H  N N 94  
CYS HB3  H  N N 95  
CYS HG   H  N N 96  
CYS HXT  H  N N 97  
FE  FE   FE N N 98  
GLN N    N  N N 99  
GLN CA   C  N S 100 
GLN C    C  N N 101 
GLN O    O  N N 102 
GLN CB   C  N N 103 
GLN CG   C  N N 104 
GLN CD   C  N N 105 
GLN OE1  O  N N 106 
GLN NE2  N  N N 107 
GLN OXT  O  N N 108 
GLN H    H  N N 109 
GLN H2   H  N N 110 
GLN HA   H  N N 111 
GLN HB2  H  N N 112 
GLN HB3  H  N N 113 
GLN HG2  H  N N 114 
GLN HG3  H  N N 115 
GLN HE21 H  N N 116 
GLN HE22 H  N N 117 
GLN HXT  H  N N 118 
GLU N    N  N N 119 
GLU CA   C  N S 120 
GLU C    C  N N 121 
GLU O    O  N N 122 
GLU CB   C  N N 123 
GLU CG   C  N N 124 
GLU CD   C  N N 125 
GLU OE1  O  N N 126 
GLU OE2  O  N N 127 
GLU OXT  O  N N 128 
GLU H    H  N N 129 
GLU H2   H  N N 130 
GLU HA   H  N N 131 
GLU HB2  H  N N 132 
GLU HB3  H  N N 133 
GLU HG2  H  N N 134 
GLU HG3  H  N N 135 
GLU HE2  H  N N 136 
GLU HXT  H  N N 137 
GLY N    N  N N 138 
GLY CA   C  N N 139 
GLY C    C  N N 140 
GLY O    O  N N 141 
GLY OXT  O  N N 142 
GLY H    H  N N 143 
GLY H2   H  N N 144 
GLY HA2  H  N N 145 
GLY HA3  H  N N 146 
GLY HXT  H  N N 147 
HIS N    N  N N 148 
HIS CA   C  N S 149 
HIS C    C  N N 150 
HIS O    O  N N 151 
HIS CB   C  N N 152 
HIS CG   C  Y N 153 
HIS ND1  N  Y N 154 
HIS CD2  C  Y N 155 
HIS CE1  C  Y N 156 
HIS NE2  N  Y N 157 
HIS OXT  O  N N 158 
HIS H    H  N N 159 
HIS H2   H  N N 160 
HIS HA   H  N N 161 
HIS HB2  H  N N 162 
HIS HB3  H  N N 163 
HIS HD1  H  N N 164 
HIS HD2  H  N N 165 
HIS HE1  H  N N 166 
HIS HE2  H  N N 167 
HIS HXT  H  N N 168 
HOH O    O  N N 169 
HOH H1   H  N N 170 
HOH H2   H  N N 171 
ILE N    N  N N 172 
ILE CA   C  N S 173 
ILE C    C  N N 174 
ILE O    O  N N 175 
ILE CB   C  N S 176 
ILE CG1  C  N N 177 
ILE CG2  C  N N 178 
ILE CD1  C  N N 179 
ILE OXT  O  N N 180 
ILE H    H  N N 181 
ILE H2   H  N N 182 
ILE HA   H  N N 183 
ILE HB   H  N N 184 
ILE HG12 H  N N 185 
ILE HG13 H  N N 186 
ILE HG21 H  N N 187 
ILE HG22 H  N N 188 
ILE HG23 H  N N 189 
ILE HD11 H  N N 190 
ILE HD12 H  N N 191 
ILE HD13 H  N N 192 
ILE HXT  H  N N 193 
LEU N    N  N N 194 
LEU CA   C  N S 195 
LEU C    C  N N 196 
LEU O    O  N N 197 
LEU CB   C  N N 198 
LEU CG   C  N N 199 
LEU CD1  C  N N 200 
LEU CD2  C  N N 201 
LEU OXT  O  N N 202 
LEU H    H  N N 203 
LEU H2   H  N N 204 
LEU HA   H  N N 205 
LEU HB2  H  N N 206 
LEU HB3  H  N N 207 
LEU HG   H  N N 208 
LEU HD11 H  N N 209 
LEU HD12 H  N N 210 
LEU HD13 H  N N 211 
LEU HD21 H  N N 212 
LEU HD22 H  N N 213 
LEU HD23 H  N N 214 
LEU HXT  H  N N 215 
LYS N    N  N N 216 
LYS CA   C  N S 217 
LYS C    C  N N 218 
LYS O    O  N N 219 
LYS CB   C  N N 220 
LYS CG   C  N N 221 
LYS CD   C  N N 222 
LYS CE   C  N N 223 
LYS NZ   N  N N 224 
LYS OXT  O  N N 225 
LYS H    H  N N 226 
LYS H2   H  N N 227 
LYS HA   H  N N 228 
LYS HB2  H  N N 229 
LYS HB3  H  N N 230 
LYS HG2  H  N N 231 
LYS HG3  H  N N 232 
LYS HD2  H  N N 233 
LYS HD3  H  N N 234 
LYS HE2  H  N N 235 
LYS HE3  H  N N 236 
LYS HZ1  H  N N 237 
LYS HZ2  H  N N 238 
LYS HZ3  H  N N 239 
LYS HXT  H  N N 240 
MET N    N  N N 241 
MET CA   C  N S 242 
MET C    C  N N 243 
MET O    O  N N 244 
MET CB   C  N N 245 
MET CG   C  N N 246 
MET SD   S  N N 247 
MET CE   C  N N 248 
MET OXT  O  N N 249 
MET H    H  N N 250 
MET H2   H  N N 251 
MET HA   H  N N 252 
MET HB2  H  N N 253 
MET HB3  H  N N 254 
MET HG2  H  N N 255 
MET HG3  H  N N 256 
MET HE1  H  N N 257 
MET HE2  H  N N 258 
MET HE3  H  N N 259 
MET HXT  H  N N 260 
PHE N    N  N N 261 
PHE CA   C  N S 262 
PHE C    C  N N 263 
PHE O    O  N N 264 
PHE CB   C  N N 265 
PHE CG   C  Y N 266 
PHE CD1  C  Y N 267 
PHE CD2  C  Y N 268 
PHE CE1  C  Y N 269 
PHE CE2  C  Y N 270 
PHE CZ   C  Y N 271 
PHE OXT  O  N N 272 
PHE H    H  N N 273 
PHE H2   H  N N 274 
PHE HA   H  N N 275 
PHE HB2  H  N N 276 
PHE HB3  H  N N 277 
PHE HD1  H  N N 278 
PHE HD2  H  N N 279 
PHE HE1  H  N N 280 
PHE HE2  H  N N 281 
PHE HZ   H  N N 282 
PHE HXT  H  N N 283 
SER N    N  N N 284 
SER CA   C  N S 285 
SER C    C  N N 286 
SER O    O  N N 287 
SER CB   C  N N 288 
SER OG   O  N N 289 
SER OXT  O  N N 290 
SER H    H  N N 291 
SER H2   H  N N 292 
SER HA   H  N N 293 
SER HB2  H  N N 294 
SER HB3  H  N N 295 
SER HG   H  N N 296 
SER HXT  H  N N 297 
THR N    N  N N 298 
THR CA   C  N S 299 
THR C    C  N N 300 
THR O    O  N N 301 
THR CB   C  N R 302 
THR OG1  O  N N 303 
THR CG2  C  N N 304 
THR OXT  O  N N 305 
THR H    H  N N 306 
THR H2   H  N N 307 
THR HA   H  N N 308 
THR HB   H  N N 309 
THR HG1  H  N N 310 
THR HG21 H  N N 311 
THR HG22 H  N N 312 
THR HG23 H  N N 313 
THR HXT  H  N N 314 
TYR N    N  N N 315 
TYR CA   C  N S 316 
TYR C    C  N N 317 
TYR O    O  N N 318 
TYR CB   C  N N 319 
TYR CG   C  Y N 320 
TYR CD1  C  Y N 321 
TYR CD2  C  Y N 322 
TYR CE1  C  Y N 323 
TYR CE2  C  Y N 324 
TYR CZ   C  Y N 325 
TYR OH   O  N N 326 
TYR OXT  O  N N 327 
TYR H    H  N N 328 
TYR H2   H  N N 329 
TYR HA   H  N N 330 
TYR HB2  H  N N 331 
TYR HB3  H  N N 332 
TYR HD1  H  N N 333 
TYR HD2  H  N N 334 
TYR HE1  H  N N 335 
TYR HE2  H  N N 336 
TYR HH   H  N N 337 
TYR HXT  H  N N 338 
VAL N    N  N N 339 
VAL CA   C  N S 340 
VAL C    C  N N 341 
VAL O    O  N N 342 
VAL CB   C  N N 343 
VAL CG1  C  N N 344 
VAL CG2  C  N N 345 
VAL OXT  O  N N 346 
VAL H    H  N N 347 
VAL H2   H  N N 348 
VAL HA   H  N N 349 
VAL HB   H  N N 350 
VAL HG11 H  N N 351 
VAL HG12 H  N N 352 
VAL HG13 H  N N 353 
VAL HG21 H  N N 354 
VAL HG22 H  N N 355 
VAL HG23 H  N N 356 
VAL HXT  H  N N 357 
# 
loop_
_chem_comp_bond.comp_id 
_chem_comp_bond.atom_id_1 
_chem_comp_bond.atom_id_2 
_chem_comp_bond.value_order 
_chem_comp_bond.pdbx_aromatic_flag 
_chem_comp_bond.pdbx_stereo_config 
_chem_comp_bond.pdbx_ordinal 
ALA N   CA   sing N N 1   
ALA N   H    sing N N 2   
ALA N   H2   sing N N 3   
ALA CA  C    sing N N 4   
ALA CA  CB   sing N N 5   
ALA CA  HA   sing N N 6   
ALA C   O    doub N N 7   
ALA C   OXT  sing N N 8   
ALA CB  HB1  sing N N 9   
ALA CB  HB2  sing N N 10  
ALA CB  HB3  sing N N 11  
ALA OXT HXT  sing N N 12  
ARG N   CA   sing N N 13  
ARG N   H    sing N N 14  
ARG N   H2   sing N N 15  
ARG CA  C    sing N N 16  
ARG CA  CB   sing N N 17  
ARG CA  HA   sing N N 18  
ARG C   O    doub N N 19  
ARG C   OXT  sing N N 20  
ARG CB  CG   sing N N 21  
ARG CB  HB2  sing N N 22  
ARG CB  HB3  sing N N 23  
ARG CG  CD   sing N N 24  
ARG CG  HG2  sing N N 25  
ARG CG  HG3  sing N N 26  
ARG CD  NE   sing N N 27  
ARG CD  HD2  sing N N 28  
ARG CD  HD3  sing N N 29  
ARG NE  CZ   sing N N 30  
ARG NE  HE   sing N N 31  
ARG CZ  NH1  sing N N 32  
ARG CZ  NH2  doub N N 33  
ARG NH1 HH11 sing N N 34  
ARG NH1 HH12 sing N N 35  
ARG NH2 HH21 sing N N 36  
ARG NH2 HH22 sing N N 37  
ARG OXT HXT  sing N N 38  
ASN N   CA   sing N N 39  
ASN N   H    sing N N 40  
ASN N   H2   sing N N 41  
ASN CA  C    sing N N 42  
ASN CA  CB   sing N N 43  
ASN CA  HA   sing N N 44  
ASN C   O    doub N N 45  
ASN C   OXT  sing N N 46  
ASN CB  CG   sing N N 47  
ASN CB  HB2  sing N N 48  
ASN CB  HB3  sing N N 49  
ASN CG  OD1  doub N N 50  
ASN CG  ND2  sing N N 51  
ASN ND2 HD21 sing N N 52  
ASN ND2 HD22 sing N N 53  
ASN OXT HXT  sing N N 54  
ASP N   CA   sing N N 55  
ASP N   H    sing N N 56  
ASP N   H2   sing N N 57  
ASP CA  C    sing N N 58  
ASP CA  CB   sing N N 59  
ASP CA  HA   sing N N 60  
ASP C   O    doub N N 61  
ASP C   OXT  sing N N 62  
ASP CB  CG   sing N N 63  
ASP CB  HB2  sing N N 64  
ASP CB  HB3  sing N N 65  
ASP CG  OD1  doub N N 66  
ASP CG  OD2  sing N N 67  
ASP OD2 HD2  sing N N 68  
ASP OXT HXT  sing N N 69  
BME C1  C2   sing N N 70  
BME C1  O1   sing N N 71  
BME C1  H11  sing N N 72  
BME C1  H12  sing N N 73  
BME C2  S2   sing N N 74  
BME C2  H21  sing N N 75  
BME C2  H22  sing N N 76  
BME O1  HO1  sing N N 77  
BME S2  HS2  sing N N 78  
CYS N   CA   sing N N 79  
CYS N   H    sing N N 80  
CYS N   H2   sing N N 81  
CYS CA  C    sing N N 82  
CYS CA  CB   sing N N 83  
CYS CA  HA   sing N N 84  
CYS C   O    doub N N 85  
CYS C   OXT  sing N N 86  
CYS CB  SG   sing N N 87  
CYS CB  HB2  sing N N 88  
CYS CB  HB3  sing N N 89  
CYS SG  HG   sing N N 90  
CYS OXT HXT  sing N N 91  
GLN N   CA   sing N N 92  
GLN N   H    sing N N 93  
GLN N   H2   sing N N 94  
GLN CA  C    sing N N 95  
GLN CA  CB   sing N N 96  
GLN CA  HA   sing N N 97  
GLN C   O    doub N N 98  
GLN C   OXT  sing N N 99  
GLN CB  CG   sing N N 100 
GLN CB  HB2  sing N N 101 
GLN CB  HB3  sing N N 102 
GLN CG  CD   sing N N 103 
GLN CG  HG2  sing N N 104 
GLN CG  HG3  sing N N 105 
GLN CD  OE1  doub N N 106 
GLN CD  NE2  sing N N 107 
GLN NE2 HE21 sing N N 108 
GLN NE2 HE22 sing N N 109 
GLN OXT HXT  sing N N 110 
GLU N   CA   sing N N 111 
GLU N   H    sing N N 112 
GLU N   H2   sing N N 113 
GLU CA  C    sing N N 114 
GLU CA  CB   sing N N 115 
GLU CA  HA   sing N N 116 
GLU C   O    doub N N 117 
GLU C   OXT  sing N N 118 
GLU CB  CG   sing N N 119 
GLU CB  HB2  sing N N 120 
GLU CB  HB3  sing N N 121 
GLU CG  CD   sing N N 122 
GLU CG  HG2  sing N N 123 
GLU CG  HG3  sing N N 124 
GLU CD  OE1  doub N N 125 
GLU CD  OE2  sing N N 126 
GLU OE2 HE2  sing N N 127 
GLU OXT HXT  sing N N 128 
GLY N   CA   sing N N 129 
GLY N   H    sing N N 130 
GLY N   H2   sing N N 131 
GLY CA  C    sing N N 132 
GLY CA  HA2  sing N N 133 
GLY CA  HA3  sing N N 134 
GLY C   O    doub N N 135 
GLY C   OXT  sing N N 136 
GLY OXT HXT  sing N N 137 
HIS N   CA   sing N N 138 
HIS N   H    sing N N 139 
HIS N   H2   sing N N 140 
HIS CA  C    sing N N 141 
HIS CA  CB   sing N N 142 
HIS CA  HA   sing N N 143 
HIS C   O    doub N N 144 
HIS C   OXT  sing N N 145 
HIS CB  CG   sing N N 146 
HIS CB  HB2  sing N N 147 
HIS CB  HB3  sing N N 148 
HIS CG  ND1  sing Y N 149 
HIS CG  CD2  doub Y N 150 
HIS ND1 CE1  doub Y N 151 
HIS ND1 HD1  sing N N 152 
HIS CD2 NE2  sing Y N 153 
HIS CD2 HD2  sing N N 154 
HIS CE1 NE2  sing Y N 155 
HIS CE1 HE1  sing N N 156 
HIS NE2 HE2  sing N N 157 
HIS OXT HXT  sing N N 158 
HOH O   H1   sing N N 159 
HOH O   H2   sing N N 160 
ILE N   CA   sing N N 161 
ILE N   H    sing N N 162 
ILE N   H2   sing N N 163 
ILE CA  C    sing N N 164 
ILE CA  CB   sing N N 165 
ILE CA  HA   sing N N 166 
ILE C   O    doub N N 167 
ILE C   OXT  sing N N 168 
ILE CB  CG1  sing N N 169 
ILE CB  CG2  sing N N 170 
ILE CB  HB   sing N N 171 
ILE CG1 CD1  sing N N 172 
ILE CG1 HG12 sing N N 173 
ILE CG1 HG13 sing N N 174 
ILE CG2 HG21 sing N N 175 
ILE CG2 HG22 sing N N 176 
ILE CG2 HG23 sing N N 177 
ILE CD1 HD11 sing N N 178 
ILE CD1 HD12 sing N N 179 
ILE CD1 HD13 sing N N 180 
ILE OXT HXT  sing N N 181 
LEU N   CA   sing N N 182 
LEU N   H    sing N N 183 
LEU N   H2   sing N N 184 
LEU CA  C    sing N N 185 
LEU CA  CB   sing N N 186 
LEU CA  HA   sing N N 187 
LEU C   O    doub N N 188 
LEU C   OXT  sing N N 189 
LEU CB  CG   sing N N 190 
LEU CB  HB2  sing N N 191 
LEU CB  HB3  sing N N 192 
LEU CG  CD1  sing N N 193 
LEU CG  CD2  sing N N 194 
LEU CG  HG   sing N N 195 
LEU CD1 HD11 sing N N 196 
LEU CD1 HD12 sing N N 197 
LEU CD1 HD13 sing N N 198 
LEU CD2 HD21 sing N N 199 
LEU CD2 HD22 sing N N 200 
LEU CD2 HD23 sing N N 201 
LEU OXT HXT  sing N N 202 
LYS N   CA   sing N N 203 
LYS N   H    sing N N 204 
LYS N   H2   sing N N 205 
LYS CA  C    sing N N 206 
LYS CA  CB   sing N N 207 
LYS CA  HA   sing N N 208 
LYS C   O    doub N N 209 
LYS C   OXT  sing N N 210 
LYS CB  CG   sing N N 211 
LYS CB  HB2  sing N N 212 
LYS CB  HB3  sing N N 213 
LYS CG  CD   sing N N 214 
LYS CG  HG2  sing N N 215 
LYS CG  HG3  sing N N 216 
LYS CD  CE   sing N N 217 
LYS CD  HD2  sing N N 218 
LYS CD  HD3  sing N N 219 
LYS CE  NZ   sing N N 220 
LYS CE  HE2  sing N N 221 
LYS CE  HE3  sing N N 222 
LYS NZ  HZ1  sing N N 223 
LYS NZ  HZ2  sing N N 224 
LYS NZ  HZ3  sing N N 225 
LYS OXT HXT  sing N N 226 
MET N   CA   sing N N 227 
MET N   H    sing N N 228 
MET N   H2   sing N N 229 
MET CA  C    sing N N 230 
MET CA  CB   sing N N 231 
MET CA  HA   sing N N 232 
MET C   O    doub N N 233 
MET C   OXT  sing N N 234 
MET CB  CG   sing N N 235 
MET CB  HB2  sing N N 236 
MET CB  HB3  sing N N 237 
MET CG  SD   sing N N 238 
MET CG  HG2  sing N N 239 
MET CG  HG3  sing N N 240 
MET SD  CE   sing N N 241 
MET CE  HE1  sing N N 242 
MET CE  HE2  sing N N 243 
MET CE  HE3  sing N N 244 
MET OXT HXT  sing N N 245 
PHE N   CA   sing N N 246 
PHE N   H    sing N N 247 
PHE N   H2   sing N N 248 
PHE CA  C    sing N N 249 
PHE CA  CB   sing N N 250 
PHE CA  HA   sing N N 251 
PHE C   O    doub N N 252 
PHE C   OXT  sing N N 253 
PHE CB  CG   sing N N 254 
PHE CB  HB2  sing N N 255 
PHE CB  HB3  sing N N 256 
PHE CG  CD1  doub Y N 257 
PHE CG  CD2  sing Y N 258 
PHE CD1 CE1  sing Y N 259 
PHE CD1 HD1  sing N N 260 
PHE CD2 CE2  doub Y N 261 
PHE CD2 HD2  sing N N 262 
PHE CE1 CZ   doub Y N 263 
PHE CE1 HE1  sing N N 264 
PHE CE2 CZ   sing Y N 265 
PHE CE2 HE2  sing N N 266 
PHE CZ  HZ   sing N N 267 
PHE OXT HXT  sing N N 268 
SER N   CA   sing N N 269 
SER N   H    sing N N 270 
SER N   H2   sing N N 271 
SER CA  C    sing N N 272 
SER CA  CB   sing N N 273 
SER CA  HA   sing N N 274 
SER C   O    doub N N 275 
SER C   OXT  sing N N 276 
SER CB  OG   sing N N 277 
SER CB  HB2  sing N N 278 
SER CB  HB3  sing N N 279 
SER OG  HG   sing N N 280 
SER OXT HXT  sing N N 281 
THR N   CA   sing N N 282 
THR N   H    sing N N 283 
THR N   H2   sing N N 284 
THR CA  C    sing N N 285 
THR CA  CB   sing N N 286 
THR CA  HA   sing N N 287 
THR C   O    doub N N 288 
THR C   OXT  sing N N 289 
THR CB  OG1  sing N N 290 
THR CB  CG2  sing N N 291 
THR CB  HB   sing N N 292 
THR OG1 HG1  sing N N 293 
THR CG2 HG21 sing N N 294 
THR CG2 HG22 sing N N 295 
THR CG2 HG23 sing N N 296 
THR OXT HXT  sing N N 297 
TYR N   CA   sing N N 298 
TYR N   H    sing N N 299 
TYR N   H2   sing N N 300 
TYR CA  C    sing N N 301 
TYR CA  CB   sing N N 302 
TYR CA  HA   sing N N 303 
TYR C   O    doub N N 304 
TYR C   OXT  sing N N 305 
TYR CB  CG   sing N N 306 
TYR CB  HB2  sing N N 307 
TYR CB  HB3  sing N N 308 
TYR CG  CD1  doub Y N 309 
TYR CG  CD2  sing Y N 310 
TYR CD1 CE1  sing Y N 311 
TYR CD1 HD1  sing N N 312 
TYR CD2 CE2  doub Y N 313 
TYR CD2 HD2  sing N N 314 
TYR CE1 CZ   doub Y N 315 
TYR CE1 HE1  sing N N 316 
TYR CE2 CZ   sing Y N 317 
TYR CE2 HE2  sing N N 318 
TYR CZ  OH   sing N N 319 
TYR OH  HH   sing N N 320 
TYR OXT HXT  sing N N 321 
VAL N   CA   sing N N 322 
VAL N   H    sing N N 323 
VAL N   H2   sing N N 324 
VAL CA  C    sing N N 325 
VAL CA  CB   sing N N 326 
VAL CA  HA   sing N N 327 
VAL C   O    doub N N 328 
VAL C   OXT  sing N N 329 
VAL CB  CG1  sing N N 330 
VAL CB  CG2  sing N N 331 
VAL CB  HB   sing N N 332 
VAL CG1 HG11 sing N N 333 
VAL CG1 HG12 sing N N 334 
VAL CG1 HG13 sing N N 335 
VAL CG2 HG21 sing N N 336 
VAL CG2 HG22 sing N N 337 
VAL CG2 HG23 sing N N 338 
VAL OXT HXT  sing N N 339 
# 
loop_
_pdbx_entity_nonpoly.entity_id 
_pdbx_entity_nonpoly.name 
_pdbx_entity_nonpoly.comp_id 
3 'FE (III) ION'       FE  
4 BETA-MERCAPTOETHANOL BME 
5 water                HOH 
# 
_pdbx_initial_refinement_model.id               1 
_pdbx_initial_refinement_model.entity_id_list   ? 
_pdbx_initial_refinement_model.type             'experimental model' 
_pdbx_initial_refinement_model.source_name      PDB 
_pdbx_initial_refinement_model.accession_code   1FOS 
_pdbx_initial_refinement_model.details          'PDB ENTRY 1FOS' 
# 
